data_5H9T
#
_entry.id   5H9T
#
_cell.length_a   61.676
_cell.length_b   127.602
_cell.length_c   265.420
_cell.angle_alpha   90.00
_cell.angle_beta   90.00
_cell.angle_gamma   90.00
#
_symmetry.space_group_name_H-M   'P 21 21 21'
#
loop_
_entity.id
_entity.type
_entity.pdbx_description
1 polymer NalD
2 water water
#
_entity_poly.entity_id   1
_entity_poly.type   'polypeptide(L)'
_entity_poly.pdbx_seq_one_letter_code
;MRRTKEDSEKTRTAILLAAEELFLEKGVSHTSLEQIARAAGVTRGAVYWHFQNKAHLFNEMLNQVRLPPEQLTERLSGCD
GSDPLRSLYDLCLEAVQSLLTQEKKRRILTILMQRCEFTEELREAQERNNAFVQMFIELCEQLFARDECRVRLHPGMTPR
IASRALHALILGLFNDWLRDPRLFDPDTDAEHLLEPMFRGLVRDWGQASSAP
;
_entity_poly.pdbx_strand_id   A,B,C,D,E,F,G,H
#
# COMPACT_ATOMS: atom_id res chain seq x y z
N LYS A 5 7.29 20.85 -0.99
CA LYS A 5 6.99 19.49 -0.44
C LYS A 5 6.66 18.49 -1.55
N GLU A 6 7.69 18.00 -2.24
CA GLU A 6 7.55 16.91 -3.22
C GLU A 6 7.30 15.60 -2.49
N ASP A 7 8.11 15.35 -1.46
CA ASP A 7 7.91 14.21 -0.54
C ASP A 7 6.47 14.12 -0.07
N SER A 8 5.81 15.27 0.08
CA SER A 8 4.43 15.32 0.53
C SER A 8 3.41 14.91 -0.51
N GLU A 9 3.57 15.37 -1.75
CA GLU A 9 2.68 14.98 -2.86
C GLU A 9 2.79 13.48 -3.19
N LYS A 10 3.97 12.89 -2.98
CA LYS A 10 4.18 11.47 -3.24
C LYS A 10 3.33 10.61 -2.30
N THR A 11 3.25 11.00 -1.04
CA THR A 11 2.42 10.27 -0.09
C THR A 11 0.92 10.51 -0.32
N ARG A 12 0.55 11.72 -0.76
CA ARG A 12 -0.84 11.99 -1.17
C ARG A 12 -1.32 11.03 -2.28
N THR A 13 -0.54 10.93 -3.36
CA THR A 13 -0.96 10.09 -4.51
C THR A 13 -0.97 8.60 -4.12
N ALA A 14 -0.04 8.19 -3.25
CA ALA A 14 0.02 6.81 -2.81
C ALA A 14 -1.24 6.41 -2.05
N ILE A 15 -1.78 7.36 -1.30
CA ILE A 15 -2.98 7.14 -0.51
C ILE A 15 -4.22 7.06 -1.41
N LEU A 16 -4.36 8.04 -2.30
CA LEU A 16 -5.48 8.07 -3.26
C LEU A 16 -5.53 6.84 -4.15
N LEU A 17 -4.35 6.35 -4.52
CA LEU A 17 -4.25 5.17 -5.34
C LEU A 17 -4.72 3.95 -4.56
N ALA A 18 -4.28 3.83 -3.31
CA ALA A 18 -4.68 2.72 -2.43
C ALA A 18 -6.17 2.76 -2.19
N ALA A 19 -6.68 3.94 -1.88
CA ALA A 19 -8.10 4.12 -1.60
C ALA A 19 -8.97 3.77 -2.81
N GLU A 20 -8.52 4.22 -3.99
CA GLU A 20 -9.16 3.89 -5.26
C GLU A 20 -9.30 2.38 -5.42
N GLU A 21 -8.21 1.66 -5.21
CA GLU A 21 -8.23 0.20 -5.29
C GLU A 21 -9.21 -0.41 -4.29
N LEU A 22 -9.13 -0.02 -3.04
CA LEU A 22 -10.01 -0.55 -2.02
C LEU A 22 -11.46 -0.20 -2.11
N PHE A 23 -11.77 1.05 -2.39
CA PHE A 23 -13.14 1.48 -2.61
C PHE A 23 -13.77 0.63 -3.67
N LEU A 24 -13.04 0.48 -4.77
CA LEU A 24 -13.46 -0.31 -5.90
C LEU A 24 -13.71 -1.76 -5.50
N GLU A 25 -12.72 -2.36 -4.85
CA GLU A 25 -12.76 -3.78 -4.53
C GLU A 25 -13.83 -4.12 -3.51
N LYS A 26 -14.14 -3.20 -2.60
CA LYS A 26 -15.00 -3.57 -1.48
C LYS A 26 -16.00 -2.51 -0.99
N GLY A 27 -16.06 -1.38 -1.68
CA GLY A 27 -17.04 -0.34 -1.36
C GLY A 27 -16.47 0.65 -0.39
N VAL A 28 -17.00 1.87 -0.43
CA VAL A 28 -16.52 2.97 0.40
C VAL A 28 -16.89 2.79 1.89
N SER A 29 -18.05 2.25 2.18
CA SER A 29 -18.45 2.24 3.55
C SER A 29 -17.75 1.15 4.30
N HIS A 30 -17.40 0.09 3.61
CA HIS A 30 -16.65 -1.00 4.24
C HIS A 30 -15.15 -0.75 4.24
N THR A 31 -14.74 0.38 3.64
CA THR A 31 -13.34 0.82 3.65
C THR A 31 -13.15 1.95 4.67
N SER A 32 -12.12 1.79 5.49
CA SER A 32 -11.80 2.75 6.54
C SER A 32 -10.48 3.42 6.23
N LEU A 33 -10.24 4.57 6.86
CA LEU A 33 -8.99 5.28 6.65
C LEU A 33 -7.80 4.46 7.17
N GLU A 34 -8.09 3.52 8.03
CA GLU A 34 -7.11 2.65 8.64
C GLU A 34 -6.65 1.56 7.71
N GLN A 35 -7.57 1.00 6.97
CA GLN A 35 -7.29 0.06 5.89
C GLN A 35 -6.61 0.71 4.68
N ILE A 36 -6.96 1.96 4.42
CA ILE A 36 -6.33 2.74 3.34
C ILE A 36 -4.88 3.02 3.70
N ALA A 37 -4.68 3.46 4.94
CA ALA A 37 -3.35 3.73 5.45
C ALA A 37 -2.47 2.49 5.30
N ARG A 38 -2.98 1.37 5.75
CA ARG A 38 -2.26 0.13 5.74
C ARG A 38 -1.90 -0.32 4.36
N ALA A 39 -2.83 -0.22 3.43
CA ALA A 39 -2.60 -0.56 2.02
C ALA A 39 -1.66 0.42 1.32
N ALA A 40 -1.65 1.67 1.77
CA ALA A 40 -0.77 2.68 1.19
C ALA A 40 0.65 2.67 1.77
N GLY A 41 0.85 1.87 2.82
CA GLY A 41 2.17 1.75 3.45
C GLY A 41 2.52 3.02 4.20
N VAL A 42 1.57 3.46 5.03
CA VAL A 42 1.57 4.78 5.62
C VAL A 42 0.81 4.73 6.96
N THR A 43 1.02 5.71 7.83
CA THR A 43 0.39 5.74 9.16
C THR A 43 -1.03 6.30 9.07
N ARG A 44 -1.92 5.79 9.91
CA ARG A 44 -3.28 6.33 10.01
C ARG A 44 -3.30 7.85 10.17
N GLY A 45 -2.34 8.37 10.93
CA GLY A 45 -2.25 9.81 11.15
C GLY A 45 -1.96 10.57 9.88
N ALA A 46 -1.15 9.99 9.01
CA ALA A 46 -0.78 10.66 7.75
C ALA A 46 -2.01 10.86 6.87
N VAL A 47 -2.84 9.84 6.79
CA VAL A 47 -4.08 9.90 6.01
C VAL A 47 -4.96 11.01 6.54
N TYR A 48 -5.20 10.99 7.84
CA TYR A 48 -6.01 12.04 8.48
C TYR A 48 -5.41 13.42 8.26
N TRP A 49 -4.09 13.48 8.34
CA TRP A 49 -3.32 14.67 8.19
C TRP A 49 -3.49 15.30 6.83
N HIS A 50 -3.33 14.48 5.80
CA HIS A 50 -3.56 14.84 4.44
C HIS A 50 -4.98 15.06 3.99
N PHE A 51 -5.89 14.21 4.41
CA PHE A 51 -7.23 14.24 3.87
C PHE A 51 -8.37 14.55 4.80
N GLN A 52 -8.07 14.65 6.07
CA GLN A 52 -9.03 15.13 7.03
C GLN A 52 -10.14 14.17 7.35
N ASN A 53 -10.83 13.69 6.35
CA ASN A 53 -11.93 12.79 6.57
C ASN A 53 -12.21 12.01 5.34
N LYS A 54 -13.00 10.98 5.45
CA LYS A 54 -13.22 10.12 4.33
C LYS A 54 -13.88 10.84 3.18
N ALA A 55 -14.88 11.63 3.49
CA ALA A 55 -15.64 12.37 2.48
C ALA A 55 -14.76 13.27 1.67
N HIS A 56 -13.90 13.98 2.37
CA HIS A 56 -12.96 14.85 1.72
C HIS A 56 -11.94 14.08 0.89
N LEU A 57 -11.55 12.89 1.39
CA LEU A 57 -10.62 12.04 0.65
C LEU A 57 -11.25 11.64 -0.68
N PHE A 58 -12.51 11.21 -0.60
CA PHE A 58 -13.27 10.80 -1.77
C PHE A 58 -13.42 11.97 -2.75
N ASN A 59 -13.71 13.14 -2.25
CA ASN A 59 -13.72 14.29 -3.10
C ASN A 59 -12.47 14.35 -3.86
N GLU A 60 -11.41 14.59 -3.14
CA GLU A 60 -10.13 14.82 -3.77
C GLU A 60 -9.89 13.79 -4.87
N MET A 61 -10.34 12.56 -4.62
CA MET A 61 -10.23 11.48 -5.60
C MET A 61 -11.04 11.79 -6.87
N LEU A 62 -12.29 12.22 -6.71
CA LEU A 62 -13.12 12.61 -7.84
C LEU A 62 -12.52 13.77 -8.65
N ASN A 63 -11.92 14.72 -7.97
CA ASN A 63 -11.31 15.86 -8.65
C ASN A 63 -10.25 15.47 -9.63
N GLN A 64 -9.57 14.35 -9.38
CA GLN A 64 -8.58 13.81 -10.31
C GLN A 64 -9.16 13.60 -11.71
N VAL A 65 -10.49 13.47 -11.75
CA VAL A 65 -11.22 13.20 -13.00
C VAL A 65 -12.46 14.03 -13.32
N ARG A 66 -12.59 15.18 -12.71
CA ARG A 66 -13.59 16.19 -13.10
C ARG A 66 -12.96 17.32 -13.92
N LEU A 67 -13.68 17.81 -14.94
CA LEU A 67 -13.25 18.95 -15.75
C LEU A 67 -13.40 20.23 -14.95
N PRO A 68 -12.41 21.14 -15.04
CA PRO A 68 -12.53 22.41 -14.32
C PRO A 68 -13.54 23.38 -14.97
N PRO A 69 -14.26 24.18 -14.16
CA PRO A 69 -15.31 25.08 -14.67
C PRO A 69 -14.89 25.93 -15.88
N GLU A 70 -13.68 26.47 -15.84
CA GLU A 70 -13.15 27.35 -16.89
C GLU A 70 -13.04 26.63 -18.22
N GLN A 71 -12.67 25.35 -18.17
CA GLN A 71 -12.45 24.56 -19.39
C GLN A 71 -13.76 24.20 -20.09
N LEU A 72 -14.78 23.87 -19.28
CA LEU A 72 -16.13 23.62 -19.79
C LEU A 72 -16.67 24.82 -20.60
N THR A 73 -16.72 25.98 -19.93
CA THR A 73 -17.21 27.23 -20.51
C THR A 73 -16.46 27.66 -21.78
N GLU A 74 -15.14 27.49 -21.76
CA GLU A 74 -14.31 27.76 -22.93
C GLU A 74 -14.79 26.97 -24.14
N ARG A 75 -14.94 25.66 -23.97
CA ARG A 75 -15.35 24.78 -25.08
C ARG A 75 -16.74 25.14 -25.65
N LEU A 76 -17.66 25.53 -24.77
CA LEU A 76 -19.07 25.79 -25.14
C LEU A 76 -19.32 27.18 -25.75
N SER A 77 -18.50 28.17 -25.37
CA SER A 77 -18.70 29.53 -25.87
C SER A 77 -18.39 29.66 -27.36
N SER A 82 -18.88 29.34 -35.89
CA SER A 82 -18.89 28.08 -35.17
C SER A 82 -20.22 27.88 -34.43
N ASP A 83 -20.77 26.68 -34.53
CA ASP A 83 -22.03 26.37 -33.88
C ASP A 83 -21.80 25.77 -32.50
N PRO A 84 -22.32 26.44 -31.48
CA PRO A 84 -22.17 25.98 -30.09
C PRO A 84 -22.83 24.65 -29.89
N LEU A 85 -23.98 24.48 -30.51
CA LEU A 85 -24.75 23.29 -30.28
C LEU A 85 -24.02 22.06 -30.76
N ARG A 86 -23.16 22.23 -31.74
CA ARG A 86 -22.26 21.16 -32.16
C ARG A 86 -21.18 20.92 -31.10
N SER A 87 -20.66 21.98 -30.51
CA SER A 87 -19.63 21.85 -29.49
C SER A 87 -20.15 21.01 -28.33
N LEU A 88 -21.36 21.32 -27.88
CA LEU A 88 -22.01 20.55 -26.81
C LEU A 88 -22.13 19.07 -27.17
N TYR A 89 -22.62 18.78 -28.36
CA TYR A 89 -22.67 17.42 -28.86
C TYR A 89 -21.30 16.75 -28.77
N ASP A 90 -20.29 17.41 -29.34
CA ASP A 90 -18.92 16.87 -29.33
C ASP A 90 -18.42 16.62 -27.91
N LEU A 91 -18.75 17.53 -27.00
CA LEU A 91 -18.33 17.36 -25.62
C LEU A 91 -18.98 16.13 -25.02
N CYS A 92 -20.28 15.99 -25.25
CA CYS A 92 -21.04 14.85 -24.73
C CYS A 92 -20.52 13.55 -25.36
N LEU A 93 -20.26 13.60 -26.65
CA LEU A 93 -19.75 12.44 -27.37
C LEU A 93 -18.42 11.99 -26.80
N GLU A 94 -17.53 12.94 -26.53
CA GLU A 94 -16.21 12.63 -25.95
C GLU A 94 -16.33 12.12 -24.52
N ALA A 95 -17.23 12.72 -23.76
CA ALA A 95 -17.52 12.28 -22.41
C ALA A 95 -17.81 10.77 -22.39
N VAL A 96 -18.74 10.34 -23.25
CA VAL A 96 -19.17 8.96 -23.29
C VAL A 96 -18.03 8.09 -23.78
N GLN A 97 -17.37 8.53 -24.85
CA GLN A 97 -16.26 7.75 -25.42
C GLN A 97 -15.08 7.57 -24.44
N SER A 98 -14.89 8.52 -23.52
CA SER A 98 -13.79 8.46 -22.53
C SER A 98 -13.94 7.32 -21.49
N LEU A 99 -15.16 6.80 -21.34
CA LEU A 99 -15.40 5.59 -20.54
C LEU A 99 -14.48 4.45 -20.91
N LEU A 100 -14.09 4.41 -22.18
CA LEU A 100 -13.18 3.38 -22.69
C LEU A 100 -11.73 3.86 -22.69
N THR A 101 -11.49 5.09 -23.12
CA THR A 101 -10.13 5.57 -23.32
C THR A 101 -9.38 5.92 -22.02
N GLN A 102 -10.07 6.17 -20.91
CA GLN A 102 -9.40 6.47 -19.62
C GLN A 102 -9.78 5.51 -18.50
N GLU A 103 -8.92 4.52 -18.24
CA GLU A 103 -9.14 3.56 -17.16
C GLU A 103 -9.36 4.22 -15.81
N LYS A 104 -8.55 5.24 -15.50
CA LYS A 104 -8.63 5.86 -14.18
C LYS A 104 -10.02 6.46 -13.96
N LYS A 105 -10.54 7.11 -15.01
CA LYS A 105 -11.88 7.68 -14.96
C LYS A 105 -12.93 6.59 -14.80
N ARG A 106 -12.81 5.53 -15.60
CA ARG A 106 -13.72 4.40 -15.49
C ARG A 106 -13.71 3.84 -14.04
N ARG A 107 -12.52 3.65 -13.46
CA ARG A 107 -12.39 3.13 -12.10
C ARG A 107 -13.08 4.04 -11.06
N ILE A 108 -12.78 5.34 -11.12
CA ILE A 108 -13.29 6.29 -10.14
C ILE A 108 -14.80 6.49 -10.28
N LEU A 109 -15.29 6.59 -11.53
CA LEU A 109 -16.73 6.72 -11.76
C LEU A 109 -17.47 5.47 -11.38
N THR A 110 -16.84 4.32 -11.57
CA THR A 110 -17.45 3.08 -11.09
C THR A 110 -17.60 3.14 -9.57
N ILE A 111 -16.60 3.68 -8.89
CA ILE A 111 -16.74 3.88 -7.44
C ILE A 111 -17.92 4.81 -7.14
N LEU A 112 -17.94 5.95 -7.82
CA LEU A 112 -18.97 6.97 -7.60
C LEU A 112 -20.38 6.44 -7.79
N MET A 113 -20.58 5.63 -8.82
CA MET A 113 -21.92 5.20 -9.18
C MET A 113 -22.32 3.82 -8.71
N GLN A 114 -21.34 2.96 -8.46
CA GLN A 114 -21.63 1.58 -8.09
C GLN A 114 -21.11 1.11 -6.74
N ARG A 115 -20.16 1.83 -6.14
CA ARG A 115 -19.52 1.36 -4.93
C ARG A 115 -19.60 2.34 -3.79
N CYS A 116 -20.71 3.06 -3.61
CA CYS A 116 -20.77 4.07 -2.56
C CYS A 116 -22.16 4.62 -2.19
N GLU A 117 -22.42 4.70 -0.89
CA GLU A 117 -23.72 5.13 -0.38
C GLU A 117 -23.57 6.53 0.12
N PHE A 118 -24.53 7.38 -0.17
CA PHE A 118 -24.48 8.75 0.32
C PHE A 118 -25.30 8.92 1.60
N THR A 119 -24.65 8.48 2.68
CA THR A 119 -25.14 8.64 4.03
C THR A 119 -24.56 9.94 4.59
N GLU A 120 -24.82 10.21 5.86
CA GLU A 120 -24.22 11.39 6.54
C GLU A 120 -22.70 11.42 6.45
N GLU A 121 -22.07 10.27 6.55
CA GLU A 121 -20.60 10.16 6.48
C GLU A 121 -20.03 10.83 5.22
N LEU A 122 -20.76 10.80 4.11
CA LEU A 122 -20.25 11.29 2.83
C LEU A 122 -20.95 12.55 2.34
N ARG A 123 -21.57 13.29 3.25
CA ARG A 123 -22.34 14.46 2.87
C ARG A 123 -21.54 15.50 2.12
N GLU A 124 -20.33 15.75 2.59
CA GLU A 124 -19.42 16.72 1.91
C GLU A 124 -19.19 16.38 0.45
N ALA A 125 -19.11 15.09 0.15
CA ALA A 125 -18.83 14.63 -1.21
C ALA A 125 -20.07 14.73 -2.10
N GLN A 126 -21.23 14.45 -1.51
CA GLN A 126 -22.52 14.60 -2.19
C GLN A 126 -22.77 16.06 -2.59
N GLU A 127 -22.57 16.98 -1.64
CA GLU A 127 -22.80 18.40 -1.87
C GLU A 127 -21.95 18.95 -2.99
N ARG A 128 -20.68 18.58 -3.02
CA ARG A 128 -19.75 19.04 -4.06
C ARG A 128 -20.03 18.38 -5.40
N ASN A 129 -20.48 17.13 -5.36
CA ASN A 129 -20.95 16.48 -6.57
C ASN A 129 -22.19 17.16 -7.15
N ASN A 130 -23.18 17.43 -6.30
CA ASN A 130 -24.36 18.18 -6.73
C ASN A 130 -23.96 19.49 -7.37
N ALA A 131 -23.03 20.18 -6.72
CA ALA A 131 -22.57 21.47 -7.20
C ALA A 131 -21.99 21.38 -8.61
N PHE A 132 -21.18 20.37 -8.85
CA PHE A 132 -20.61 20.16 -10.18
C PHE A 132 -21.66 19.83 -11.25
N VAL A 133 -22.60 18.96 -10.90
CA VAL A 133 -23.71 18.66 -11.81
C VAL A 133 -24.56 19.93 -12.05
N GLN A 134 -24.75 20.72 -11.01
CA GLN A 134 -25.55 21.93 -11.13
C GLN A 134 -24.90 22.92 -12.08
N MET A 135 -23.57 22.98 -12.02
CA MET A 135 -22.82 23.84 -12.91
C MET A 135 -23.04 23.45 -14.37
N PHE A 136 -22.83 22.17 -14.67
CA PHE A 136 -22.98 21.69 -16.05
C PHE A 136 -24.38 21.99 -16.57
N ILE A 137 -25.36 21.70 -15.74
CA ILE A 137 -26.76 21.97 -16.10
C ILE A 137 -26.99 23.46 -16.33
N GLU A 138 -26.42 24.29 -15.47
CA GLU A 138 -26.55 25.75 -15.63
C GLU A 138 -25.90 26.27 -16.91
N LEU A 139 -24.75 25.73 -17.28
CA LEU A 139 -24.09 26.13 -18.52
C LEU A 139 -24.86 25.72 -19.76
N CYS A 140 -25.40 24.51 -19.79
CA CYS A 140 -26.21 24.09 -20.92
C CYS A 140 -27.47 24.94 -21.02
N GLU A 141 -28.10 25.17 -19.87
CA GLU A 141 -29.31 25.99 -19.83
C GLU A 141 -29.03 27.34 -20.47
N GLN A 142 -27.90 27.93 -20.12
CA GLN A 142 -27.50 29.19 -20.65
C GLN A 142 -27.25 29.15 -22.16
N LEU A 143 -26.54 28.12 -22.60
CA LEU A 143 -26.30 27.84 -24.01
C LEU A 143 -27.60 27.76 -24.81
N PHE A 144 -28.54 26.93 -24.36
CA PHE A 144 -29.83 26.79 -25.04
C PHE A 144 -30.64 28.08 -24.98
N ALA A 145 -30.41 28.88 -23.95
CA ALA A 145 -31.15 30.12 -23.75
C ALA A 145 -30.68 31.25 -24.67
N ARG A 146 -29.44 31.18 -25.15
CA ARG A 146 -28.92 32.15 -26.12
C ARG A 146 -29.81 32.26 -27.34
N ASP A 147 -30.07 33.49 -27.78
CA ASP A 147 -31.01 33.75 -28.88
C ASP A 147 -30.71 32.89 -30.12
N GLU A 148 -29.42 32.84 -30.49
CA GLU A 148 -28.94 32.05 -31.65
C GLU A 148 -29.33 30.54 -31.57
N CYS A 149 -29.29 29.98 -30.37
CA CYS A 149 -29.60 28.55 -30.14
C CYS A 149 -31.09 28.30 -29.88
N ARG A 150 -31.69 29.17 -29.07
CA ARG A 150 -33.07 29.02 -28.63
C ARG A 150 -34.09 28.93 -29.75
N VAL A 151 -33.92 29.76 -30.79
CA VAL A 151 -34.80 29.71 -31.97
C VAL A 151 -34.79 28.34 -32.62
N ARG A 152 -33.71 27.59 -32.43
CA ARG A 152 -33.56 26.27 -33.06
C ARG A 152 -34.31 25.16 -32.33
N LEU A 153 -34.72 25.42 -31.09
CA LEU A 153 -35.45 24.42 -30.32
C LEU A 153 -36.87 24.26 -30.81
N HIS A 154 -37.45 23.08 -30.62
CA HIS A 154 -38.85 22.84 -31.04
C HIS A 154 -39.81 23.63 -30.15
N PRO A 155 -41.05 23.85 -30.64
CA PRO A 155 -42.10 24.49 -29.84
C PRO A 155 -42.27 23.82 -28.48
N GLY A 156 -42.42 24.61 -27.41
CA GLY A 156 -42.68 24.06 -26.07
C GLY A 156 -41.49 23.43 -25.37
N MET A 157 -40.34 23.47 -26.02
CA MET A 157 -39.12 22.96 -25.45
C MET A 157 -38.25 24.08 -24.94
N THR A 158 -38.06 24.15 -23.63
CA THR A 158 -37.34 25.26 -22.99
C THR A 158 -35.92 24.88 -22.63
N PRO A 159 -35.05 25.89 -22.49
CA PRO A 159 -33.68 25.63 -22.05
C PRO A 159 -33.58 24.85 -20.74
N ARG A 160 -34.44 25.18 -19.79
CA ARG A 160 -34.45 24.46 -18.51
C ARG A 160 -34.60 22.95 -18.75
N ILE A 161 -35.63 22.58 -19.52
CA ILE A 161 -35.89 21.16 -19.80
C ILE A 161 -34.81 20.53 -20.68
N ALA A 162 -34.34 21.27 -21.68
CA ALA A 162 -33.33 20.75 -22.59
C ALA A 162 -32.10 20.31 -21.82
N SER A 163 -31.60 21.19 -20.96
CA SER A 163 -30.36 20.92 -20.25
C SER A 163 -30.55 19.71 -19.35
N ARG A 164 -31.73 19.56 -18.77
CA ARG A 164 -32.00 18.47 -17.84
C ARG A 164 -32.23 17.15 -18.54
N ALA A 165 -32.95 17.18 -19.65
CA ALA A 165 -33.13 15.99 -20.47
C ALA A 165 -31.77 15.48 -20.93
N LEU A 166 -30.96 16.39 -21.43
CA LEU A 166 -29.64 16.01 -21.94
C LEU A 166 -28.77 15.44 -20.85
N HIS A 167 -28.75 16.08 -19.69
CA HIS A 167 -27.89 15.61 -18.61
C HIS A 167 -28.33 14.23 -18.13
N ALA A 168 -29.63 14.04 -17.94
CA ALA A 168 -30.16 12.75 -17.55
C ALA A 168 -29.70 11.67 -18.52
N LEU A 169 -29.77 11.94 -19.81
CA LEU A 169 -29.30 10.95 -20.79
C LEU A 169 -27.85 10.58 -20.59
N ILE A 170 -26.99 11.59 -20.45
CA ILE A 170 -25.55 11.32 -20.29
C ILE A 170 -25.33 10.52 -19.03
N LEU A 171 -25.96 10.97 -17.96
CA LEU A 171 -25.86 10.30 -16.68
C LEU A 171 -26.30 8.86 -16.77
N GLY A 172 -27.46 8.65 -17.41
CA GLY A 172 -28.01 7.32 -17.57
C GLY A 172 -27.12 6.42 -18.40
N LEU A 173 -26.43 6.97 -19.37
CA LEU A 173 -25.57 6.17 -20.19
C LEU A 173 -24.37 5.73 -19.39
N PHE A 174 -23.82 6.64 -18.63
CA PHE A 174 -22.68 6.32 -17.77
C PHE A 174 -23.11 5.23 -16.80
N ASN A 175 -24.23 5.47 -16.17
CA ASN A 175 -24.73 4.57 -15.15
C ASN A 175 -25.03 3.17 -15.69
N ASP A 176 -25.71 3.11 -16.82
CA ASP A 176 -26.00 1.83 -17.47
C ASP A 176 -24.72 1.10 -17.85
N TRP A 177 -23.82 1.80 -18.54
CA TRP A 177 -22.63 1.14 -19.06
C TRP A 177 -21.72 0.64 -17.95
N LEU A 178 -21.65 1.38 -16.85
CA LEU A 178 -20.79 0.99 -15.74
C LEU A 178 -21.38 -0.16 -14.94
N ARG A 179 -22.69 -0.24 -14.84
CA ARG A 179 -23.37 -1.40 -14.26
C ARG A 179 -23.19 -2.63 -15.13
N ASP A 180 -23.13 -2.43 -16.44
CA ASP A 180 -23.15 -3.53 -17.42
C ASP A 180 -22.49 -3.11 -18.73
N PRO A 181 -21.18 -3.33 -18.86
CA PRO A 181 -20.44 -2.92 -20.04
C PRO A 181 -20.81 -3.63 -21.33
N ARG A 182 -21.63 -4.67 -21.25
CA ARG A 182 -22.07 -5.38 -22.44
C ARG A 182 -23.17 -4.65 -23.22
N LEU A 183 -23.82 -3.69 -22.59
CA LEU A 183 -24.98 -3.02 -23.21
C LEU A 183 -24.62 -2.32 -24.48
N PHE A 184 -23.48 -1.64 -24.51
CA PHE A 184 -23.05 -0.99 -25.71
C PHE A 184 -21.56 -0.73 -25.75
N ASP A 185 -21.09 -0.27 -26.91
CA ASP A 185 -19.70 0.08 -27.11
C ASP A 185 -19.56 1.61 -27.14
N PRO A 186 -19.03 2.20 -26.06
CA PRO A 186 -18.84 3.65 -26.00
C PRO A 186 -18.19 4.27 -27.22
N ASP A 187 -17.24 3.58 -27.80
CA ASP A 187 -16.59 4.08 -29.01
C ASP A 187 -17.59 4.25 -30.15
N THR A 188 -18.12 3.14 -30.66
CA THR A 188 -18.90 3.13 -31.90
C THR A 188 -20.39 3.44 -31.71
N ASP A 189 -20.92 3.21 -30.52
CA ASP A 189 -22.35 3.47 -30.24
C ASP A 189 -22.69 4.86 -29.67
N ALA A 190 -21.70 5.56 -29.12
CA ALA A 190 -21.97 6.89 -28.53
C ALA A 190 -22.72 7.82 -29.48
N GLU A 191 -22.32 7.90 -30.72
CA GLU A 191 -22.98 8.82 -31.61
C GLU A 191 -24.42 8.52 -31.82
N HIS A 192 -24.74 7.25 -31.90
CA HIS A 192 -26.13 6.82 -32.13
C HIS A 192 -27.01 6.88 -30.89
N LEU A 193 -26.40 6.73 -29.71
CA LEU A 193 -27.12 6.86 -28.45
C LEU A 193 -27.51 8.30 -28.16
N LEU A 194 -26.63 9.23 -28.54
CA LEU A 194 -26.89 10.66 -28.36
C LEU A 194 -27.75 11.28 -29.46
N GLU A 195 -27.63 10.76 -30.68
CA GLU A 195 -28.34 11.29 -31.83
C GLU A 195 -29.79 11.69 -31.53
N PRO A 196 -30.60 10.74 -31.07
CA PRO A 196 -32.02 11.06 -30.95
C PRO A 196 -32.32 12.21 -29.99
N MET A 197 -31.54 12.37 -28.94
CA MET A 197 -31.79 13.46 -28.01
C MET A 197 -31.55 14.79 -28.70
N PHE A 198 -30.44 14.90 -29.44
CA PHE A 198 -30.15 16.13 -30.16
C PHE A 198 -31.11 16.37 -31.32
N ARG A 199 -31.48 15.31 -32.03
CA ARG A 199 -32.47 15.43 -33.08
C ARG A 199 -33.82 15.90 -32.51
N GLY A 200 -34.18 15.40 -31.33
CA GLY A 200 -35.45 15.76 -30.68
C GLY A 200 -35.50 17.15 -30.08
N LEU A 201 -34.33 17.71 -29.77
CA LEU A 201 -34.25 19.03 -29.13
C LEU A 201 -34.14 20.15 -30.17
N VAL A 202 -33.42 19.90 -31.26
CA VAL A 202 -33.04 20.94 -32.23
C VAL A 202 -33.61 20.63 -33.62
N ARG A 203 -34.17 21.67 -34.27
CA ARG A 203 -34.92 21.48 -35.51
C ARG A 203 -34.10 20.95 -36.67
N ASP A 204 -33.03 21.65 -37.00
CA ASP A 204 -32.28 21.37 -38.21
C ASP A 204 -31.16 20.35 -38.02
N TRP A 205 -31.30 19.45 -37.04
CA TRP A 205 -30.22 18.54 -36.72
C TRP A 205 -30.05 17.52 -37.84
N ASP B 7 -51.01 -13.40 9.75
CA ASP B 7 -50.04 -13.33 10.90
C ASP B 7 -48.60 -13.32 10.41
N SER B 8 -48.30 -14.18 9.44
CA SER B 8 -46.95 -14.27 8.89
C SER B 8 -46.61 -13.14 7.95
N GLU B 9 -47.54 -12.74 7.08
CA GLU B 9 -47.33 -11.62 6.17
C GLU B 9 -47.21 -10.29 6.92
N LYS B 10 -47.88 -10.18 8.07
CA LYS B 10 -47.80 -8.97 8.89
C LYS B 10 -46.39 -8.75 9.43
N THR B 11 -45.72 -9.82 9.85
CA THR B 11 -44.34 -9.76 10.32
C THR B 11 -43.37 -9.46 9.17
N ARG B 12 -43.63 -10.02 8.00
CA ARG B 12 -42.83 -9.72 6.81
C ARG B 12 -42.82 -8.24 6.48
N THR B 13 -44.01 -7.63 6.38
CA THR B 13 -44.10 -6.20 6.02
C THR B 13 -43.51 -5.31 7.11
N ALA B 14 -43.66 -5.71 8.38
CA ALA B 14 -43.09 -4.94 9.49
C ALA B 14 -41.57 -4.86 9.38
N ILE B 15 -40.96 -5.94 8.91
CA ILE B 15 -39.51 -6.04 8.79
C ILE B 15 -39.04 -5.19 7.61
N LEU B 16 -39.66 -5.37 6.46
CA LEU B 16 -39.34 -4.60 5.26
C LEU B 16 -39.52 -3.10 5.48
N LEU B 17 -40.52 -2.73 6.27
CA LEU B 17 -40.77 -1.32 6.63
C LEU B 17 -39.63 -0.77 7.49
N ALA B 18 -39.23 -1.52 8.49
CA ALA B 18 -38.12 -1.15 9.36
C ALA B 18 -36.84 -1.03 8.57
N ALA B 19 -36.57 -2.03 7.73
CA ALA B 19 -35.35 -2.06 6.93
C ALA B 19 -35.29 -0.90 5.94
N GLU B 20 -36.44 -0.62 5.32
CA GLU B 20 -36.60 0.55 4.45
C GLU B 20 -36.21 1.84 5.18
N GLU B 21 -36.74 2.04 6.38
CA GLU B 21 -36.39 3.21 7.18
C GLU B 21 -34.90 3.27 7.48
N LEU B 22 -34.33 2.19 7.98
CA LEU B 22 -32.91 2.18 8.32
C LEU B 22 -31.96 2.28 7.17
N PHE B 23 -32.20 1.52 6.11
CA PHE B 23 -31.37 1.60 4.89
C PHE B 23 -31.30 3.04 4.42
N LEU B 24 -32.47 3.66 4.36
CA LEU B 24 -32.62 5.05 3.97
C LEU B 24 -31.81 5.97 4.89
N GLU B 25 -32.03 5.83 6.19
CA GLU B 25 -31.44 6.71 7.19
C GLU B 25 -29.93 6.57 7.35
N LYS B 26 -29.39 5.37 7.11
CA LYS B 26 -27.99 5.13 7.42
C LYS B 26 -27.21 4.31 6.39
N GLY B 27 -27.86 3.89 5.31
CA GLY B 27 -27.19 3.09 4.28
C GLY B 27 -27.29 1.60 4.56
N VAL B 28 -27.23 0.79 3.52
CA VAL B 28 -27.36 -0.66 3.65
C VAL B 28 -26.18 -1.27 4.41
N SER B 29 -24.98 -0.99 3.93
CA SER B 29 -23.76 -1.54 4.52
C SER B 29 -23.73 -1.38 6.04
N HIS B 30 -24.11 -0.20 6.51
CA HIS B 30 -24.07 0.11 7.96
C HIS B 30 -25.31 -0.40 8.72
N THR B 31 -26.26 -1.01 7.99
CA THR B 31 -27.43 -1.66 8.58
C THR B 31 -27.30 -3.19 8.58
N SER B 32 -27.59 -3.80 9.72
CA SER B 32 -27.49 -5.24 9.92
C SER B 32 -28.87 -5.83 10.13
N LEU B 33 -28.98 -7.14 9.96
CA LEU B 33 -30.26 -7.82 10.20
C LEU B 33 -30.69 -7.74 11.67
N GLU B 34 -29.73 -7.56 12.55
CA GLU B 34 -30.01 -7.42 13.94
C GLU B 34 -30.73 -6.13 14.16
N GLN B 35 -30.10 -5.05 13.72
CA GLN B 35 -30.68 -3.70 13.87
C GLN B 35 -32.07 -3.60 13.26
N ILE B 36 -32.28 -4.33 12.16
CA ILE B 36 -33.57 -4.37 11.50
C ILE B 36 -34.56 -5.10 12.39
N ALA B 37 -34.14 -6.24 12.91
CA ALA B 37 -34.97 -7.00 13.83
C ALA B 37 -35.42 -6.12 14.99
N ARG B 38 -34.44 -5.47 15.63
CA ARG B 38 -34.69 -4.62 16.79
C ARG B 38 -35.71 -3.53 16.46
N ALA B 39 -35.47 -2.82 15.36
CA ALA B 39 -36.36 -1.74 14.93
C ALA B 39 -37.75 -2.24 14.51
N ALA B 40 -37.84 -3.48 14.04
CA ALA B 40 -39.12 -4.06 13.64
C ALA B 40 -39.91 -4.64 14.82
N GLY B 41 -39.29 -4.70 16.00
CA GLY B 41 -39.93 -5.28 17.18
C GLY B 41 -40.11 -6.78 17.04
N VAL B 42 -39.02 -7.44 16.66
CA VAL B 42 -39.03 -8.83 16.20
C VAL B 42 -37.68 -9.48 16.53
N THR B 43 -37.64 -10.81 16.56
CA THR B 43 -36.41 -11.54 16.89
C THR B 43 -35.49 -11.65 15.68
N ARG B 44 -34.18 -11.62 15.92
CA ARG B 44 -33.19 -11.85 14.86
C ARG B 44 -33.51 -13.08 14.04
N GLY B 45 -34.00 -14.13 14.70
CA GLY B 45 -34.30 -15.40 14.04
C GLY B 45 -35.44 -15.27 13.05
N ALA B 46 -36.42 -14.44 13.38
CA ALA B 46 -37.57 -14.20 12.51
C ALA B 46 -37.14 -13.56 11.19
N VAL B 47 -36.27 -12.57 11.28
CA VAL B 47 -35.70 -11.93 10.09
C VAL B 47 -34.98 -12.96 9.20
N TYR B 48 -34.06 -13.72 9.81
CA TYR B 48 -33.32 -14.75 9.07
C TYR B 48 -34.26 -15.77 8.46
N TRP B 49 -35.29 -16.15 9.23
CA TRP B 49 -36.28 -17.13 8.78
C TRP B 49 -37.05 -16.65 7.55
N HIS B 50 -37.44 -15.39 7.57
CA HIS B 50 -38.25 -14.82 6.48
C HIS B 50 -37.43 -14.38 5.27
N PHE B 51 -36.21 -13.90 5.50
CA PHE B 51 -35.40 -13.40 4.41
C PHE B 51 -34.02 -13.99 4.18
N GLN B 52 -33.57 -14.90 5.03
CA GLN B 52 -32.33 -15.61 4.81
C GLN B 52 -31.10 -14.76 5.02
N ASN B 53 -30.96 -13.71 4.22
CA ASN B 53 -29.78 -12.85 4.26
C ASN B 53 -30.08 -11.48 3.74
N LYS B 54 -29.18 -10.55 3.95
CA LYS B 54 -29.42 -9.17 3.57
C LYS B 54 -29.83 -9.01 2.13
N ALA B 55 -28.99 -9.51 1.25
CA ALA B 55 -29.19 -9.32 -0.20
C ALA B 55 -30.58 -9.72 -0.63
N HIS B 56 -31.01 -10.87 -0.14
CA HIS B 56 -32.35 -11.36 -0.45
C HIS B 56 -33.42 -10.47 0.16
N LEU B 57 -33.14 -9.93 1.34
CA LEU B 57 -34.07 -9.01 1.98
C LEU B 57 -34.25 -7.78 1.11
N PHE B 58 -33.13 -7.24 0.66
CA PHE B 58 -33.12 -6.06 -0.19
C PHE B 58 -33.87 -6.32 -1.49
N ASN B 59 -33.58 -7.47 -2.10
CA ASN B 59 -34.33 -7.93 -3.28
C ASN B 59 -35.83 -7.92 -3.11
N GLU B 60 -36.30 -8.54 -2.03
CA GLU B 60 -37.73 -8.61 -1.74
C GLU B 60 -38.28 -7.21 -1.59
N MET B 61 -37.48 -6.33 -1.00
CA MET B 61 -37.87 -4.93 -0.82
C MET B 61 -38.08 -4.23 -2.16
N LEU B 62 -37.15 -4.42 -3.07
CA LEU B 62 -37.26 -3.86 -4.42
C LEU B 62 -38.50 -4.39 -5.15
N ASN B 63 -38.80 -5.67 -4.99
CA ASN B 63 -39.95 -6.27 -5.68
C ASN B 63 -41.25 -5.60 -5.34
N GLN B 64 -41.35 -5.03 -4.14
CA GLN B 64 -42.53 -4.29 -3.71
C GLN B 64 -42.87 -3.19 -4.69
N VAL B 65 -41.87 -2.76 -5.46
CA VAL B 65 -42.02 -1.65 -6.39
C VAL B 65 -41.53 -1.84 -7.82
N ARG B 66 -41.18 -3.04 -8.19
CA ARG B 66 -40.88 -3.38 -9.58
C ARG B 66 -42.14 -3.98 -10.22
N LEU B 67 -42.37 -3.68 -11.47
CA LEU B 67 -43.46 -4.30 -12.19
C LEU B 67 -43.13 -5.74 -12.50
N PRO B 68 -44.14 -6.60 -12.53
CA PRO B 68 -43.87 -8.00 -12.90
C PRO B 68 -43.75 -8.19 -14.42
N PRO B 69 -42.88 -9.12 -14.88
CA PRO B 69 -42.64 -9.34 -16.31
C PRO B 69 -43.90 -9.44 -17.17
N GLU B 70 -44.89 -10.17 -16.67
CA GLU B 70 -46.12 -10.41 -17.42
C GLU B 70 -46.89 -9.11 -17.66
N GLN B 71 -46.85 -8.20 -16.70
CA GLN B 71 -47.61 -6.96 -16.79
C GLN B 71 -46.98 -5.99 -17.78
N LEU B 72 -45.65 -5.94 -17.81
CA LEU B 72 -44.89 -5.14 -18.77
C LEU B 72 -45.28 -5.52 -20.21
N THR B 73 -45.09 -6.80 -20.52
CA THR B 73 -45.38 -7.35 -21.86
C THR B 73 -46.83 -7.13 -22.31
N GLU B 74 -47.76 -7.32 -21.38
CA GLU B 74 -49.17 -7.08 -21.62
C GLU B 74 -49.39 -5.64 -22.12
N ARG B 75 -48.87 -4.68 -21.36
CA ARG B 75 -49.03 -3.26 -21.67
C ARG B 75 -48.46 -2.88 -23.06
N LEU B 76 -47.32 -3.47 -23.40
CA LEU B 76 -46.59 -3.12 -24.61
C LEU B 76 -47.11 -3.82 -25.89
N SER B 77 -47.70 -4.99 -25.73
CA SER B 77 -48.16 -5.79 -26.89
C SER B 77 -49.51 -5.33 -27.47
N SER B 82 -53.64 -0.35 -29.56
CA SER B 82 -53.71 0.07 -30.96
C SER B 82 -52.33 0.50 -31.43
N ASP B 83 -51.67 1.37 -30.66
CA ASP B 83 -50.30 1.79 -30.96
C ASP B 83 -49.32 1.54 -29.79
N PRO B 84 -48.43 0.54 -29.96
CA PRO B 84 -47.57 0.13 -28.84
C PRO B 84 -46.42 1.11 -28.56
N LEU B 85 -46.06 1.91 -29.55
CA LEU B 85 -45.06 2.98 -29.38
C LEU B 85 -45.60 4.08 -28.45
N ARG B 86 -46.87 4.42 -28.59
CA ARG B 86 -47.54 5.30 -27.63
C ARG B 86 -47.61 4.63 -26.26
N SER B 87 -47.86 3.32 -26.24
CA SER B 87 -47.97 2.60 -24.98
C SER B 87 -46.66 2.72 -24.21
N LEU B 88 -45.55 2.51 -24.91
CA LEU B 88 -44.22 2.64 -24.32
C LEU B 88 -44.00 4.05 -23.73
N TYR B 89 -44.33 5.07 -24.51
CA TYR B 89 -44.27 6.45 -24.03
C TYR B 89 -45.07 6.61 -22.74
N ASP B 90 -46.33 6.17 -22.78
CA ASP B 90 -47.21 6.28 -21.61
C ASP B 90 -46.62 5.55 -20.40
N LEU B 91 -46.02 4.40 -20.64
CA LEU B 91 -45.43 3.63 -19.56
C LEU B 91 -44.27 4.41 -18.96
N CYS B 92 -43.42 4.95 -19.82
CA CYS B 92 -42.27 5.74 -19.36
C CYS B 92 -42.74 6.97 -18.63
N LEU B 93 -43.75 7.63 -19.20
CA LEU B 93 -44.30 8.83 -18.60
C LEU B 93 -44.80 8.56 -17.18
N GLU B 94 -45.53 7.44 -17.02
CA GLU B 94 -46.08 7.07 -15.72
C GLU B 94 -44.96 6.69 -14.75
N ALA B 95 -43.96 5.99 -15.26
CA ALA B 95 -42.80 5.65 -14.47
C ALA B 95 -42.19 6.89 -13.82
N VAL B 96 -41.92 7.91 -14.62
CA VAL B 96 -41.31 9.14 -14.10
C VAL B 96 -42.28 9.82 -13.15
N GLN B 97 -43.55 9.94 -13.55
CA GLN B 97 -44.54 10.65 -12.73
C GLN B 97 -44.78 9.99 -11.38
N SER B 98 -44.57 8.68 -11.30
CA SER B 98 -44.76 7.93 -10.06
C SER B 98 -43.73 8.27 -8.98
N LEU B 99 -42.59 8.85 -9.36
CA LEU B 99 -41.61 9.38 -8.39
C LEU B 99 -42.27 10.28 -7.35
N LEU B 100 -43.35 10.95 -7.74
CA LEU B 100 -44.08 11.81 -6.83
C LEU B 100 -45.27 11.13 -6.22
N THR B 101 -46.05 10.42 -7.02
CA THR B 101 -47.31 9.86 -6.56
C THR B 101 -47.16 8.68 -5.60
N GLN B 102 -45.99 8.01 -5.59
CA GLN B 102 -45.77 6.91 -4.65
C GLN B 102 -44.53 7.13 -3.75
N GLU B 103 -44.77 7.59 -2.52
CA GLU B 103 -43.70 7.79 -1.54
C GLU B 103 -42.87 6.53 -1.32
N LYS B 104 -43.53 5.38 -1.24
CA LYS B 104 -42.82 4.15 -1.00
C LYS B 104 -41.78 3.85 -2.09
N LYS B 105 -42.19 4.06 -3.35
CA LYS B 105 -41.28 3.87 -4.47
C LYS B 105 -40.12 4.85 -4.41
N ARG B 106 -40.45 6.12 -4.15
CA ARG B 106 -39.42 7.13 -4.01
C ARG B 106 -38.41 6.71 -2.92
N ARG B 107 -38.89 6.25 -1.78
CA ARG B 107 -38.01 5.85 -0.68
C ARG B 107 -37.11 4.69 -1.10
N ILE B 108 -37.70 3.67 -1.69
CA ILE B 108 -36.96 2.44 -2.03
C ILE B 108 -35.94 2.70 -3.14
N LEU B 109 -36.36 3.46 -4.15
CA LEU B 109 -35.44 3.80 -5.25
C LEU B 109 -34.34 4.73 -4.78
N THR B 110 -34.64 5.60 -3.81
CA THR B 110 -33.57 6.41 -3.25
C THR B 110 -32.56 5.47 -2.53
N ILE B 111 -33.04 4.42 -1.88
CA ILE B 111 -32.11 3.43 -1.29
C ILE B 111 -31.27 2.79 -2.40
N LEU B 112 -31.93 2.32 -3.44
CA LEU B 112 -31.27 1.62 -4.55
C LEU B 112 -30.18 2.48 -5.21
N MET B 113 -30.47 3.75 -5.43
CA MET B 113 -29.59 4.60 -6.20
C MET B 113 -28.67 5.50 -5.40
N GLN B 114 -29.03 5.79 -4.15
CA GLN B 114 -28.25 6.70 -3.32
C GLN B 114 -27.69 6.11 -2.00
N ARG B 115 -28.27 5.04 -1.53
CA ARG B 115 -27.88 4.48 -0.27
C ARG B 115 -27.28 3.09 -0.29
N CYS B 116 -26.85 2.57 -1.43
CA CYS B 116 -26.23 1.27 -1.43
C CYS B 116 -25.02 1.02 -2.32
N GLU B 117 -24.11 0.18 -1.84
CA GLU B 117 -22.91 -0.20 -2.55
C GLU B 117 -22.99 -1.66 -2.91
N PHE B 118 -22.67 -1.99 -4.13
CA PHE B 118 -22.78 -3.35 -4.64
C PHE B 118 -21.44 -4.07 -4.53
N THR B 119 -21.17 -4.50 -3.30
CA THR B 119 -20.05 -5.33 -2.96
C THR B 119 -20.49 -6.79 -3.05
N GLU B 120 -19.60 -7.71 -2.67
CA GLU B 120 -19.94 -9.14 -2.64
C GLU B 120 -21.16 -9.45 -1.79
N GLU B 121 -21.30 -8.76 -0.67
CA GLU B 121 -22.44 -8.94 0.22
C GLU B 121 -23.80 -8.84 -0.48
N LEU B 122 -23.89 -8.00 -1.51
CA LEU B 122 -25.16 -7.72 -2.18
C LEU B 122 -25.23 -8.28 -3.61
N ARG B 123 -24.39 -9.26 -3.92
CA ARG B 123 -24.30 -9.79 -5.26
C ARG B 123 -25.62 -10.31 -5.79
N GLU B 124 -26.34 -11.05 -4.95
CA GLU B 124 -27.65 -11.57 -5.34
C GLU B 124 -28.62 -10.47 -5.80
N ALA B 125 -28.55 -9.30 -5.16
CA ALA B 125 -29.46 -8.20 -5.46
C ALA B 125 -29.06 -7.48 -6.74
N GLN B 126 -27.76 -7.37 -6.96
CA GLN B 126 -27.20 -6.81 -8.19
C GLN B 126 -27.59 -7.64 -9.41
N GLU B 127 -27.40 -8.96 -9.32
CA GLU B 127 -27.71 -9.87 -10.41
C GLU B 127 -29.16 -9.80 -10.82
N ARG B 128 -30.05 -9.77 -9.85
CA ARG B 128 -31.47 -9.71 -10.14
C ARG B 128 -31.90 -8.35 -10.64
N ASN B 129 -31.24 -7.31 -10.16
CA ASN B 129 -31.45 -5.99 -10.71
C ASN B 129 -31.02 -5.91 -12.17
N ASN B 130 -29.84 -6.42 -12.48
CA ASN B 130 -29.37 -6.49 -13.87
C ASN B 130 -30.38 -7.20 -14.71
N ALA B 131 -30.86 -8.33 -14.21
CA ALA B 131 -31.81 -9.16 -14.92
C ALA B 131 -33.07 -8.39 -15.27
N PHE B 132 -33.58 -7.64 -14.32
CA PHE B 132 -34.77 -6.83 -14.54
C PHE B 132 -34.55 -5.71 -15.58
N VAL B 133 -33.42 -5.02 -15.48
CA VAL B 133 -33.08 -4.01 -16.48
C VAL B 133 -32.89 -4.67 -17.85
N GLN B 134 -32.29 -5.85 -17.87
CA GLN B 134 -32.07 -6.56 -19.12
C GLN B 134 -33.39 -6.92 -19.78
N MET B 135 -34.36 -7.31 -18.96
CA MET B 135 -35.68 -7.67 -19.46
C MET B 135 -36.34 -6.48 -20.14
N PHE B 136 -36.39 -5.35 -19.43
CA PHE B 136 -37.01 -4.15 -19.97
C PHE B 136 -36.36 -3.77 -21.30
N ILE B 137 -35.04 -3.79 -21.31
CA ILE B 137 -34.28 -3.48 -22.52
C ILE B 137 -34.62 -4.47 -23.66
N GLU B 138 -34.72 -5.75 -23.32
CA GLU B 138 -35.05 -6.76 -24.30
C GLU B 138 -36.45 -6.59 -24.87
N LEU B 139 -37.41 -6.24 -24.03
CA LEU B 139 -38.77 -6.00 -24.49
C LEU B 139 -38.87 -4.78 -25.41
N CYS B 140 -38.21 -3.69 -25.07
CA CYS B 140 -38.23 -2.51 -25.93
C CYS B 140 -37.57 -2.83 -27.26
N GLU B 141 -36.44 -3.53 -27.20
CA GLU B 141 -35.71 -3.92 -28.40
C GLU B 141 -36.63 -4.68 -29.33
N GLN B 142 -37.38 -5.60 -28.75
CA GLN B 142 -38.32 -6.38 -29.49
C GLN B 142 -39.46 -5.53 -30.10
N LEU B 143 -40.02 -4.64 -29.30
CA LEU B 143 -41.03 -3.68 -29.73
C LEU B 143 -40.55 -2.86 -30.92
N PHE B 144 -39.38 -2.23 -30.81
CA PHE B 144 -38.83 -1.44 -31.90
C PHE B 144 -38.49 -2.30 -33.13
N ALA B 145 -38.19 -3.57 -32.88
CA ALA B 145 -37.82 -4.49 -33.96
C ALA B 145 -39.01 -4.95 -34.80
N ARG B 146 -40.22 -4.92 -34.23
CA ARG B 146 -41.45 -5.25 -34.97
C ARG B 146 -41.58 -4.42 -36.22
N ASP B 147 -41.97 -5.07 -37.33
CA ASP B 147 -42.03 -4.43 -38.64
C ASP B 147 -42.82 -3.13 -38.59
N GLU B 148 -43.94 -3.13 -37.89
CA GLU B 148 -44.77 -1.96 -37.84
C GLU B 148 -44.10 -0.78 -37.21
N CYS B 149 -43.30 -1.02 -36.18
CA CYS B 149 -42.62 0.04 -35.44
C CYS B 149 -41.31 0.44 -36.09
N ARG B 150 -40.57 -0.56 -36.55
CA ARG B 150 -39.23 -0.37 -37.11
C ARG B 150 -39.18 0.57 -38.30
N VAL B 151 -40.15 0.46 -39.20
CA VAL B 151 -40.25 1.39 -40.35
C VAL B 151 -40.34 2.85 -39.91
N ARG B 152 -40.84 3.07 -38.70
CA ARG B 152 -41.03 4.43 -38.17
C ARG B 152 -39.75 5.06 -37.61
N LEU B 153 -38.72 4.24 -37.38
CA LEU B 153 -37.46 4.76 -36.87
C LEU B 153 -36.69 5.49 -37.94
N HIS B 154 -35.87 6.46 -37.55
CA HIS B 154 -35.05 7.22 -38.50
C HIS B 154 -33.97 6.32 -39.12
N PRO B 155 -33.43 6.72 -40.28
CA PRO B 155 -32.30 6.02 -40.90
C PRO B 155 -31.15 5.81 -39.91
N GLY B 156 -30.54 4.63 -39.90
CA GLY B 156 -29.37 4.35 -39.05
C GLY B 156 -29.65 4.13 -37.58
N MET B 157 -30.91 4.27 -37.18
CA MET B 157 -31.36 4.03 -35.83
C MET B 157 -31.90 2.60 -35.68
N THR B 158 -31.22 1.75 -34.90
CA THR B 158 -31.61 0.35 -34.73
C THR B 158 -32.34 0.11 -33.42
N PRO B 159 -33.14 -0.97 -33.35
CA PRO B 159 -33.81 -1.33 -32.10
C PRO B 159 -32.88 -1.50 -30.92
N ARG B 160 -31.72 -2.09 -31.15
CA ARG B 160 -30.74 -2.25 -30.09
C ARG B 160 -30.41 -0.89 -29.46
N ILE B 161 -30.05 0.07 -30.29
CA ILE B 161 -29.70 1.42 -29.80
C ILE B 161 -30.90 2.17 -29.23
N ALA B 162 -32.05 2.06 -29.88
CA ALA B 162 -33.26 2.74 -29.42
C ALA B 162 -33.59 2.36 -27.98
N SER B 163 -33.63 1.05 -27.71
CA SER B 163 -34.01 0.57 -26.39
C SER B 163 -33.00 1.04 -25.34
N ARG B 164 -31.73 1.10 -25.71
CA ARG B 164 -30.68 1.50 -24.78
C ARG B 164 -30.62 3.00 -24.53
N ALA B 165 -30.78 3.78 -25.59
CA ALA B 165 -30.91 5.22 -25.45
C ALA B 165 -32.07 5.56 -24.54
N LEU B 166 -33.22 4.95 -24.81
CA LEU B 166 -34.43 5.22 -24.03
C LEU B 166 -34.26 4.84 -22.57
N HIS B 167 -33.68 3.67 -22.32
CA HIS B 167 -33.52 3.24 -20.95
C HIS B 167 -32.60 4.18 -20.20
N ALA B 168 -31.48 4.53 -20.82
CA ALA B 168 -30.50 5.43 -20.20
C ALA B 168 -31.18 6.72 -19.81
N LEU B 169 -32.02 7.24 -20.69
CA LEU B 169 -32.76 8.46 -20.35
C LEU B 169 -33.62 8.31 -19.09
N ILE B 170 -34.41 7.25 -19.03
CA ILE B 170 -35.30 7.04 -17.89
C ILE B 170 -34.45 6.88 -16.64
N LEU B 171 -33.43 6.06 -16.73
CA LEU B 171 -32.54 5.83 -15.62
C LEU B 171 -31.90 7.13 -15.13
N GLY B 172 -31.40 7.91 -16.08
CA GLY B 172 -30.79 9.19 -15.76
C GLY B 172 -31.75 10.18 -15.11
N LEU B 173 -33.00 10.17 -15.55
CA LEU B 173 -34.00 11.04 -14.98
C LEU B 173 -34.28 10.67 -13.54
N PHE B 174 -34.42 9.38 -13.28
CA PHE B 174 -34.62 8.88 -11.93
C PHE B 174 -33.43 9.28 -11.06
N ASN B 175 -32.25 9.00 -11.56
CA ASN B 175 -31.03 9.22 -10.83
C ASN B 175 -30.82 10.69 -10.50
N ASP B 176 -31.01 11.55 -11.49
CA ASP B 176 -30.90 13.00 -11.29
C ASP B 176 -31.92 13.49 -10.26
N TRP B 177 -33.19 13.13 -10.45
CA TRP B 177 -34.22 13.68 -9.59
C TRP B 177 -34.08 13.21 -8.15
N LEU B 178 -33.63 11.99 -7.97
CA LEU B 178 -33.48 11.46 -6.62
C LEU B 178 -32.27 12.04 -5.90
N ARG B 179 -31.21 12.33 -6.63
CA ARG B 179 -30.07 13.04 -6.08
C ARG B 179 -30.46 14.48 -5.71
N ASP B 180 -31.38 15.07 -6.49
CA ASP B 180 -31.69 16.50 -6.39
C ASP B 180 -33.11 16.77 -6.91
N PRO B 181 -34.11 16.70 -6.03
CA PRO B 181 -35.51 16.89 -6.42
C PRO B 181 -35.86 18.29 -6.91
N ARG B 182 -34.96 19.24 -6.80
CA ARG B 182 -35.21 20.58 -7.30
C ARG B 182 -35.09 20.70 -8.81
N LEU B 183 -34.42 19.74 -9.45
CA LEU B 183 -34.11 19.84 -10.88
C LEU B 183 -35.33 19.94 -11.74
N PHE B 184 -36.34 19.15 -11.44
CA PHE B 184 -37.59 19.25 -12.19
C PHE B 184 -38.78 18.71 -11.42
N ASP B 185 -39.97 18.91 -11.99
CA ASP B 185 -41.21 18.45 -11.41
C ASP B 185 -41.71 17.24 -12.20
N PRO B 186 -41.61 16.03 -11.63
CA PRO B 186 -42.01 14.81 -12.32
C PRO B 186 -43.41 14.86 -12.89
N ASP B 187 -44.31 15.52 -12.19
CA ASP B 187 -45.67 15.67 -12.70
C ASP B 187 -45.70 16.42 -14.04
N THR B 188 -45.35 17.71 -14.00
CA THR B 188 -45.56 18.61 -15.14
C THR B 188 -44.40 18.60 -16.16
N ASP B 189 -43.19 18.22 -15.74
CA ASP B 189 -42.03 18.17 -16.65
C ASP B 189 -41.76 16.83 -17.36
N ALA B 190 -42.32 15.73 -16.87
CA ALA B 190 -42.07 14.41 -17.47
C ALA B 190 -42.34 14.37 -18.96
N GLU B 191 -43.51 14.87 -19.38
CA GLU B 191 -43.85 14.91 -20.80
C GLU B 191 -42.74 15.53 -21.63
N HIS B 192 -42.23 16.68 -21.17
CA HIS B 192 -41.25 17.47 -21.93
C HIS B 192 -39.84 16.92 -21.88
N LEU B 193 -39.51 16.24 -20.80
CA LEU B 193 -38.20 15.59 -20.65
C LEU B 193 -38.08 14.37 -21.57
N LEU B 194 -39.20 13.65 -21.75
CA LEU B 194 -39.24 12.47 -22.62
C LEU B 194 -39.44 12.82 -24.08
N GLU B 195 -40.18 13.89 -24.35
CA GLU B 195 -40.51 14.29 -25.72
C GLU B 195 -39.35 14.14 -26.71
N PRO B 196 -38.22 14.81 -26.44
CA PRO B 196 -37.18 14.82 -27.46
C PRO B 196 -36.64 13.45 -27.80
N MET B 197 -36.59 12.54 -26.83
CA MET B 197 -36.07 11.21 -27.13
C MET B 197 -37.00 10.52 -28.09
N PHE B 198 -38.30 10.59 -27.84
CA PHE B 198 -39.27 9.96 -28.73
C PHE B 198 -39.36 10.65 -30.07
N ARG B 199 -39.27 11.97 -30.06
CA ARG B 199 -39.23 12.72 -31.34
C ARG B 199 -37.98 12.36 -32.16
N GLY B 200 -36.86 12.15 -31.49
CA GLY B 200 -35.61 11.80 -32.15
C GLY B 200 -35.51 10.36 -32.65
N LEU B 201 -36.31 9.46 -32.06
CA LEU B 201 -36.30 8.04 -32.44
C LEU B 201 -37.30 7.72 -33.54
N VAL B 202 -38.47 8.38 -33.51
CA VAL B 202 -39.61 8.03 -34.37
C VAL B 202 -40.01 9.19 -35.29
N ARG B 203 -40.24 8.86 -36.55
CA ARG B 203 -40.48 9.82 -37.64
C ARG B 203 -41.66 10.75 -37.46
N ASP B 204 -42.83 10.18 -37.28
CA ASP B 204 -44.08 10.92 -37.26
C ASP B 204 -44.54 11.30 -35.85
N TRP B 205 -43.60 11.50 -34.92
CA TRP B 205 -43.97 11.76 -33.55
C TRP B 205 -44.64 13.13 -33.40
N LYS C 5 39.66 -58.63 27.46
CA LYS C 5 39.75 -58.62 25.97
C LYS C 5 40.43 -57.34 25.47
N GLU C 6 41.75 -57.27 25.61
CA GLU C 6 42.55 -56.16 25.08
C GLU C 6 42.80 -56.38 23.58
N ASP C 7 43.46 -57.50 23.25
CA ASP C 7 43.71 -57.92 21.87
C ASP C 7 42.46 -57.87 20.96
N SER C 8 41.32 -58.24 21.54
CA SER C 8 40.04 -58.32 20.83
C SER C 8 39.32 -56.99 20.65
N GLU C 9 39.44 -56.09 21.62
CA GLU C 9 38.82 -54.76 21.55
C GLU C 9 39.42 -53.90 20.41
N LYS C 10 40.69 -54.12 20.08
CA LYS C 10 41.32 -53.36 18.98
C LYS C 10 40.68 -53.69 17.60
N THR C 11 40.35 -54.96 17.37
CA THR C 11 39.63 -55.33 16.13
C THR C 11 38.17 -54.87 16.13
N ARG C 12 37.52 -54.87 17.30
CA ARG C 12 36.16 -54.33 17.43
C ARG C 12 36.08 -52.86 17.01
N THR C 13 36.96 -52.03 17.56
CA THR C 13 36.98 -50.59 17.25
C THR C 13 37.33 -50.32 15.78
N ALA C 14 38.23 -51.13 15.23
CA ALA C 14 38.64 -50.98 13.83
C ALA C 14 37.45 -51.19 12.90
N ILE C 15 36.57 -52.12 13.28
CA ILE C 15 35.40 -52.46 12.48
C ILE C 15 34.35 -51.34 12.57
N LEU C 16 34.05 -50.93 13.79
CA LEU C 16 33.11 -49.85 14.03
C LEU C 16 33.54 -48.54 13.36
N LEU C 17 34.85 -48.30 13.34
CA LEU C 17 35.40 -47.12 12.66
C LEU C 17 35.19 -47.20 11.14
N ALA C 18 35.48 -48.35 10.56
CA ALA C 18 35.27 -48.57 9.14
C ALA C 18 33.80 -48.43 8.79
N ALA C 19 32.94 -49.07 9.58
CA ALA C 19 31.50 -49.06 9.33
C ALA C 19 30.93 -47.64 9.43
N GLU C 20 31.40 -46.90 10.44
CA GLU C 20 31.06 -45.50 10.60
C GLU C 20 31.38 -44.71 9.34
N GLU C 21 32.58 -44.87 8.82
CA GLU C 21 32.98 -44.19 7.58
C GLU C 21 32.07 -44.57 6.41
N LEU C 22 31.83 -45.86 6.22
CA LEU C 22 31.04 -46.32 5.07
C LEU C 22 29.56 -45.97 5.17
N PHE C 23 28.96 -46.21 6.33
CA PHE C 23 27.56 -45.84 6.57
C PHE C 23 27.35 -44.38 6.20
N LEU C 24 28.23 -43.55 6.73
CA LEU C 24 28.20 -42.11 6.48
C LEU C 24 28.31 -41.81 5.00
N GLU C 25 29.34 -42.38 4.36
CA GLU C 25 29.65 -42.08 2.96
C GLU C 25 28.61 -42.59 1.97
N LYS C 26 27.95 -43.71 2.29
CA LYS C 26 27.09 -44.36 1.29
C LYS C 26 25.74 -44.88 1.81
N GLY C 27 25.46 -44.70 3.11
CA GLY C 27 24.20 -45.18 3.69
C GLY C 27 24.32 -46.60 4.20
N VAL C 28 23.48 -46.94 5.16
CA VAL C 28 23.54 -48.24 5.83
C VAL C 28 23.04 -49.36 4.93
N SER C 29 22.00 -49.10 4.13
CA SER C 29 21.38 -50.16 3.32
C SER C 29 22.29 -50.58 2.18
N HIS C 30 23.07 -49.64 1.66
CA HIS C 30 24.02 -49.94 0.59
C HIS C 30 25.39 -50.44 1.11
N THR C 31 25.54 -50.49 2.43
CA THR C 31 26.74 -51.04 3.07
C THR C 31 26.49 -52.42 3.63
N SER C 32 27.40 -53.34 3.33
CA SER C 32 27.30 -54.74 3.75
C SER C 32 28.42 -55.06 4.74
N LEU C 33 28.26 -56.15 5.47
CA LEU C 33 29.28 -56.58 6.43
C LEU C 33 30.57 -56.99 5.74
N GLU C 34 30.45 -57.38 4.48
CA GLU C 34 31.60 -57.76 3.65
C GLU C 34 32.44 -56.53 3.34
N GLN C 35 31.77 -55.47 2.88
CA GLN C 35 32.44 -54.19 2.58
C GLN C 35 33.07 -53.56 3.82
N ILE C 36 32.41 -53.73 4.97
CA ILE C 36 32.94 -53.27 6.25
C ILE C 36 34.19 -54.05 6.61
N ALA C 37 34.11 -55.37 6.50
CA ALA C 37 35.25 -56.26 6.77
C ALA C 37 36.44 -55.83 5.93
N ARG C 38 36.22 -55.71 4.63
CA ARG C 38 37.26 -55.32 3.68
C ARG C 38 37.90 -53.98 4.06
N ALA C 39 37.07 -52.98 4.31
CA ALA C 39 37.57 -51.65 4.69
C ALA C 39 38.26 -51.64 6.05
N ALA C 40 37.88 -52.55 6.94
CA ALA C 40 38.51 -52.65 8.26
C ALA C 40 39.81 -53.46 8.25
N GLY C 41 40.13 -54.11 7.13
CA GLY C 41 41.33 -54.93 7.02
C GLY C 41 41.21 -56.18 7.86
N VAL C 42 40.08 -56.87 7.70
CA VAL C 42 39.64 -57.94 8.60
C VAL C 42 38.77 -58.94 7.81
N THR C 43 38.61 -60.17 8.33
CA THR C 43 37.85 -61.22 7.64
C THR C 43 36.34 -61.05 7.88
N ARG C 44 35.55 -61.43 6.89
CA ARG C 44 34.12 -61.40 7.06
C ARG C 44 33.84 -62.00 8.40
N GLY C 45 34.31 -63.21 8.58
CA GLY C 45 33.98 -64.01 9.74
C GLY C 45 34.17 -63.28 11.05
N ALA C 46 35.21 -62.44 11.11
CA ALA C 46 35.51 -61.67 12.31
C ALA C 46 34.40 -60.68 12.62
N VAL C 47 33.89 -60.04 11.60
CA VAL C 47 32.79 -59.13 11.80
C VAL C 47 31.69 -59.98 12.39
N TYR C 48 31.17 -60.88 11.59
CA TYR C 48 30.04 -61.70 12.04
C TYR C 48 30.23 -62.20 13.48
N TRP C 49 31.44 -62.65 13.79
CA TRP C 49 31.77 -63.17 15.12
C TRP C 49 31.60 -62.10 16.21
N HIS C 50 32.03 -60.89 15.93
CA HIS C 50 31.97 -59.80 16.89
C HIS C 50 30.62 -59.10 16.98
N PHE C 51 29.88 -59.09 15.87
CA PHE C 51 28.66 -58.29 15.78
C PHE C 51 27.40 -58.99 15.25
N GLN C 52 27.40 -60.30 14.81
CA GLN C 52 26.21 -61.11 14.67
C GLN C 52 25.36 -60.71 13.48
N ASN C 53 24.93 -59.50 13.42
CA ASN C 53 24.13 -58.98 12.34
C ASN C 53 24.28 -57.48 12.16
N LYS C 54 23.98 -56.89 11.11
CA LYS C 54 24.16 -55.49 10.77
C LYS C 54 23.46 -54.59 11.79
N ALA C 55 22.23 -54.95 12.12
CA ALA C 55 21.45 -54.18 13.09
C ALA C 55 22.16 -54.09 14.44
N HIS C 56 22.69 -55.22 14.91
CA HIS C 56 23.44 -55.26 16.17
C HIS C 56 24.73 -54.46 16.07
N LEU C 57 25.36 -54.49 14.90
CA LEU C 57 26.57 -53.71 14.68
C LEU C 57 26.26 -52.22 14.83
N PHE C 58 25.18 -51.81 14.17
CA PHE C 58 24.74 -50.42 14.22
C PHE C 58 24.41 -50.00 15.65
N ASN C 59 23.68 -50.86 16.34
CA ASN C 59 23.42 -50.71 17.77
C ASN C 59 24.65 -50.41 18.63
N GLU C 60 25.64 -51.28 18.50
CA GLU C 60 26.88 -51.14 19.23
C GLU C 60 27.56 -49.81 18.88
N MET C 61 27.45 -49.42 17.61
CA MET C 61 28.00 -48.14 17.15
C MET C 61 27.36 -46.95 17.85
N LEU C 62 26.04 -46.97 17.94
CA LEU C 62 25.31 -45.93 18.66
C LEU C 62 25.72 -45.85 20.13
N ASN C 63 25.92 -47.02 20.75
CA ASN C 63 26.29 -47.06 22.18
C ASN C 63 27.59 -46.34 22.49
N GLN C 64 28.50 -46.25 21.53
CA GLN C 64 29.73 -45.45 21.67
C GLN C 64 29.46 -44.01 22.04
N VAL C 65 28.23 -43.54 21.89
CA VAL C 65 28.01 -42.14 22.25
C VAL C 65 26.74 -41.88 23.00
N ARG C 66 25.98 -42.92 23.25
CA ARG C 66 24.84 -42.77 24.15
C ARG C 66 25.42 -42.78 25.58
N LEU C 67 24.85 -41.96 26.45
CA LEU C 67 25.23 -41.94 27.88
C LEU C 67 24.67 -43.19 28.55
N PRO C 68 25.47 -43.85 29.41
CA PRO C 68 24.97 -45.06 30.08
C PRO C 68 23.91 -44.73 31.14
N PRO C 69 22.90 -45.61 31.31
CA PRO C 69 21.78 -45.36 32.21
C PRO C 69 22.19 -44.86 33.59
N GLU C 70 23.22 -45.47 34.17
CA GLU C 70 23.68 -45.15 35.52
C GLU C 70 24.19 -43.72 35.62
N GLN C 71 24.85 -43.25 34.55
CA GLN C 71 25.44 -41.90 34.55
C GLN C 71 24.37 -40.81 34.42
N LEU C 72 23.35 -41.07 33.62
CA LEU C 72 22.22 -40.14 33.50
C LEU C 72 21.54 -39.90 34.83
N THR C 73 21.09 -41.00 35.45
CA THR C 73 20.41 -40.96 36.75
C THR C 73 21.23 -40.27 37.84
N GLU C 74 22.53 -40.56 37.87
CA GLU C 74 23.46 -39.92 38.81
C GLU C 74 23.42 -38.40 38.68
N ARG C 75 23.60 -37.92 37.44
CA ARG C 75 23.64 -36.49 37.16
C ARG C 75 22.32 -35.79 37.54
N LEU C 76 21.19 -36.47 37.34
CA LEU C 76 19.90 -35.85 37.64
C LEU C 76 19.64 -35.69 39.12
N ASP C 83 20.15 -28.63 42.76
CA ASP C 83 18.93 -28.40 41.97
C ASP C 83 18.90 -29.24 40.69
N PRO C 84 18.07 -30.30 40.69
CA PRO C 84 18.08 -31.25 39.58
C PRO C 84 17.44 -30.72 38.29
N LEU C 85 16.57 -29.71 38.41
CA LEU C 85 15.96 -29.05 37.24
C LEU C 85 17.02 -28.26 36.47
N ARG C 86 17.93 -27.62 37.19
CA ARG C 86 19.10 -27.00 36.57
C ARG C 86 20.01 -28.06 35.96
N SER C 87 20.16 -29.19 36.65
CA SER C 87 21.01 -30.28 36.14
C SER C 87 20.49 -30.76 34.79
N LEU C 88 19.18 -30.97 34.69
CA LEU C 88 18.54 -31.35 33.43
C LEU C 88 18.82 -30.32 32.32
N TYR C 89 18.63 -29.05 32.62
CA TYR C 89 18.97 -27.99 31.67
C TYR C 89 20.42 -28.12 31.21
N ASP C 90 21.33 -28.19 32.16
CA ASP C 90 22.76 -28.31 31.87
C ASP C 90 23.05 -29.55 31.00
N LEU C 91 22.38 -30.66 31.31
CA LEU C 91 22.52 -31.95 30.58
C LEU C 91 22.07 -31.69 29.10
N CYS C 92 20.91 -31.05 28.94
CA CYS C 92 20.38 -30.72 27.60
C CYS C 92 21.26 -29.73 26.86
N LEU C 93 21.72 -28.70 27.57
CA LEU C 93 22.60 -27.70 26.99
C LEU C 93 23.88 -28.34 26.45
N GLU C 94 24.47 -29.23 27.24
CA GLU C 94 25.71 -29.90 26.85
C GLU C 94 25.45 -30.83 25.67
N ALA C 95 24.31 -31.51 25.72
CA ALA C 95 23.90 -32.40 24.63
C ALA C 95 23.95 -31.65 23.30
N VAL C 96 23.30 -30.49 23.25
CA VAL C 96 23.23 -29.71 22.01
C VAL C 96 24.61 -29.18 21.65
N GLN C 97 25.32 -28.65 22.64
CA GLN C 97 26.66 -28.09 22.39
C GLN C 97 27.66 -29.13 21.87
N SER C 98 27.45 -30.39 22.26
CA SER C 98 28.36 -31.48 21.88
C SER C 98 28.32 -31.79 20.39
N LEU C 99 27.25 -31.39 19.71
CA LEU C 99 27.16 -31.49 18.25
C LEU C 99 28.37 -30.89 17.55
N LEU C 100 28.99 -29.91 18.20
CA LEU C 100 30.19 -29.29 17.66
C LEU C 100 31.46 -29.85 18.28
N THR C 101 31.47 -30.04 19.59
CA THR C 101 32.73 -30.47 20.23
C THR C 101 33.16 -31.88 19.74
N GLN C 102 32.20 -32.79 19.59
CA GLN C 102 32.56 -34.20 19.37
C GLN C 102 32.20 -34.63 17.95
N GLU C 103 33.21 -34.62 17.09
CA GLU C 103 33.05 -35.07 15.72
C GLU C 103 32.45 -36.47 15.63
N LYS C 104 32.91 -37.38 16.47
CA LYS C 104 32.45 -38.76 16.43
C LYS C 104 30.94 -38.84 16.63
N LYS C 105 30.43 -38.09 17.60
CA LYS C 105 28.99 -38.03 17.88
C LYS C 105 28.25 -37.43 16.69
N ARG C 106 28.77 -36.33 16.16
CA ARG C 106 28.17 -35.70 14.99
C ARG C 106 28.08 -36.71 13.84
N ARG C 107 29.17 -37.44 13.59
CA ARG C 107 29.21 -38.44 12.52
C ARG C 107 28.16 -39.54 12.72
N ILE C 108 28.13 -40.12 13.91
CA ILE C 108 27.23 -41.24 14.20
C ILE C 108 25.77 -40.82 14.20
N LEU C 109 25.48 -39.67 14.79
CA LEU C 109 24.11 -39.16 14.79
C LEU C 109 23.67 -38.75 13.41
N THR C 110 24.59 -38.26 12.58
CA THR C 110 24.26 -37.98 11.19
C THR C 110 23.87 -39.29 10.49
N ILE C 111 24.57 -40.38 10.82
CA ILE C 111 24.18 -41.69 10.27
C ILE C 111 22.78 -42.04 10.73
N LEU C 112 22.55 -41.93 12.04
CA LEU C 112 21.27 -42.28 12.63
C LEU C 112 20.10 -41.52 12.02
N MET C 113 20.27 -40.22 11.81
CA MET C 113 19.15 -39.38 11.42
C MET C 113 19.08 -39.08 9.93
N GLN C 114 20.19 -39.21 9.22
CA GLN C 114 20.23 -38.86 7.79
C GLN C 114 20.65 -39.99 6.82
N ARG C 115 21.29 -41.06 7.31
CA ARG C 115 21.85 -42.08 6.42
C ARG C 115 21.35 -43.49 6.70
N CYS C 116 20.11 -43.65 7.09
CA CYS C 116 19.60 -44.99 7.16
C CYS C 116 18.11 -45.08 7.17
N GLU C 117 17.62 -46.25 6.82
CA GLU C 117 16.19 -46.54 6.73
C GLU C 117 15.87 -47.62 7.73
N PHE C 118 14.76 -47.48 8.44
CA PHE C 118 14.36 -48.47 9.42
C PHE C 118 13.36 -49.44 8.80
N THR C 119 13.93 -50.35 8.01
CA THR C 119 13.22 -51.47 7.41
C THR C 119 13.34 -52.67 8.35
N GLU C 120 12.83 -53.83 7.93
CA GLU C 120 12.86 -55.03 8.76
C GLU C 120 14.28 -55.50 9.07
N GLU C 121 15.25 -55.05 8.28
CA GLU C 121 16.63 -55.46 8.47
C GLU C 121 17.26 -54.80 9.69
N LEU C 122 16.77 -53.61 10.03
CA LEU C 122 17.29 -52.85 11.15
C LEU C 122 16.32 -52.78 12.34
N ARG C 123 15.37 -53.72 12.42
CA ARG C 123 14.33 -53.66 13.46
C ARG C 123 14.94 -53.74 14.86
N GLU C 124 15.97 -54.57 15.04
CA GLU C 124 16.67 -54.64 16.34
C GLU C 124 17.21 -53.30 16.81
N ALA C 125 17.72 -52.49 15.87
CA ALA C 125 18.32 -51.19 16.21
C ALA C 125 17.26 -50.14 16.53
N GLN C 126 16.15 -50.21 15.80
CA GLN C 126 15.00 -49.35 16.05
C GLN C 126 14.42 -49.58 17.44
N GLU C 127 14.19 -50.85 17.78
CA GLU C 127 13.62 -51.22 19.09
C GLU C 127 14.49 -50.74 20.26
N ARG C 128 15.79 -50.92 20.13
CA ARG C 128 16.72 -50.49 21.17
C ARG C 128 16.88 -48.99 21.22
N ASN C 129 16.78 -48.32 20.08
CA ASN C 129 16.71 -46.86 20.05
C ASN C 129 15.45 -46.36 20.75
N ASN C 130 14.30 -46.93 20.42
CA ASN C 130 13.05 -46.59 21.10
C ASN C 130 13.24 -46.75 22.63
N ALA C 131 13.83 -47.88 23.03
CA ALA C 131 14.08 -48.18 24.44
C ALA C 131 14.94 -47.12 25.14
N PHE C 132 16.02 -46.67 24.48
CA PHE C 132 16.91 -45.57 25.00
C PHE C 132 16.10 -44.30 25.17
N VAL C 133 15.31 -43.97 24.15
CA VAL C 133 14.46 -42.79 24.20
C VAL C 133 13.45 -42.88 25.33
N GLN C 134 12.90 -44.09 25.51
CA GLN C 134 11.91 -44.33 26.56
C GLN C 134 12.54 -44.15 27.93
N MET C 135 13.79 -44.57 28.07
CA MET C 135 14.50 -44.46 29.34
C MET C 135 14.71 -43.00 29.73
N PHE C 136 15.15 -42.19 28.77
CA PHE C 136 15.37 -40.76 29.01
C PHE C 136 14.06 -40.08 29.38
N ILE C 137 13.02 -40.39 28.61
CA ILE C 137 11.69 -39.84 28.86
C ILE C 137 11.16 -40.26 30.22
N GLU C 138 11.36 -41.51 30.60
CA GLU C 138 10.95 -42.01 31.91
C GLU C 138 11.68 -41.33 33.06
N LEU C 139 12.98 -41.10 32.92
CA LEU C 139 13.75 -40.40 33.95
C LEU C 139 13.32 -38.93 34.11
N CYS C 140 13.09 -38.22 33.01
CA CYS C 140 12.62 -36.83 33.11
C CYS C 140 11.24 -36.79 33.75
N GLU C 141 10.38 -37.71 33.33
CA GLU C 141 9.03 -37.81 33.87
C GLU C 141 9.10 -37.95 35.38
N GLN C 142 9.98 -38.81 35.83
CA GLN C 142 10.20 -39.04 37.23
C GLN C 142 10.71 -37.80 37.96
N LEU C 143 11.71 -37.14 37.37
CA LEU C 143 12.26 -35.88 37.86
C LEU C 143 11.18 -34.81 38.04
N PHE C 144 10.40 -34.57 37.00
CA PHE C 144 9.30 -33.58 37.07
C PHE C 144 8.23 -34.01 38.08
N ALA C 145 8.07 -35.31 38.28
CA ALA C 145 7.06 -35.85 39.18
C ALA C 145 7.41 -35.72 40.67
N ARG C 146 8.71 -35.63 40.98
CA ARG C 146 9.19 -35.42 42.35
C ARG C 146 8.55 -34.13 42.96
N ASP C 147 8.08 -34.24 44.20
CA ASP C 147 7.32 -33.17 44.86
C ASP C 147 8.03 -31.80 44.77
N GLU C 148 9.34 -31.80 45.05
CA GLU C 148 10.19 -30.59 44.96
C GLU C 148 10.11 -29.87 43.60
N CYS C 149 10.06 -30.65 42.53
CA CYS C 149 10.05 -30.12 41.16
C CYS C 149 8.64 -29.83 40.66
N ARG C 150 7.72 -30.75 40.96
CA ARG C 150 6.35 -30.70 40.45
C ARG C 150 5.60 -29.43 40.82
N VAL C 151 5.76 -28.97 42.06
CA VAL C 151 5.15 -27.70 42.50
C VAL C 151 5.59 -26.51 41.63
N ARG C 152 6.76 -26.63 41.00
CA ARG C 152 7.31 -25.54 40.20
C ARG C 152 6.73 -25.46 38.78
N LEU C 153 6.02 -26.53 38.41
CA LEU C 153 5.35 -26.66 37.11
C LEU C 153 4.18 -25.73 36.99
N HIS C 154 3.88 -25.23 35.80
CA HIS C 154 2.69 -24.38 35.64
C HIS C 154 1.37 -25.18 35.79
N PRO C 155 0.24 -24.50 36.04
CA PRO C 155 -0.94 -25.17 36.63
C PRO C 155 -1.48 -26.45 36.01
N GLY C 156 -1.94 -26.37 34.77
CA GLY C 156 -2.60 -27.48 34.13
C GLY C 156 -1.70 -28.62 33.71
N MET C 157 -0.39 -28.38 33.78
CA MET C 157 0.66 -29.19 33.15
C MET C 157 0.90 -30.52 33.84
N THR C 158 1.57 -31.44 33.16
CA THR C 158 1.94 -32.71 33.82
C THR C 158 3.41 -33.17 33.52
N PRO C 159 4.03 -33.94 34.44
CA PRO C 159 5.34 -34.56 34.16
C PRO C 159 5.38 -35.37 32.85
N ARG C 160 4.32 -36.11 32.57
CA ARG C 160 4.23 -36.86 31.32
C ARG C 160 4.46 -35.94 30.11
N ILE C 161 3.71 -34.85 30.03
CA ILE C 161 3.84 -33.90 28.93
C ILE C 161 5.18 -33.17 28.96
N ALA C 162 5.64 -32.78 30.14
CA ALA C 162 6.89 -32.02 30.27
C ALA C 162 8.03 -32.80 29.65
N SER C 163 8.17 -34.05 30.05
CA SER C 163 9.28 -34.89 29.58
C SER C 163 9.21 -35.06 28.05
N ARG C 164 7.99 -35.17 27.52
CA ARG C 164 7.81 -35.38 26.08
C ARG C 164 8.01 -34.13 25.24
N ALA C 165 7.49 -33.00 25.73
CA ALA C 165 7.76 -31.72 25.10
C ALA C 165 9.26 -31.46 25.04
N LEU C 166 9.94 -31.67 26.17
CA LEU C 166 11.38 -31.41 26.25
C LEU C 166 12.15 -32.30 25.31
N HIS C 167 11.81 -33.59 25.28
CA HIS C 167 12.55 -34.51 24.44
C HIS C 167 12.38 -34.16 22.96
N ALA C 168 11.14 -33.90 22.56
CA ALA C 168 10.84 -33.50 21.19
C ALA C 168 11.71 -32.30 20.79
N LEU C 169 11.82 -31.31 21.66
CA LEU C 169 12.65 -30.14 21.36
C LEU C 169 14.10 -30.53 21.10
N ILE C 170 14.67 -31.33 21.98
CA ILE C 170 16.08 -31.70 21.82
C ILE C 170 16.25 -32.49 20.54
N LEU C 171 15.35 -33.46 20.32
CA LEU C 171 15.39 -34.27 19.12
C LEU C 171 15.30 -33.41 17.87
N GLY C 172 14.35 -32.47 17.87
CA GLY C 172 14.16 -31.56 16.75
C GLY C 172 15.37 -30.69 16.47
N LEU C 173 16.03 -30.25 17.53
CA LEU C 173 17.22 -29.42 17.39
C LEU C 173 18.36 -30.20 16.75
N PHE C 174 18.53 -31.44 17.19
CA PHE C 174 19.54 -32.33 16.61
C PHE C 174 19.23 -32.55 15.14
N ASN C 175 17.98 -32.90 14.89
CA ASN C 175 17.53 -33.24 13.54
C ASN C 175 17.69 -32.08 12.57
N ASP C 176 17.23 -30.90 12.99
CA ASP C 176 17.38 -29.69 12.18
C ASP C 176 18.84 -29.38 11.89
N TRP C 177 19.66 -29.33 12.94
CA TRP C 177 21.04 -28.90 12.77
C TRP C 177 21.85 -29.86 11.92
N LEU C 178 21.56 -31.15 12.03
CA LEU C 178 22.29 -32.15 11.25
C LEU C 178 21.87 -32.16 9.78
N ARG C 179 20.61 -31.87 9.52
CA ARG C 179 20.14 -31.70 8.15
C ARG C 179 20.74 -30.42 7.53
N ASP C 180 20.95 -29.40 8.36
CA ASP C 180 21.36 -28.09 7.89
C ASP C 180 22.11 -27.34 8.99
N PRO C 181 23.44 -27.48 9.05
CA PRO C 181 24.25 -26.81 10.06
C PRO C 181 24.26 -25.28 10.03
N ARG C 182 23.72 -24.67 8.99
CA ARG C 182 23.67 -23.22 8.89
C ARG C 182 22.58 -22.61 9.78
N LEU C 183 21.67 -23.43 10.25
CA LEU C 183 20.52 -22.93 10.97
C LEU C 183 20.89 -22.19 12.23
N PHE C 184 21.79 -22.75 12.99
CA PHE C 184 22.25 -22.12 14.21
C PHE C 184 23.62 -22.60 14.62
N ASP C 185 24.16 -21.95 15.65
CA ASP C 185 25.46 -22.29 16.21
C ASP C 185 25.26 -22.99 17.56
N PRO C 186 25.47 -24.32 17.61
CA PRO C 186 25.26 -25.09 18.84
C PRO C 186 25.96 -24.51 20.06
N ASP C 187 27.14 -23.95 19.87
CA ASP C 187 27.85 -23.30 20.96
C ASP C 187 27.04 -22.15 21.58
N THR C 188 26.87 -21.08 20.80
CA THR C 188 26.35 -19.82 21.32
C THR C 188 24.81 -19.74 21.33
N ASP C 189 24.14 -20.52 20.48
CA ASP C 189 22.66 -20.49 20.39
C ASP C 189 21.92 -21.51 21.27
N ALA C 190 22.61 -22.56 21.72
CA ALA C 190 21.96 -23.58 22.53
C ALA C 190 21.18 -23.02 23.72
N GLU C 191 21.82 -22.13 24.49
CA GLU C 191 21.17 -21.52 25.66
C GLU C 191 19.82 -20.92 25.29
N HIS C 192 19.80 -20.17 24.20
CA HIS C 192 18.61 -19.42 23.79
C HIS C 192 17.53 -20.29 23.14
N LEU C 193 17.95 -21.36 22.49
CA LEU C 193 17.00 -22.31 21.88
C LEU C 193 16.26 -23.12 22.93
N LEU C 194 16.94 -23.45 24.02
CA LEU C 194 16.36 -24.20 25.13
C LEU C 194 15.59 -23.32 26.12
N GLU C 195 16.04 -22.08 26.30
CA GLU C 195 15.44 -21.15 27.26
C GLU C 195 13.90 -21.20 27.29
N PRO C 196 13.24 -20.95 26.13
CA PRO C 196 11.79 -20.84 26.19
C PRO C 196 11.07 -22.11 26.67
N MET C 197 11.61 -23.28 26.35
CA MET C 197 10.97 -24.51 26.80
C MET C 197 11.03 -24.59 28.33
N PHE C 198 12.18 -24.30 28.90
CA PHE C 198 12.32 -24.32 30.36
C PHE C 198 11.55 -23.19 31.04
N ARG C 199 11.56 -22.01 30.42
CA ARG C 199 10.76 -20.91 30.94
C ARG C 199 9.27 -21.25 30.91
N GLY C 200 8.83 -21.94 29.86
CA GLY C 200 7.42 -22.32 29.71
C GLY C 200 6.95 -23.47 30.60
N LEU C 201 7.90 -24.29 31.06
CA LEU C 201 7.57 -25.44 31.91
C LEU C 201 7.62 -25.10 33.41
N VAL C 202 8.55 -24.24 33.80
CA VAL C 202 8.85 -23.99 35.21
C VAL C 202 8.59 -22.52 35.57
N ARG C 203 7.94 -22.30 36.71
CA ARG C 203 7.55 -20.98 37.17
C ARG C 203 8.89 -20.30 37.57
N ASP C 204 9.04 -18.98 37.39
CA ASP C 204 10.31 -18.21 37.81
C ASP C 204 11.66 -18.86 37.46
N TRP C 205 11.66 -19.53 36.33
CA TRP C 205 12.89 -19.83 35.64
C TRP C 205 13.58 -18.53 35.26
N ASP D 7 -5.10 -34.77 -18.95
CA ASP D 7 -5.34 -36.20 -19.30
C ASP D 7 -4.42 -37.16 -18.51
N SER D 8 -3.13 -36.83 -18.47
CA SER D 8 -2.08 -37.73 -18.00
C SER D 8 -1.81 -37.61 -16.42
N GLU D 9 -2.60 -36.79 -15.73
CA GLU D 9 -2.55 -36.67 -14.26
C GLU D 9 -2.96 -37.98 -13.56
N LYS D 10 -3.83 -38.76 -14.19
CA LYS D 10 -4.25 -40.05 -13.62
C LYS D 10 -3.07 -41.05 -13.54
N THR D 11 -2.21 -41.06 -14.55
CA THR D 11 -1.03 -41.92 -14.52
C THR D 11 0.04 -41.39 -13.53
N ARG D 12 0.16 -40.07 -13.41
CA ARG D 12 1.04 -39.47 -12.38
C ARG D 12 0.69 -39.92 -10.96
N THR D 13 -0.58 -39.79 -10.58
CA THR D 13 -1.03 -40.17 -9.23
C THR D 13 -0.92 -41.69 -8.99
N ALA D 14 -1.14 -42.50 -10.03
CA ALA D 14 -1.01 -43.95 -9.91
C ALA D 14 0.42 -44.35 -9.55
N ILE D 15 1.38 -43.62 -10.11
CA ILE D 15 2.81 -43.89 -9.90
C ILE D 15 3.22 -43.48 -8.49
N LEU D 16 2.86 -42.25 -8.12
CA LEU D 16 3.14 -41.75 -6.77
C LEU D 16 2.52 -42.61 -5.68
N LEU D 17 1.34 -43.15 -5.94
CA LEU D 17 0.67 -44.05 -5.01
C LEU D 17 1.42 -45.37 -4.86
N ALA D 18 1.84 -45.94 -5.98
CA ALA D 18 2.63 -47.17 -5.98
C ALA D 18 3.95 -46.95 -5.25
N ALA D 19 4.62 -45.85 -5.58
CA ALA D 19 5.92 -45.53 -4.99
C ALA D 19 5.81 -45.31 -3.47
N GLU D 20 4.76 -44.61 -3.07
CA GLU D 20 4.42 -44.42 -1.66
C GLU D 20 4.34 -45.76 -0.93
N GLU D 21 3.57 -46.69 -1.50
CA GLU D 21 3.44 -48.01 -0.91
C GLU D 21 4.79 -48.72 -0.79
N LEU D 22 5.56 -48.72 -1.88
CA LEU D 22 6.84 -49.46 -1.90
C LEU D 22 7.91 -48.82 -1.01
N PHE D 23 8.07 -47.51 -1.11
CA PHE D 23 9.02 -46.79 -0.25
C PHE D 23 8.77 -47.12 1.20
N LEU D 24 7.50 -47.04 1.58
CA LEU D 24 7.05 -47.36 2.92
C LEU D 24 7.41 -48.79 3.30
N GLU D 25 7.01 -49.73 2.45
CA GLU D 25 7.15 -51.16 2.73
C GLU D 25 8.59 -51.63 2.76
N LYS D 26 9.45 -51.01 1.98
CA LYS D 26 10.80 -51.54 1.85
C LYS D 26 11.96 -50.53 1.78
N GLY D 27 11.65 -49.24 1.93
CA GLY D 27 12.67 -48.21 1.92
C GLY D 27 12.93 -47.69 0.52
N VAL D 28 13.40 -46.44 0.44
CA VAL D 28 13.62 -45.77 -0.84
C VAL D 28 14.81 -46.33 -1.61
N SER D 29 15.87 -46.67 -0.89
CA SER D 29 17.11 -47.11 -1.55
C SER D 29 16.94 -48.50 -2.17
N HIS D 30 16.12 -49.34 -1.57
CA HIS D 30 15.83 -50.67 -2.10
C HIS D 30 14.69 -50.68 -3.13
N THR D 31 14.07 -49.52 -3.36
CA THR D 31 13.04 -49.36 -4.39
C THR D 31 13.59 -48.66 -5.63
N SER D 32 13.28 -49.22 -6.78
CA SER D 32 13.73 -48.71 -8.07
C SER D 32 12.56 -48.20 -8.89
N LEU D 33 12.85 -47.40 -9.90
CA LEU D 33 11.80 -46.87 -10.77
C LEU D 33 11.12 -47.99 -11.57
N GLU D 34 11.85 -49.09 -11.77
CA GLU D 34 11.35 -50.26 -12.48
C GLU D 34 10.26 -50.93 -11.65
N GLN D 35 10.58 -51.16 -10.38
CA GLN D 35 9.64 -51.77 -9.43
C GLN D 35 8.40 -50.91 -9.23
N ILE D 36 8.60 -49.60 -9.25
CA ILE D 36 7.49 -48.65 -9.12
C ILE D 36 6.60 -48.74 -10.35
N ALA D 37 7.24 -48.73 -11.53
CA ALA D 37 6.52 -48.87 -12.80
C ALA D 37 5.66 -50.12 -12.79
N ARG D 38 6.28 -51.24 -12.46
CA ARG D 38 5.60 -52.53 -12.42
C ARG D 38 4.40 -52.49 -11.47
N ALA D 39 4.62 -52.03 -10.25
CA ALA D 39 3.55 -51.95 -9.25
C ALA D 39 2.45 -50.96 -9.63
N ALA D 40 2.79 -49.93 -10.40
CA ALA D 40 1.80 -48.96 -10.85
C ALA D 40 1.02 -49.41 -12.11
N GLY D 41 1.44 -50.51 -12.72
CA GLY D 41 0.79 -51.01 -13.92
C GLY D 41 1.06 -50.11 -15.11
N VAL D 42 2.33 -49.76 -15.29
CA VAL D 42 2.76 -48.89 -16.38
C VAL D 42 4.17 -49.17 -16.81
N THR D 43 4.63 -48.49 -17.86
CA THR D 43 5.93 -48.74 -18.42
C THR D 43 7.03 -47.97 -17.69
N ARG D 44 8.22 -48.56 -17.61
CA ARG D 44 9.37 -47.86 -17.07
C ARG D 44 9.58 -46.47 -17.68
N GLY D 45 9.28 -46.36 -18.96
CA GLY D 45 9.40 -45.13 -19.70
C GLY D 45 8.47 -44.08 -19.22
N ALA D 46 7.27 -44.48 -18.90
CA ALA D 46 6.27 -43.53 -18.47
C ALA D 46 6.74 -42.90 -17.19
N VAL D 47 7.31 -43.71 -16.32
CA VAL D 47 7.80 -43.19 -15.06
C VAL D 47 8.92 -42.22 -15.31
N TYR D 48 9.83 -42.58 -16.18
CA TYR D 48 10.95 -41.74 -16.45
C TYR D 48 10.46 -40.46 -17.03
N TRP D 49 9.52 -40.57 -17.95
CA TRP D 49 9.10 -39.42 -18.67
C TRP D 49 8.52 -38.44 -17.70
N HIS D 50 7.68 -38.93 -16.81
CA HIS D 50 7.09 -38.10 -15.77
C HIS D 50 7.99 -37.59 -14.67
N PHE D 51 8.86 -38.44 -14.13
CA PHE D 51 9.67 -38.02 -13.01
C PHE D 51 11.17 -38.05 -13.20
N GLN D 52 11.62 -38.51 -14.35
CA GLN D 52 13.03 -38.41 -14.67
C GLN D 52 13.95 -39.25 -13.83
N ASN D 53 14.03 -39.01 -12.54
CA ASN D 53 14.90 -39.72 -11.62
C ASN D 53 14.31 -39.83 -10.26
N LYS D 54 14.70 -40.65 -9.39
CA LYS D 54 14.11 -41.03 -8.12
C LYS D 54 13.96 -39.88 -7.16
N ALA D 55 14.97 -39.06 -7.09
CA ALA D 55 14.96 -37.91 -6.18
C ALA D 55 13.83 -36.96 -6.49
N HIS D 56 13.66 -36.66 -7.77
CA HIS D 56 12.59 -35.79 -8.21
C HIS D 56 11.23 -36.41 -7.97
N LEU D 57 11.14 -37.73 -8.12
CA LEU D 57 9.89 -38.44 -7.87
C LEU D 57 9.52 -38.30 -6.40
N PHE D 58 10.50 -38.51 -5.53
CA PHE D 58 10.31 -38.39 -4.09
C PHE D 58 9.88 -36.96 -3.72
N ASN D 59 10.58 -35.98 -4.28
CA ASN D 59 10.20 -34.59 -4.18
C ASN D 59 8.73 -34.29 -4.48
N GLU D 60 8.29 -34.72 -5.64
CA GLU D 60 6.91 -34.52 -6.07
C GLU D 60 5.96 -35.19 -5.07
N MET D 61 6.37 -36.34 -4.54
CA MET D 61 5.59 -37.06 -3.54
C MET D 61 5.39 -36.24 -2.27
N LEU D 62 6.47 -35.67 -1.77
CA LEU D 62 6.41 -34.79 -0.61
C LEU D 62 5.49 -33.59 -0.84
N ASN D 63 5.52 -33.03 -2.05
CA ASN D 63 4.70 -31.85 -2.38
C ASN D 63 3.20 -32.10 -2.24
N GLN D 64 2.78 -33.34 -2.42
CA GLN D 64 1.39 -33.74 -2.17
C GLN D 64 0.91 -33.38 -0.77
N VAL D 65 1.86 -33.12 0.12
CA VAL D 65 1.58 -33.01 1.54
C VAL D 65 2.22 -31.80 2.23
N ARG D 66 2.98 -31.01 1.47
CA ARG D 66 3.59 -29.78 1.96
C ARG D 66 2.64 -28.65 1.62
N LEU D 67 2.51 -27.68 2.51
CA LEU D 67 1.71 -26.49 2.26
C LEU D 67 2.42 -25.59 1.27
N PRO D 68 1.68 -25.03 0.29
CA PRO D 68 2.31 -24.15 -0.68
C PRO D 68 2.68 -22.79 -0.07
N PRO D 69 3.82 -22.21 -0.50
CA PRO D 69 4.33 -20.96 0.09
C PRO D 69 3.28 -19.87 0.26
N GLU D 70 2.44 -19.68 -0.75
CA GLU D 70 1.43 -18.63 -0.74
C GLU D 70 0.39 -18.82 0.36
N GLN D 71 0.05 -20.08 0.64
CA GLN D 71 -0.97 -20.40 1.65
C GLN D 71 -0.44 -20.18 3.07
N LEU D 72 0.82 -20.53 3.30
CA LEU D 72 1.49 -20.28 4.57
C LEU D 72 1.44 -18.80 4.94
N THR D 73 1.99 -17.98 4.04
CA THR D 73 2.07 -16.52 4.23
C THR D 73 0.71 -15.88 4.46
N GLU D 74 -0.28 -16.32 3.70
CA GLU D 74 -1.66 -15.86 3.87
C GLU D 74 -2.12 -16.07 5.32
N ARG D 75 -1.96 -17.29 5.81
CA ARG D 75 -2.37 -17.65 7.18
C ARG D 75 -1.66 -16.87 8.30
N ASP D 83 -4.95 -11.72 15.28
CA ASP D 83 -3.72 -12.03 16.01
C ASP D 83 -2.89 -13.14 15.34
N PRO D 84 -1.78 -12.76 14.69
CA PRO D 84 -1.01 -13.72 13.91
C PRO D 84 -0.21 -14.72 14.76
N LEU D 85 0.09 -14.36 16.02
CA LEU D 85 0.76 -15.26 16.94
C LEU D 85 -0.17 -16.44 17.30
N ARG D 86 -1.46 -16.15 17.48
CA ARG D 86 -2.46 -17.20 17.66
C ARG D 86 -2.58 -18.02 16.37
N SER D 87 -2.50 -17.36 15.23
CA SER D 87 -2.59 -18.06 13.95
C SER D 87 -1.48 -19.10 13.83
N LEU D 88 -0.26 -18.69 14.15
CA LEU D 88 0.89 -19.59 14.16
C LEU D 88 0.65 -20.80 15.08
N TYR D 89 0.20 -20.53 16.31
CA TYR D 89 -0.15 -21.61 17.24
C TYR D 89 -1.15 -22.56 16.60
N ASP D 90 -2.25 -22.02 16.09
CA ASP D 90 -3.31 -22.82 15.47
C ASP D 90 -2.74 -23.64 14.30
N LEU D 91 -1.87 -23.03 13.52
CA LEU D 91 -1.24 -23.70 12.39
C LEU D 91 -0.38 -24.90 12.88
N CYS D 92 0.42 -24.66 13.92
CA CYS D 92 1.23 -25.71 14.54
C CYS D 92 0.37 -26.81 15.16
N LEU D 93 -0.68 -26.39 15.86
CA LEU D 93 -1.60 -27.33 16.51
C LEU D 93 -2.24 -28.25 15.49
N GLU D 94 -2.68 -27.68 14.36
CA GLU D 94 -3.31 -28.46 13.30
C GLU D 94 -2.28 -29.38 12.65
N ALA D 95 -1.07 -28.87 12.46
CA ALA D 95 0.02 -29.67 11.90
C ALA D 95 0.19 -30.96 12.69
N VAL D 96 0.28 -30.84 14.01
CA VAL D 96 0.50 -32.01 14.85
C VAL D 96 -0.73 -32.90 14.83
N GLN D 97 -1.90 -32.31 14.96
CA GLN D 97 -3.16 -33.08 14.97
C GLN D 97 -3.40 -33.85 13.67
N SER D 98 -2.88 -33.32 12.56
CA SER D 98 -3.07 -33.94 11.25
C SER D 98 -2.35 -35.28 11.10
N LEU D 99 -1.37 -35.53 11.95
CA LEU D 99 -0.70 -36.84 12.01
C LEU D 99 -1.69 -37.98 12.15
N LEU D 100 -2.83 -37.68 12.78
CA LEU D 100 -3.90 -38.66 12.96
C LEU D 100 -4.98 -38.55 11.87
N THR D 101 -5.41 -37.33 11.53
CA THR D 101 -6.53 -37.18 10.57
C THR D 101 -6.13 -37.72 9.16
N GLN D 102 -4.92 -37.40 8.71
CA GLN D 102 -4.55 -37.63 7.31
C GLN D 102 -3.56 -38.78 7.19
N GLU D 103 -4.09 -39.96 6.87
CA GLU D 103 -3.28 -41.14 6.65
C GLU D 103 -2.19 -40.91 5.60
N LYS D 104 -2.53 -40.23 4.52
CA LYS D 104 -1.58 -40.02 3.44
C LYS D 104 -0.34 -39.24 3.94
N LYS D 105 -0.59 -38.27 4.77
CA LYS D 105 0.51 -37.50 5.32
C LYS D 105 1.32 -38.37 6.25
N ARG D 106 0.66 -39.01 7.11
CA ARG D 106 1.36 -39.91 8.02
C ARG D 106 2.25 -40.87 7.24
N ARG D 107 1.72 -41.45 6.16
CA ARG D 107 2.48 -42.40 5.33
C ARG D 107 3.72 -41.76 4.70
N ILE D 108 3.53 -40.60 4.07
CA ILE D 108 4.62 -39.92 3.37
C ILE D 108 5.69 -39.39 4.33
N LEU D 109 5.25 -38.81 5.44
CA LEU D 109 6.21 -38.33 6.44
C LEU D 109 6.93 -39.48 7.12
N THR D 110 6.28 -40.62 7.28
CA THR D 110 6.96 -41.78 7.79
C THR D 110 8.06 -42.19 6.81
N ILE D 111 7.79 -42.10 5.51
CA ILE D 111 8.82 -42.36 4.51
C ILE D 111 9.98 -41.38 4.68
N LEU D 112 9.64 -40.09 4.77
CA LEU D 112 10.64 -39.03 4.88
C LEU D 112 11.55 -39.20 6.09
N MET D 113 10.97 -39.55 7.22
CA MET D 113 11.72 -39.55 8.48
C MET D 113 12.24 -40.91 8.90
N GLN D 114 11.61 -41.99 8.44
CA GLN D 114 11.98 -43.34 8.87
C GLN D 114 12.43 -44.32 7.76
N ARG D 115 12.13 -44.03 6.49
CA ARG D 115 12.41 -44.99 5.40
C ARG D 115 13.26 -44.45 4.27
N CYS D 116 14.26 -43.63 4.58
CA CYS D 116 15.05 -43.04 3.49
C CYS D 116 16.37 -42.41 3.93
N GLU D 117 17.43 -42.70 3.18
CA GLU D 117 18.77 -42.23 3.48
C GLU D 117 19.09 -41.12 2.52
N PHE D 118 19.70 -40.05 3.01
CA PHE D 118 20.07 -38.94 2.14
C PHE D 118 21.51 -39.06 1.71
N THR D 119 21.69 -39.95 0.73
CA THR D 119 22.95 -40.15 0.05
C THR D 119 22.96 -39.24 -1.18
N GLU D 120 24.00 -39.34 -2.01
CA GLU D 120 24.07 -38.59 -3.26
C GLU D 120 22.84 -38.80 -4.15
N GLU D 121 22.33 -40.04 -4.20
CA GLU D 121 21.17 -40.37 -5.03
C GLU D 121 19.97 -39.45 -4.78
N LEU D 122 19.81 -38.98 -3.54
CA LEU D 122 18.66 -38.18 -3.16
C LEU D 122 19.00 -36.72 -2.84
N ARG D 123 20.13 -36.24 -3.34
CA ARG D 123 20.63 -34.89 -3.00
C ARG D 123 19.60 -33.82 -3.44
N GLU D 124 18.97 -33.99 -4.60
CA GLU D 124 17.93 -33.05 -5.04
C GLU D 124 16.76 -32.91 -4.06
N ALA D 125 16.38 -34.02 -3.42
CA ALA D 125 15.26 -34.03 -2.50
C ALA D 125 15.61 -33.41 -1.16
N GLN D 126 16.85 -33.64 -0.74
CA GLN D 126 17.38 -33.04 0.48
C GLN D 126 17.43 -31.51 0.36
N GLU D 127 17.98 -31.03 -0.75
CA GLU D 127 18.11 -29.60 -0.99
C GLU D 127 16.77 -28.87 -0.99
N ARG D 128 15.77 -29.48 -1.62
CA ARG D 128 14.45 -28.89 -1.67
C ARG D 128 13.70 -29.00 -0.36
N ASN D 129 13.96 -30.07 0.38
CA ASN D 129 13.48 -30.16 1.75
C ASN D 129 14.07 -29.08 2.63
N ASN D 130 15.39 -28.89 2.57
CA ASN D 130 16.04 -27.81 3.30
C ASN D 130 15.41 -26.47 2.96
N ALA D 131 15.19 -26.25 1.67
CA ALA D 131 14.60 -25.01 1.17
C ALA D 131 13.21 -24.76 1.78
N PHE D 132 12.38 -25.79 1.82
CA PHE D 132 11.05 -25.68 2.42
C PHE D 132 11.12 -25.38 3.93
N VAL D 133 11.99 -26.09 4.63
CA VAL D 133 12.18 -25.82 6.05
C VAL D 133 12.74 -24.39 6.26
N GLN D 134 13.65 -23.97 5.38
CA GLN D 134 14.25 -22.63 5.48
C GLN D 134 13.16 -21.55 5.25
N MET D 135 12.22 -21.83 4.35
CA MET D 135 11.09 -20.93 4.14
C MET D 135 10.22 -20.76 5.37
N PHE D 136 9.76 -21.87 5.95
CA PHE D 136 8.92 -21.83 7.14
C PHE D 136 9.62 -21.05 8.25
N ILE D 137 10.90 -21.35 8.45
CA ILE D 137 11.71 -20.67 9.45
C ILE D 137 11.82 -19.17 9.16
N GLU D 138 12.03 -18.81 7.88
CA GLU D 138 12.13 -17.40 7.47
C GLU D 138 10.79 -16.66 7.72
N LEU D 139 9.66 -17.30 7.44
CA LEU D 139 8.36 -16.67 7.69
C LEU D 139 8.06 -16.47 9.18
N CYS D 140 8.37 -17.46 10.01
CA CYS D 140 8.17 -17.29 11.46
C CYS D 140 9.08 -16.19 11.99
N GLU D 141 10.32 -16.19 11.53
CA GLU D 141 11.29 -15.17 11.92
C GLU D 141 10.71 -13.78 11.62
N GLN D 142 10.14 -13.63 10.43
CA GLN D 142 9.50 -12.37 9.99
C GLN D 142 8.34 -12.00 10.91
N LEU D 143 7.47 -12.98 11.18
CA LEU D 143 6.34 -12.83 12.09
C LEU D 143 6.75 -12.34 13.48
N PHE D 144 7.71 -13.04 14.10
CA PHE D 144 8.21 -12.63 15.42
C PHE D 144 8.91 -11.27 15.37
N ALA D 145 9.47 -10.93 14.21
CA ALA D 145 10.22 -9.67 14.04
C ALA D 145 9.31 -8.45 13.92
N ARG D 146 8.06 -8.65 13.49
CA ARG D 146 7.07 -7.57 13.43
C ARG D 146 6.93 -6.87 14.78
N ASP D 147 6.88 -5.54 14.75
CA ASP D 147 6.83 -4.72 15.97
C ASP D 147 5.75 -5.20 16.94
N GLU D 148 4.54 -5.43 16.40
CA GLU D 148 3.40 -5.94 17.20
C GLU D 148 3.70 -7.18 18.01
N CYS D 149 4.44 -8.11 17.43
CA CYS D 149 4.79 -9.35 18.11
C CYS D 149 6.23 -9.31 18.62
N ARG D 150 6.92 -8.21 18.34
CA ARG D 150 8.31 -8.05 18.76
C ARG D 150 8.38 -7.48 20.18
N VAL D 151 7.26 -6.98 20.68
CA VAL D 151 7.20 -6.42 22.02
C VAL D 151 6.59 -7.41 23.01
N ARG D 152 6.18 -8.57 22.50
CA ARG D 152 5.59 -9.61 23.34
C ARG D 152 6.57 -10.71 23.76
N LEU D 153 7.73 -10.77 23.10
CA LEU D 153 8.74 -11.77 23.42
C LEU D 153 9.45 -11.43 24.70
N HIS D 154 9.94 -12.44 25.42
CA HIS D 154 10.71 -12.19 26.66
C HIS D 154 12.06 -11.52 26.34
N PRO D 155 12.69 -10.87 27.32
CA PRO D 155 13.96 -10.13 27.12
C PRO D 155 15.09 -10.69 26.21
N GLY D 156 15.68 -11.83 26.56
CA GLY D 156 16.79 -12.43 25.81
C GLY D 156 16.44 -13.07 24.48
N MET D 157 15.16 -13.02 24.12
CA MET D 157 14.60 -13.86 23.08
C MET D 157 14.40 -13.15 21.73
N THR D 158 15.16 -13.59 20.71
CA THR D 158 15.20 -12.96 19.38
C THR D 158 14.30 -13.75 18.40
N PRO D 159 13.76 -13.07 17.35
CA PRO D 159 13.00 -13.77 16.30
C PRO D 159 13.77 -14.94 15.67
N ARG D 160 15.06 -14.75 15.43
CA ARG D 160 15.89 -15.82 14.90
C ARG D 160 15.76 -17.09 15.75
N ILE D 161 15.98 -16.95 17.05
CA ILE D 161 15.90 -18.10 17.96
C ILE D 161 14.49 -18.63 18.12
N ALA D 162 13.51 -17.73 18.21
CA ALA D 162 12.11 -18.13 18.39
C ALA D 162 11.68 -19.07 17.28
N SER D 163 11.92 -18.66 16.04
CA SER D 163 11.50 -19.44 14.89
C SER D 163 12.20 -20.82 14.89
N ARG D 164 13.45 -20.85 15.31
CA ARG D 164 14.22 -22.10 15.30
C ARG D 164 13.85 -23.04 16.45
N ALA D 165 13.66 -22.48 17.64
CA ALA D 165 13.17 -23.26 18.77
C ALA D 165 11.82 -23.89 18.42
N LEU D 166 10.92 -23.08 17.89
CA LEU D 166 9.59 -23.56 17.55
C LEU D 166 9.64 -24.65 16.50
N HIS D 167 10.44 -24.44 15.46
CA HIS D 167 10.48 -25.44 14.38
C HIS D 167 11.04 -26.76 14.90
N ALA D 168 12.13 -26.68 15.67
CA ALA D 168 12.72 -27.88 16.26
C ALA D 168 11.66 -28.65 17.05
N LEU D 169 10.85 -27.95 17.84
CA LEU D 169 9.81 -28.63 18.60
C LEU D 169 8.83 -29.40 17.71
N ILE D 170 8.32 -28.73 16.68
CA ILE D 170 7.39 -29.36 15.76
C ILE D 170 8.03 -30.55 15.05
N LEU D 171 9.28 -30.37 14.62
CA LEU D 171 10.01 -31.43 13.94
C LEU D 171 10.25 -32.61 14.88
N GLY D 172 10.58 -32.31 16.13
CA GLY D 172 10.82 -33.34 17.13
C GLY D 172 9.57 -34.12 17.48
N LEU D 173 8.45 -33.42 17.54
CA LEU D 173 7.17 -34.06 17.85
C LEU D 173 6.75 -35.02 16.75
N PHE D 174 6.92 -34.59 15.51
CA PHE D 174 6.65 -35.44 14.36
C PHE D 174 7.55 -36.66 14.40
N ASN D 175 8.83 -36.40 14.59
CA ASN D 175 9.84 -37.44 14.57
C ASN D 175 9.61 -38.48 15.66
N ASP D 176 9.37 -38.01 16.88
CA ASP D 176 9.09 -38.89 18.00
C ASP D 176 7.84 -39.73 17.75
N TRP D 177 6.74 -39.08 17.38
CA TRP D 177 5.47 -39.79 17.26
C TRP D 177 5.49 -40.80 16.13
N LEU D 178 6.21 -40.51 15.05
CA LEU D 178 6.27 -41.43 13.91
C LEU D 178 7.17 -42.62 14.21
N ARG D 179 8.23 -42.41 14.99
CA ARG D 179 9.07 -43.50 15.46
C ARG D 179 8.32 -44.39 16.45
N ASP D 180 7.42 -43.78 17.24
CA ASP D 180 6.74 -44.47 18.33
C ASP D 180 5.40 -43.79 18.63
N PRO D 181 4.32 -44.26 17.99
CA PRO D 181 2.99 -43.66 18.17
C PRO D 181 2.39 -43.79 19.58
N ARG D 182 3.01 -44.59 20.45
CA ARG D 182 2.52 -44.76 21.81
C ARG D 182 2.84 -43.57 22.70
N LEU D 183 3.80 -42.77 22.31
CA LEU D 183 4.22 -41.69 23.18
C LEU D 183 3.06 -40.82 23.57
N PHE D 184 2.36 -40.30 22.59
CA PHE D 184 1.27 -39.39 22.88
C PHE D 184 0.15 -39.49 21.87
N ASP D 185 -0.94 -38.79 22.18
CA ASP D 185 -2.09 -38.74 21.31
C ASP D 185 -2.14 -37.36 20.63
N PRO D 186 -1.81 -37.30 19.33
CA PRO D 186 -1.81 -36.04 18.60
C PRO D 186 -3.08 -35.22 18.76
N ASP D 187 -4.23 -35.89 18.83
CA ASP D 187 -5.49 -35.18 19.04
C ASP D 187 -5.49 -34.41 20.36
N THR D 188 -5.48 -35.13 21.48
CA THR D 188 -5.72 -34.54 22.80
C THR D 188 -4.46 -33.96 23.46
N ASP D 189 -3.28 -34.44 23.08
CA ASP D 189 -2.02 -33.97 23.68
C ASP D 189 -1.33 -32.80 22.95
N ALA D 190 -1.68 -32.57 21.69
CA ALA D 190 -1.02 -31.51 20.92
C ALA D 190 -1.04 -30.16 21.63
N GLU D 191 -2.20 -29.77 22.12
CA GLU D 191 -2.34 -28.48 22.84
C GLU D 191 -1.30 -28.35 23.95
N HIS D 192 -1.16 -29.40 24.75
CA HIS D 192 -0.30 -29.39 25.93
C HIS D 192 1.18 -29.53 25.61
N LEU D 193 1.50 -30.22 24.52
CA LEU D 193 2.89 -30.35 24.07
C LEU D 193 3.45 -29.04 23.52
N LEU D 194 2.59 -28.26 22.84
CA LEU D 194 2.98 -26.97 22.27
C LEU D 194 2.90 -25.83 23.30
N GLU D 195 1.96 -25.93 24.24
CA GLU D 195 1.76 -24.88 25.26
C GLU D 195 3.06 -24.28 25.83
N PRO D 196 3.93 -25.12 26.42
CA PRO D 196 5.10 -24.53 27.09
C PRO D 196 6.02 -23.73 26.16
N MET D 197 6.15 -24.14 24.90
CA MET D 197 7.02 -23.39 23.98
C MET D 197 6.43 -21.99 23.77
N PHE D 198 5.13 -21.92 23.52
CA PHE D 198 4.48 -20.63 23.32
C PHE D 198 4.45 -19.80 24.59
N ARG D 199 4.21 -20.46 25.72
CA ARG D 199 4.24 -19.76 27.01
C ARG D 199 5.65 -19.21 27.30
N GLY D 200 6.68 -19.97 26.93
CA GLY D 200 8.06 -19.56 27.14
C GLY D 200 8.59 -18.50 26.18
N LEU D 201 7.95 -18.36 25.03
CA LEU D 201 8.37 -17.36 24.03
C LEU D 201 7.66 -16.02 24.20
N VAL D 202 6.38 -16.06 24.58
CA VAL D 202 5.51 -14.88 24.58
C VAL D 202 4.99 -14.57 25.99
N ARG D 203 5.03 -13.29 26.37
CA ARG D 203 4.72 -12.88 27.75
C ARG D 203 3.32 -13.17 28.22
N ASP D 204 2.34 -12.67 27.47
CA ASP D 204 0.96 -12.69 27.92
C ASP D 204 0.20 -13.94 27.49
N TRP D 205 0.89 -15.05 27.28
CA TRP D 205 0.26 -16.23 26.73
C TRP D 205 -0.69 -16.90 27.73
N SER E 8 17.33 3.32 -3.72
CA SER E 8 16.29 4.21 -4.33
C SER E 8 16.68 4.76 -5.69
N GLU E 9 17.93 5.20 -5.85
CA GLU E 9 18.42 5.70 -7.14
C GLU E 9 18.50 4.58 -8.19
N LYS E 10 18.72 3.34 -7.76
CA LYS E 10 18.74 2.20 -8.67
C LYS E 10 17.38 1.96 -9.33
N THR E 11 16.30 2.10 -8.56
CA THR E 11 14.93 1.97 -9.07
C THR E 11 14.57 3.15 -9.99
N ARG E 12 15.03 4.35 -9.65
CA ARG E 12 14.83 5.53 -10.50
C ARG E 12 15.40 5.34 -11.90
N THR E 13 16.67 4.94 -11.97
CA THR E 13 17.32 4.74 -13.26
C THR E 13 16.72 3.58 -14.07
N ALA E 14 16.30 2.54 -13.37
CA ALA E 14 15.66 1.40 -14.04
C ALA E 14 14.38 1.82 -14.76
N ILE E 15 13.67 2.76 -14.15
CA ILE E 15 12.41 3.26 -14.70
C ILE E 15 12.67 4.16 -15.90
N LEU E 16 13.57 5.12 -15.73
CA LEU E 16 13.95 6.03 -16.80
C LEU E 16 14.51 5.30 -18.01
N LEU E 17 15.23 4.20 -17.76
CA LEU E 17 15.77 3.37 -18.83
C LEU E 17 14.65 2.65 -19.59
N ALA E 18 13.72 2.08 -18.86
CA ALA E 18 12.56 1.42 -19.46
C ALA E 18 11.77 2.41 -20.28
N ALA E 19 11.50 3.57 -19.69
CA ALA E 19 10.67 4.60 -20.34
C ALA E 19 11.33 5.12 -21.61
N GLU E 20 12.64 5.31 -21.53
CA GLU E 20 13.45 5.67 -22.68
C GLU E 20 13.25 4.68 -23.82
N GLU E 21 13.41 3.40 -23.56
CA GLU E 21 13.27 2.47 -24.65
C GLU E 21 11.86 2.51 -25.17
N LEU E 22 10.90 2.55 -24.27
CA LEU E 22 9.52 2.53 -24.67
C LEU E 22 9.12 3.74 -25.47
N PHE E 23 9.55 4.92 -25.01
CA PHE E 23 9.26 6.16 -25.69
C PHE E 23 9.89 6.16 -27.09
N LEU E 24 11.07 5.55 -27.19
CA LEU E 24 11.77 5.45 -28.46
C LEU E 24 11.04 4.52 -29.42
N GLU E 25 10.63 3.37 -28.90
CA GLU E 25 9.89 2.39 -29.70
C GLU E 25 8.42 2.76 -29.91
N LYS E 26 7.76 3.16 -28.84
CA LYS E 26 6.32 3.47 -28.88
C LYS E 26 5.92 4.95 -28.81
N GLY E 27 6.89 5.87 -28.83
CA GLY E 27 6.58 7.28 -28.66
C GLY E 27 6.26 7.57 -27.20
N VAL E 28 5.61 8.70 -26.94
CA VAL E 28 5.27 9.06 -25.57
C VAL E 28 3.77 8.95 -25.29
N SER E 29 2.95 9.34 -26.26
CA SER E 29 1.50 9.41 -26.04
C SER E 29 0.90 8.00 -25.95
N HIS E 30 1.50 7.05 -26.68
CA HIS E 30 1.05 5.65 -26.63
C HIS E 30 1.69 4.85 -25.49
N THR E 31 2.59 5.49 -24.73
CA THR E 31 3.22 4.87 -23.56
C THR E 31 2.63 5.40 -22.26
N SER E 32 2.31 4.49 -21.35
CA SER E 32 1.68 4.81 -20.08
C SER E 32 2.64 4.49 -18.94
N LEU E 33 2.38 5.05 -17.77
CA LEU E 33 3.20 4.77 -16.59
C LEU E 33 3.09 3.30 -16.15
N GLU E 34 1.97 2.67 -16.51
CA GLU E 34 1.73 1.26 -16.21
C GLU E 34 2.68 0.40 -17.04
N GLN E 35 2.72 0.67 -18.34
CA GLN E 35 3.60 -0.06 -19.26
C GLN E 35 5.07 0.14 -18.91
N ILE E 36 5.40 1.35 -18.43
CA ILE E 36 6.76 1.65 -18.00
C ILE E 36 7.10 0.85 -16.75
N ALA E 37 6.18 0.85 -15.79
CA ALA E 37 6.33 0.07 -14.56
C ALA E 37 6.59 -1.39 -14.88
N ARG E 38 5.73 -1.97 -15.71
CA ARG E 38 5.82 -3.37 -16.12
C ARG E 38 7.19 -3.66 -16.75
N ALA E 39 7.58 -2.85 -17.72
CA ALA E 39 8.86 -3.03 -18.41
C ALA E 39 10.07 -2.82 -17.51
N ALA E 40 9.92 -2.00 -16.48
CA ALA E 40 11.00 -1.74 -15.53
C ALA E 40 11.10 -2.80 -14.43
N GLY E 41 10.11 -3.71 -14.35
CA GLY E 41 10.08 -4.74 -13.32
C GLY E 41 9.81 -4.16 -11.95
N VAL E 42 8.77 -3.32 -11.89
CA VAL E 42 8.50 -2.43 -10.77
C VAL E 42 6.98 -2.18 -10.67
N THR E 43 6.50 -1.75 -9.51
CA THR E 43 5.07 -1.51 -9.29
C THR E 43 4.64 -0.15 -9.84
N ARG E 44 3.40 -0.07 -10.34
CA ARG E 44 2.78 1.19 -10.77
C ARG E 44 2.97 2.30 -9.75
N GLY E 45 2.84 1.93 -8.48
CA GLY E 45 2.96 2.88 -7.39
C GLY E 45 4.35 3.47 -7.24
N ALA E 46 5.37 2.66 -7.51
CA ALA E 46 6.77 3.10 -7.43
C ALA E 46 7.06 4.19 -8.47
N VAL E 47 6.55 3.99 -9.67
CA VAL E 47 6.82 4.93 -10.71
C VAL E 47 6.23 6.24 -10.26
N TYR E 48 5.02 6.18 -9.74
CA TYR E 48 4.36 7.38 -9.35
C TYR E 48 5.17 8.00 -8.28
N TRP E 49 5.66 7.17 -7.38
CA TRP E 49 6.32 7.66 -6.21
C TRP E 49 7.52 8.46 -6.61
N HIS E 50 8.24 7.99 -7.61
CA HIS E 50 9.45 8.63 -8.05
C HIS E 50 9.24 9.75 -9.04
N PHE E 51 8.25 9.62 -9.90
CA PHE E 51 8.08 10.62 -10.93
C PHE E 51 6.73 11.31 -10.97
N GLN E 52 5.75 10.76 -10.30
CA GLN E 52 4.46 11.42 -10.21
C GLN E 52 3.61 11.40 -11.46
N ASN E 53 4.13 11.94 -12.56
CA ASN E 53 3.36 11.97 -13.78
C ASN E 53 4.23 11.97 -15.01
N LYS E 54 3.64 11.69 -16.14
CA LYS E 54 4.41 11.37 -17.31
C LYS E 54 5.30 12.52 -17.71
N ALA E 55 4.76 13.71 -17.68
CA ALA E 55 5.50 14.90 -18.07
C ALA E 55 6.66 15.21 -17.17
N HIS E 56 6.48 15.04 -15.88
CA HIS E 56 7.61 15.17 -14.95
C HIS E 56 8.63 14.06 -15.18
N LEU E 57 8.14 12.87 -15.49
CA LEU E 57 9.03 11.74 -15.78
C LEU E 57 9.88 12.07 -17.00
N PHE E 58 9.22 12.57 -18.04
CA PHE E 58 9.89 12.94 -19.27
C PHE E 58 10.93 14.04 -19.01
N ASN E 59 10.52 15.05 -18.25
CA ASN E 59 11.42 16.08 -17.77
C ASN E 59 12.71 15.59 -17.14
N GLU E 60 12.55 14.73 -16.15
CA GLU E 60 13.68 14.14 -15.45
C GLU E 60 14.57 13.38 -16.44
N MET E 61 13.94 12.74 -17.42
CA MET E 61 14.66 12.00 -18.46
C MET E 61 15.55 12.92 -19.27
N LEU E 62 14.99 14.05 -19.70
CA LEU E 62 15.76 15.05 -20.42
C LEU E 62 16.93 15.59 -19.61
N ASN E 63 16.72 15.79 -18.31
CA ASN E 63 17.77 16.33 -17.45
C ASN E 63 19.02 15.46 -17.41
N GLN E 64 18.86 14.16 -17.61
CA GLN E 64 20.00 13.24 -17.70
C GLN E 64 21.00 13.68 -18.77
N VAL E 65 20.56 14.56 -19.65
CA VAL E 65 21.29 14.86 -20.86
C VAL E 65 21.42 16.37 -21.16
N ARG E 66 20.80 17.20 -20.33
CA ARG E 66 20.91 18.64 -20.45
C ARG E 66 22.04 19.09 -19.53
N LEU E 67 22.80 20.08 -19.97
CA LEU E 67 23.86 20.65 -19.15
C LEU E 67 23.24 21.54 -18.07
N PRO E 68 23.74 21.44 -16.81
CA PRO E 68 23.18 22.26 -15.75
C PRO E 68 23.59 23.73 -15.89
N PRO E 69 22.69 24.67 -15.54
CA PRO E 69 22.94 26.10 -15.73
C PRO E 69 24.31 26.58 -15.28
N GLU E 70 24.75 26.11 -14.11
CA GLU E 70 26.03 26.53 -13.53
C GLU E 70 27.21 26.13 -14.39
N GLN E 71 27.12 24.96 -15.02
CA GLN E 71 28.22 24.43 -15.83
C GLN E 71 28.36 25.17 -17.15
N LEU E 72 27.22 25.53 -17.76
CA LEU E 72 27.23 26.34 -18.99
C LEU E 72 27.94 27.66 -18.76
N THR E 73 27.47 28.42 -17.78
CA THR E 73 28.03 29.75 -17.44
C THR E 73 29.52 29.69 -17.12
N GLU E 74 29.93 28.66 -16.37
CA GLU E 74 31.34 28.43 -16.05
C GLU E 74 32.18 28.34 -17.33
N ARG E 75 31.74 27.48 -18.25
CA ARG E 75 32.44 27.23 -19.50
C ARG E 75 32.59 28.50 -20.34
N LEU E 76 31.54 29.32 -20.37
CA LEU E 76 31.56 30.53 -21.18
C LEU E 76 32.41 31.64 -20.63
N SER E 77 32.81 31.55 -19.36
CA SER E 77 33.54 32.60 -18.65
C SER E 77 35.04 32.60 -18.94
N ASP E 83 39.58 33.08 -24.17
CA ASP E 83 38.67 33.59 -25.21
C ASP E 83 37.30 32.89 -25.19
N PRO E 84 36.27 33.59 -24.69
CA PRO E 84 34.97 32.97 -24.50
C PRO E 84 34.19 32.71 -25.79
N LEU E 85 34.52 33.44 -26.85
CA LEU E 85 33.93 33.22 -28.17
C LEU E 85 34.39 31.88 -28.75
N ARG E 86 35.67 31.55 -28.53
CA ARG E 86 36.17 30.22 -28.87
C ARG E 86 35.50 29.17 -27.98
N SER E 87 35.29 29.51 -26.71
CA SER E 87 34.66 28.57 -25.79
C SER E 87 33.26 28.18 -26.29
N LEU E 88 32.49 29.20 -26.69
CA LEU E 88 31.16 28.98 -27.26
C LEU E 88 31.22 28.07 -28.50
N TYR E 89 32.14 28.36 -29.41
CA TYR E 89 32.35 27.49 -30.57
C TYR E 89 32.61 26.06 -30.13
N ASP E 90 33.57 25.88 -29.24
CA ASP E 90 33.95 24.54 -28.74
C ASP E 90 32.75 23.85 -28.11
N LEU E 91 31.94 24.61 -27.36
CA LEU E 91 30.75 24.04 -26.74
C LEU E 91 29.77 23.57 -27.80
N CYS E 92 29.54 24.40 -28.80
CA CYS E 92 28.64 24.05 -29.89
C CYS E 92 29.17 22.86 -30.68
N LEU E 93 30.47 22.88 -30.94
CA LEU E 93 31.12 21.80 -31.67
C LEU E 93 30.94 20.48 -30.95
N GLU E 94 31.14 20.50 -29.63
CA GLU E 94 31.02 19.30 -28.81
C GLU E 94 29.57 18.85 -28.78
N ALA E 95 28.66 19.81 -28.67
CA ALA E 95 27.23 19.52 -28.69
C ALA E 95 26.87 18.69 -29.92
N VAL E 96 27.27 19.14 -31.09
CA VAL E 96 26.94 18.44 -32.33
C VAL E 96 27.66 17.11 -32.38
N GLN E 97 28.95 17.08 -32.05
CA GLN E 97 29.72 15.84 -32.09
C GLN E 97 29.20 14.77 -31.16
N SER E 98 28.58 15.19 -30.06
CA SER E 98 28.07 14.28 -29.05
C SER E 98 26.89 13.45 -29.54
N LEU E 99 26.21 13.90 -30.60
CA LEU E 99 25.18 13.12 -31.28
C LEU E 99 25.65 11.71 -31.61
N LEU E 100 26.95 11.56 -31.85
CA LEU E 100 27.56 10.27 -32.16
C LEU E 100 28.15 9.61 -30.91
N THR E 101 28.88 10.38 -30.10
CA THR E 101 29.65 9.77 -28.98
C THR E 101 28.79 9.36 -27.81
N GLN E 102 27.58 9.89 -27.67
CA GLN E 102 26.69 9.47 -26.57
C GLN E 102 25.36 8.92 -27.09
N GLU E 103 25.24 7.60 -27.11
CA GLU E 103 24.04 6.96 -27.55
C GLU E 103 22.84 7.35 -26.70
N LYS E 104 23.05 7.48 -25.42
CA LYS E 104 21.96 7.87 -24.53
C LYS E 104 21.35 9.22 -24.92
N LYS E 105 22.20 10.19 -25.21
CA LYS E 105 21.75 11.50 -25.66
C LYS E 105 21.03 11.41 -26.99
N ARG E 106 21.61 10.68 -27.93
CA ARG E 106 20.97 10.48 -29.22
C ARG E 106 19.57 9.90 -29.02
N ARG E 107 19.46 8.89 -28.16
CA ARG E 107 18.17 8.23 -27.91
C ARG E 107 17.15 9.19 -27.34
N ILE E 108 17.55 9.92 -26.30
CA ILE E 108 16.64 10.85 -25.61
C ILE E 108 16.23 12.04 -26.48
N LEU E 109 17.18 12.61 -27.21
CA LEU E 109 16.87 13.72 -28.12
C LEU E 109 16.02 13.24 -29.29
N THR E 110 16.22 12.01 -29.73
CA THR E 110 15.33 11.47 -30.76
C THR E 110 13.92 11.40 -30.22
N ILE E 111 13.77 11.04 -28.94
CA ILE E 111 12.44 11.04 -28.33
C ILE E 111 11.88 12.46 -28.35
N LEU E 112 12.70 13.41 -27.88
CA LEU E 112 12.27 14.80 -27.78
C LEU E 112 11.83 15.38 -29.10
N MET E 113 12.56 15.10 -30.16
CA MET E 113 12.32 15.77 -31.43
C MET E 113 11.51 14.95 -32.43
N GLN E 114 11.49 13.63 -32.28
CA GLN E 114 10.79 12.76 -33.24
C GLN E 114 9.67 11.87 -32.67
N ARG E 115 9.62 11.66 -31.35
CA ARG E 115 8.65 10.71 -30.77
C ARG E 115 7.74 11.30 -29.70
N CYS E 116 7.35 12.54 -29.82
CA CYS E 116 6.40 13.07 -28.87
C CYS E 116 5.64 14.26 -29.37
N GLU E 117 4.45 14.45 -28.82
CA GLU E 117 3.57 15.58 -29.16
C GLU E 117 3.41 16.42 -27.91
N PHE E 118 3.45 17.74 -28.07
CA PHE E 118 3.28 18.63 -26.94
C PHE E 118 1.84 19.09 -26.84
N THR E 119 1.02 18.17 -26.30
CA THR E 119 -0.37 18.42 -25.97
C THR E 119 -0.43 18.87 -24.50
N GLU E 120 -1.64 19.04 -23.99
CA GLU E 120 -1.82 19.39 -22.57
C GLU E 120 -1.13 18.43 -21.62
N GLU E 121 -1.11 17.16 -21.98
CA GLU E 121 -0.53 16.14 -21.14
C GLU E 121 0.92 16.44 -20.77
N LEU E 122 1.63 17.03 -21.69
CA LEU E 122 3.07 17.25 -21.55
C LEU E 122 3.45 18.72 -21.35
N ARG E 123 2.50 19.53 -20.90
CA ARG E 123 2.74 20.96 -20.77
C ARG E 123 3.91 21.29 -19.86
N GLU E 124 3.99 20.58 -18.75
CA GLU E 124 5.10 20.80 -17.80
C GLU E 124 6.46 20.62 -18.45
N ALA E 125 6.55 19.66 -19.37
CA ALA E 125 7.82 19.35 -20.04
C ALA E 125 8.17 20.39 -21.10
N GLN E 126 7.15 20.88 -21.79
CA GLN E 126 7.30 21.94 -22.78
C GLN E 126 7.82 23.21 -22.13
N GLU E 127 7.18 23.61 -21.03
CA GLU E 127 7.56 24.83 -20.32
C GLU E 127 9.01 24.81 -19.86
N ARG E 128 9.45 23.68 -19.31
CA ARG E 128 10.85 23.54 -18.84
C ARG E 128 11.80 23.51 -19.98
N ASN E 129 11.38 22.89 -21.07
CA ASN E 129 12.20 22.91 -22.27
C ASN E 129 12.38 24.32 -22.81
N ASN E 130 11.27 25.06 -22.90
CA ASN E 130 11.35 26.46 -23.32
C ASN E 130 12.31 27.23 -22.45
N ALA E 131 12.18 27.01 -21.14
CA ALA E 131 13.00 27.68 -20.16
C ALA E 131 14.49 27.41 -20.39
N PHE E 132 14.84 26.17 -20.66
CA PHE E 132 16.23 25.79 -20.92
C PHE E 132 16.75 26.45 -22.20
N VAL E 133 15.95 26.42 -23.25
CA VAL E 133 16.35 27.08 -24.50
C VAL E 133 16.50 28.59 -24.27
N GLN E 134 15.60 29.16 -23.46
CA GLN E 134 15.66 30.58 -23.17
C GLN E 134 16.93 30.94 -22.41
N MET E 135 17.35 30.06 -21.49
CA MET E 135 18.58 30.27 -20.72
C MET E 135 19.79 30.31 -21.64
N PHE E 136 19.92 29.30 -22.49
CA PHE E 136 21.05 29.24 -23.41
C PHE E 136 21.11 30.49 -24.28
N ILE E 137 19.96 30.87 -24.83
CA ILE E 137 19.87 32.06 -25.66
C ILE E 137 20.26 33.31 -24.86
N GLU E 138 19.80 33.40 -23.61
CA GLU E 138 20.14 34.54 -22.77
C GLU E 138 21.63 34.60 -22.44
N LEU E 139 22.26 33.46 -22.21
CA LEU E 139 23.69 33.43 -21.92
C LEU E 139 24.53 33.81 -23.12
N CYS E 140 24.18 33.32 -24.31
CA CYS E 140 24.91 33.73 -25.51
C CYS E 140 24.74 35.22 -25.77
N GLU E 141 23.50 35.71 -25.61
CA GLU E 141 23.20 37.11 -25.81
C GLU E 141 24.13 37.94 -24.92
N GLN E 142 24.25 37.51 -23.68
CA GLN E 142 25.09 38.18 -22.72
C GLN E 142 26.57 38.16 -23.10
N LEU E 143 27.03 36.99 -23.51
CA LEU E 143 28.39 36.80 -24.02
C LEU E 143 28.69 37.74 -25.18
N PHE E 144 27.84 37.76 -26.21
CA PHE E 144 28.03 38.64 -27.36
C PHE E 144 27.94 40.11 -26.98
N ALA E 145 27.18 40.40 -25.91
CA ALA E 145 26.96 41.76 -25.45
C ALA E 145 28.16 42.35 -24.69
N ARG E 146 29.03 41.49 -24.15
CA ARG E 146 30.26 41.91 -23.51
C ARG E 146 31.16 42.74 -24.39
N ASP E 147 31.64 43.85 -23.84
CA ASP E 147 32.41 44.81 -24.64
C ASP E 147 33.50 44.13 -25.47
N GLU E 148 34.25 43.25 -24.82
CA GLU E 148 35.31 42.47 -25.46
C GLU E 148 34.88 41.74 -26.74
N CYS E 149 33.69 41.14 -26.69
CA CYS E 149 33.15 40.31 -27.77
C CYS E 149 32.41 41.15 -28.79
N ARG E 150 31.62 42.08 -28.29
CA ARG E 150 30.75 42.88 -29.13
C ARG E 150 31.46 43.67 -30.24
N VAL E 151 32.60 44.26 -29.89
CA VAL E 151 33.43 44.98 -30.88
C VAL E 151 33.82 44.08 -32.06
N ARG E 152 33.85 42.77 -31.83
CA ARG E 152 34.24 41.80 -32.86
C ARG E 152 33.13 41.45 -33.84
N LEU E 153 31.89 41.79 -33.51
CA LEU E 153 30.77 41.49 -34.39
C LEU E 153 30.75 42.43 -35.57
N HIS E 154 30.21 41.98 -36.70
CA HIS E 154 30.10 42.83 -37.89
C HIS E 154 29.10 43.97 -37.67
N PRO E 155 29.19 45.04 -38.49
CA PRO E 155 28.22 46.15 -38.46
C PRO E 155 26.78 45.64 -38.57
N GLY E 156 25.87 46.18 -37.76
CA GLY E 156 24.44 45.83 -37.84
C GLY E 156 24.05 44.48 -37.23
N MET E 157 25.05 43.73 -36.77
CA MET E 157 24.83 42.46 -36.10
C MET E 157 24.80 42.64 -34.59
N THR E 158 23.64 42.37 -33.97
CA THR E 158 23.46 42.57 -32.53
C THR E 158 23.55 41.26 -31.76
N PRO E 159 23.92 41.32 -30.47
CA PRO E 159 23.85 40.14 -29.61
C PRO E 159 22.51 39.39 -29.65
N ARG E 160 21.39 40.11 -29.65
CA ARG E 160 20.07 39.47 -29.69
C ARG E 160 19.98 38.55 -30.90
N ILE E 161 20.30 39.08 -32.08
CA ILE E 161 20.25 38.29 -33.32
C ILE E 161 21.31 37.20 -33.34
N ALA E 162 22.52 37.50 -32.88
CA ALA E 162 23.62 36.53 -32.90
C ALA E 162 23.24 35.28 -32.17
N SER E 163 22.74 35.45 -30.95
CA SER E 163 22.38 34.33 -30.09
C SER E 163 21.28 33.49 -30.71
N ARG E 164 20.35 34.16 -31.39
CA ARG E 164 19.21 33.46 -32.00
C ARG E 164 19.55 32.76 -33.31
N ALA E 165 20.35 33.43 -34.15
CA ALA E 165 20.87 32.80 -35.37
C ALA E 165 21.66 31.55 -35.00
N LEU E 166 22.57 31.68 -34.04
CA LEU E 166 23.38 30.55 -33.62
C LEU E 166 22.54 29.41 -33.08
N HIS E 167 21.57 29.71 -32.23
CA HIS E 167 20.78 28.64 -31.64
C HIS E 167 19.97 27.92 -32.70
N ALA E 168 19.34 28.67 -33.59
CA ALA E 168 18.57 28.08 -34.68
C ALA E 168 19.43 27.11 -35.47
N LEU E 169 20.66 27.51 -35.77
CA LEU E 169 21.57 26.60 -36.47
C LEU E 169 21.79 25.30 -35.73
N ILE E 170 22.13 25.36 -34.46
CA ILE E 170 22.37 24.13 -33.72
C ILE E 170 21.14 23.30 -33.63
N LEU E 171 20.04 23.93 -33.33
CA LEU E 171 18.76 23.23 -33.27
C LEU E 171 18.46 22.54 -34.58
N GLY E 172 18.64 23.26 -35.68
CA GLY E 172 18.38 22.73 -37.01
C GLY E 172 19.28 21.56 -37.35
N LEU E 173 20.54 21.64 -36.93
CA LEU E 173 21.48 20.56 -37.17
C LEU E 173 21.08 19.30 -36.42
N PHE E 174 20.66 19.45 -35.18
CA PHE E 174 20.18 18.33 -34.37
C PHE E 174 18.97 17.72 -35.03
N ASN E 175 18.03 18.59 -35.38
CA ASN E 175 16.74 18.16 -35.92
C ASN E 175 16.93 17.45 -37.24
N ASP E 176 17.73 18.03 -38.13
CA ASP E 176 18.02 17.39 -39.42
C ASP E 176 18.68 16.03 -39.24
N TRP E 177 19.75 15.98 -38.46
CA TRP E 177 20.53 14.76 -38.34
C TRP E 177 19.74 13.63 -37.69
N LEU E 178 18.87 13.97 -36.74
CA LEU E 178 18.08 12.96 -36.06
C LEU E 178 16.94 12.45 -36.93
N ARG E 179 16.38 13.31 -37.78
CA ARG E 179 15.40 12.89 -38.76
C ARG E 179 16.04 12.01 -39.84
N ASP E 180 17.31 12.29 -40.16
CA ASP E 180 18.01 11.62 -41.27
C ASP E 180 19.52 11.64 -41.03
N PRO E 181 20.06 10.58 -40.39
CA PRO E 181 21.49 10.50 -40.09
C PRO E 181 22.44 10.43 -41.30
N ARG E 182 21.89 10.26 -42.50
CA ARG E 182 22.70 10.20 -43.70
C ARG E 182 23.20 11.57 -44.16
N LEU E 183 22.55 12.64 -43.68
CA LEU E 183 22.84 13.98 -44.16
C LEU E 183 24.29 14.40 -43.93
N PHE E 184 24.82 14.09 -42.76
CA PHE E 184 26.22 14.41 -42.48
C PHE E 184 26.80 13.57 -41.37
N ASP E 185 28.10 13.72 -41.17
CA ASP E 185 28.83 13.02 -40.12
C ASP E 185 29.16 13.99 -38.99
N PRO E 186 28.46 13.90 -37.86
CA PRO E 186 28.70 14.79 -36.72
C PRO E 186 30.18 14.91 -36.30
N ASP E 187 30.93 13.81 -36.37
CA ASP E 187 32.38 13.80 -36.02
C ASP E 187 33.12 14.80 -36.96
N THR E 188 33.19 14.48 -38.25
CA THR E 188 34.06 15.21 -39.19
C THR E 188 33.44 16.44 -39.84
N ASP E 189 32.10 16.50 -39.91
CA ASP E 189 31.41 17.64 -40.55
C ASP E 189 31.01 18.79 -39.60
N ALA E 190 30.96 18.54 -38.29
CA ALA E 190 30.54 19.58 -37.34
C ALA E 190 31.34 20.87 -37.49
N GLU E 191 32.67 20.78 -37.54
CA GLU E 191 33.53 21.96 -37.70
C GLU E 191 33.06 22.80 -38.87
N HIS E 192 32.74 22.18 -39.99
CA HIS E 192 32.44 22.94 -41.19
C HIS E 192 31.05 23.44 -41.24
N LEU E 193 30.15 22.69 -40.65
CA LEU E 193 28.75 23.13 -40.58
C LEU E 193 28.58 24.37 -39.71
N LEU E 194 29.38 24.46 -38.65
CA LEU E 194 29.36 25.62 -37.76
C LEU E 194 30.20 26.78 -38.27
N GLU E 195 31.29 26.47 -38.95
CA GLU E 195 32.22 27.48 -39.43
C GLU E 195 31.54 28.75 -39.99
N PRO E 196 30.67 28.60 -41.00
CA PRO E 196 30.18 29.80 -41.65
C PRO E 196 29.39 30.71 -40.71
N MET E 197 28.69 30.13 -39.75
CA MET E 197 27.91 30.97 -38.82
C MET E 197 28.86 31.81 -38.00
N PHE E 198 29.91 31.20 -37.47
CA PHE E 198 30.90 31.94 -36.70
C PHE E 198 31.70 32.92 -37.53
N ARG E 199 32.06 32.51 -38.76
CA ARG E 199 32.73 33.42 -39.66
C ARG E 199 31.85 34.62 -40.00
N GLY E 200 30.56 34.39 -40.17
CA GLY E 200 29.60 35.46 -40.49
C GLY E 200 29.26 36.39 -39.34
N LEU E 201 29.44 35.93 -38.10
CA LEU E 201 29.13 36.73 -36.93
C LEU E 201 30.31 37.56 -36.44
N VAL E 202 31.53 37.01 -36.54
CA VAL E 202 32.72 37.59 -35.91
C VAL E 202 33.79 37.93 -36.97
N ARG E 203 34.39 39.11 -36.84
CA ARG E 203 35.30 39.64 -37.86
C ARG E 203 36.54 38.82 -38.10
N ASP E 204 37.31 38.60 -37.04
CA ASP E 204 38.63 38.00 -37.18
C ASP E 204 38.62 36.47 -37.07
N TRP E 205 37.51 35.84 -37.45
CA TRP E 205 37.39 34.39 -37.29
C TRP E 205 38.30 33.64 -38.27
N ASP F 7 -16.78 18.75 -57.30
CA ASP F 7 -17.51 17.99 -56.24
C ASP F 7 -16.56 17.12 -55.41
N SER F 8 -15.63 16.46 -56.10
CA SER F 8 -14.65 15.60 -55.43
C SER F 8 -13.55 16.37 -54.73
N GLU F 9 -13.03 17.42 -55.35
CA GLU F 9 -12.01 18.28 -54.73
C GLU F 9 -12.56 19.06 -53.51
N LYS F 10 -13.85 19.39 -53.54
CA LYS F 10 -14.48 20.08 -52.41
C LYS F 10 -14.47 19.21 -51.15
N THR F 11 -14.74 17.91 -51.31
CA THR F 11 -14.71 16.94 -50.19
C THR F 11 -13.27 16.72 -49.70
N ARG F 12 -12.31 16.67 -50.61
CA ARG F 12 -10.88 16.54 -50.26
C ARG F 12 -10.44 17.68 -49.34
N THR F 13 -10.71 18.92 -49.73
CA THR F 13 -10.30 20.07 -48.94
C THR F 13 -11.02 20.16 -47.60
N ALA F 14 -12.28 19.76 -47.57
CA ALA F 14 -13.07 19.77 -46.35
C ALA F 14 -12.44 18.85 -45.31
N ILE F 15 -11.89 17.73 -45.79
CA ILE F 15 -11.29 16.73 -44.92
C ILE F 15 -9.95 17.24 -44.38
N LEU F 16 -9.11 17.73 -45.29
CA LEU F 16 -7.80 18.26 -44.92
C LEU F 16 -7.92 19.43 -43.96
N LEU F 17 -8.96 20.23 -44.13
CA LEU F 17 -9.23 21.36 -43.24
C LEU F 17 -9.59 20.88 -41.85
N ALA F 18 -10.47 19.88 -41.78
CA ALA F 18 -10.88 19.29 -40.51
C ALA F 18 -9.68 18.67 -39.82
N ALA F 19 -8.91 17.91 -40.57
CA ALA F 19 -7.75 17.20 -40.02
C ALA F 19 -6.69 18.17 -39.51
N GLU F 20 -6.48 19.23 -40.28
CA GLU F 20 -5.61 20.33 -39.88
C GLU F 20 -6.01 20.88 -38.50
N GLU F 21 -7.30 21.20 -38.35
CA GLU F 21 -7.81 21.69 -37.08
C GLU F 21 -7.57 20.69 -35.94
N LEU F 22 -7.92 19.43 -36.16
CA LEU F 22 -7.83 18.41 -35.11
C LEU F 22 -6.38 18.05 -34.75
N PHE F 23 -5.56 17.82 -35.76
CA PHE F 23 -4.13 17.54 -35.53
C PHE F 23 -3.55 18.63 -34.64
N LEU F 24 -3.81 19.87 -35.03
CA LEU F 24 -3.33 21.05 -34.32
C LEU F 24 -3.83 21.03 -32.88
N GLU F 25 -5.14 20.88 -32.72
CA GLU F 25 -5.79 20.97 -31.41
C GLU F 25 -5.43 19.84 -30.47
N LYS F 26 -5.16 18.65 -30.99
CA LYS F 26 -4.98 17.51 -30.10
C LYS F 26 -3.87 16.51 -30.48
N GLY F 27 -3.12 16.80 -31.53
CA GLY F 27 -2.00 15.95 -31.95
C GLY F 27 -2.46 14.89 -32.92
N VAL F 28 -1.52 14.42 -33.74
CA VAL F 28 -1.82 13.47 -34.81
C VAL F 28 -2.13 12.07 -34.26
N SER F 29 -1.42 11.64 -33.23
CA SER F 29 -1.55 10.27 -32.73
C SER F 29 -2.89 10.08 -32.02
N HIS F 30 -3.39 11.15 -31.39
CA HIS F 30 -4.70 11.09 -30.73
C HIS F 30 -5.86 11.41 -31.66
N THR F 31 -5.56 11.67 -32.93
CA THR F 31 -6.57 11.89 -33.93
C THR F 31 -6.68 10.73 -34.89
N SER F 32 -7.91 10.31 -35.14
CA SER F 32 -8.20 9.15 -35.98
C SER F 32 -8.93 9.61 -37.24
N LEU F 33 -8.99 8.76 -38.22
CA LEU F 33 -9.69 9.12 -39.43
C LEU F 33 -11.18 9.22 -39.19
N GLU F 34 -11.64 8.46 -38.24
CA GLU F 34 -13.07 8.45 -37.86
C GLU F 34 -13.43 9.86 -37.34
N GLN F 35 -12.62 10.38 -36.42
CA GLN F 35 -12.82 11.72 -35.87
C GLN F 35 -12.71 12.81 -36.93
N ILE F 36 -11.81 12.60 -37.89
CA ILE F 36 -11.64 13.54 -39.00
C ILE F 36 -12.88 13.51 -39.87
N ALA F 37 -13.33 12.31 -40.20
CA ALA F 37 -14.55 12.12 -41.00
C ALA F 37 -15.72 12.86 -40.34
N ARG F 38 -15.91 12.62 -39.05
CA ARG F 38 -17.01 13.22 -38.33
C ARG F 38 -16.94 14.73 -38.25
N ALA F 39 -15.76 15.27 -38.03
CA ALA F 39 -15.56 16.72 -38.02
C ALA F 39 -15.69 17.35 -39.42
N ALA F 40 -15.39 16.58 -40.45
CA ALA F 40 -15.52 17.07 -41.82
C ALA F 40 -16.94 16.95 -42.39
N GLY F 41 -17.83 16.29 -41.65
CA GLY F 41 -19.21 16.10 -42.10
C GLY F 41 -19.27 15.14 -43.28
N VAL F 42 -18.61 14.00 -43.11
CA VAL F 42 -18.30 13.08 -44.21
C VAL F 42 -18.19 11.65 -43.66
N THR F 43 -18.33 10.64 -44.52
CA THR F 43 -18.29 9.22 -44.11
C THR F 43 -16.85 8.75 -43.93
N ARG F 44 -16.63 7.87 -42.96
CA ARG F 44 -15.31 7.23 -42.77
C ARG F 44 -14.76 6.66 -44.07
N GLY F 45 -15.65 6.09 -44.89
CA GLY F 45 -15.26 5.52 -46.16
C GLY F 45 -14.72 6.53 -47.15
N ALA F 46 -15.29 7.74 -47.12
CA ALA F 46 -14.85 8.83 -48.01
C ALA F 46 -13.41 9.23 -47.71
N VAL F 47 -13.09 9.36 -46.41
CA VAL F 47 -11.73 9.67 -45.98
C VAL F 47 -10.76 8.61 -46.47
N TYR F 48 -11.09 7.35 -46.26
CA TYR F 48 -10.21 6.28 -46.68
C TYR F 48 -10.08 6.26 -48.18
N TRP F 49 -11.19 6.47 -48.86
CA TRP F 49 -11.20 6.47 -50.31
C TRP F 49 -10.24 7.53 -50.86
N HIS F 50 -10.32 8.74 -50.34
CA HIS F 50 -9.38 9.77 -50.72
C HIS F 50 -7.94 9.71 -50.24
N PHE F 51 -7.70 9.40 -49.03
CA PHE F 51 -6.37 9.51 -48.48
C PHE F 51 -5.78 8.23 -48.03
N GLN F 52 -6.56 7.09 -48.06
CA GLN F 52 -6.01 5.79 -47.79
C GLN F 52 -5.70 5.60 -46.33
N ASN F 53 -4.80 6.42 -45.81
CA ASN F 53 -4.38 6.25 -44.43
C ASN F 53 -3.84 7.51 -43.84
N LYS F 54 -3.66 7.50 -42.53
CA LYS F 54 -3.28 8.69 -41.82
C LYS F 54 -2.05 9.27 -42.44
N ALA F 55 -1.02 8.45 -42.57
CA ALA F 55 0.28 8.94 -43.02
C ALA F 55 0.18 9.64 -44.38
N HIS F 56 -0.54 9.00 -45.31
CA HIS F 56 -0.79 9.54 -46.66
C HIS F 56 -1.63 10.85 -46.56
N LEU F 57 -2.56 10.88 -45.62
CA LEU F 57 -3.40 12.07 -45.42
C LEU F 57 -2.53 13.24 -44.96
N PHE F 58 -1.67 12.96 -43.99
CA PHE F 58 -0.75 13.95 -43.46
C PHE F 58 0.19 14.46 -44.56
N ASN F 59 0.74 13.53 -45.33
CA ASN F 59 1.51 13.91 -46.52
C ASN F 59 0.84 14.89 -47.47
N GLU F 60 -0.38 14.58 -47.88
CA GLU F 60 -1.08 15.48 -48.77
C GLU F 60 -1.26 16.81 -48.13
N MET F 61 -1.46 16.81 -46.81
CA MET F 61 -1.67 18.05 -46.08
C MET F 61 -0.42 18.93 -46.18
N LEU F 62 0.73 18.34 -46.04
CA LEU F 62 1.95 19.10 -46.16
C LEU F 62 2.10 19.64 -47.57
N ASN F 63 1.79 18.82 -48.54
CA ASN F 63 1.95 19.26 -49.92
C ASN F 63 1.25 20.56 -50.25
N GLN F 64 0.16 20.84 -49.53
CA GLN F 64 -0.55 22.11 -49.66
C GLN F 64 0.37 23.31 -49.46
N VAL F 65 1.53 23.09 -48.88
CA VAL F 65 2.40 24.21 -48.55
C VAL F 65 3.84 24.07 -48.98
N ARG F 66 4.20 22.89 -49.41
CA ARG F 66 5.55 22.65 -49.91
C ARG F 66 5.62 23.18 -51.32
N LEU F 67 6.77 23.75 -51.69
CA LEU F 67 7.01 24.22 -53.05
C LEU F 67 7.26 23.04 -53.96
N PRO F 68 6.67 23.06 -55.17
CA PRO F 68 6.88 21.94 -56.10
C PRO F 68 8.30 21.94 -56.69
N PRO F 69 8.87 20.75 -56.94
CA PRO F 69 10.25 20.63 -57.45
C PRO F 69 10.58 21.55 -58.62
N GLU F 70 9.66 21.65 -59.59
CA GLU F 70 9.86 22.45 -60.81
C GLU F 70 10.02 23.93 -60.48
N GLN F 71 9.29 24.40 -59.48
CA GLN F 71 9.29 25.82 -59.12
C GLN F 71 10.58 26.22 -58.39
N LEU F 72 11.08 25.34 -57.53
CA LEU F 72 12.36 25.59 -56.86
C LEU F 72 13.50 25.73 -57.86
N THR F 73 13.65 24.72 -58.73
CA THR F 73 14.72 24.70 -59.74
C THR F 73 14.67 25.91 -60.67
N GLU F 74 13.46 26.30 -61.06
CA GLU F 74 13.25 27.50 -61.88
C GLU F 74 13.86 28.72 -61.19
N ARG F 75 13.50 28.95 -59.93
CA ARG F 75 13.98 30.13 -59.19
C ARG F 75 15.48 30.16 -59.10
N LEU F 76 16.09 29.00 -58.86
CA LEU F 76 17.51 28.91 -58.56
C LEU F 76 18.43 28.94 -59.81
N SER F 77 17.89 28.45 -60.91
CA SER F 77 18.62 28.21 -62.16
C SER F 77 19.42 29.39 -62.70
N GLY F 78 18.75 30.51 -62.96
CA GLY F 78 19.49 31.68 -63.37
C GLY F 78 19.13 32.40 -64.65
N CYS F 79 17.84 32.50 -64.95
CA CYS F 79 17.40 33.18 -66.16
C CYS F 79 17.86 34.63 -66.20
N ASP F 80 18.51 35.01 -67.30
CA ASP F 80 19.01 36.37 -67.46
C ASP F 80 20.28 36.59 -66.64
N SER F 82 21.93 35.68 -63.24
CA SER F 82 20.96 36.19 -62.29
C SER F 82 21.61 36.40 -60.93
N ASP F 83 22.72 35.73 -60.73
CA ASP F 83 23.34 35.60 -59.42
C ASP F 83 22.47 34.72 -58.57
N PRO F 84 22.33 33.51 -59.05
CA PRO F 84 21.53 32.48 -58.40
C PRO F 84 21.77 32.38 -56.89
N LEU F 85 22.91 32.86 -56.44
CA LEU F 85 23.18 32.88 -55.03
C LEU F 85 22.35 33.91 -54.29
N ARG F 86 22.11 35.05 -54.94
CA ARG F 86 21.14 36.01 -54.45
C ARG F 86 19.74 35.41 -54.49
N SER F 87 19.44 34.65 -55.53
CA SER F 87 18.13 34.02 -55.67
C SER F 87 17.86 33.10 -54.47
N LEU F 88 18.86 32.28 -54.14
CA LEU F 88 18.77 31.40 -52.98
C LEU F 88 18.50 32.18 -51.69
N TYR F 89 19.27 33.24 -51.46
CA TYR F 89 19.03 34.12 -50.33
C TYR F 89 17.58 34.61 -50.32
N ASP F 90 17.14 35.17 -51.43
CA ASP F 90 15.78 35.71 -51.54
C ASP F 90 14.73 34.64 -51.25
N LEU F 91 14.98 33.42 -51.74
CA LEU F 91 14.07 32.34 -51.48
C LEU F 91 14.00 32.04 -49.98
N CYS F 92 15.17 31.95 -49.34
CA CYS F 92 15.25 31.66 -47.92
C CYS F 92 14.61 32.78 -47.12
N LEU F 93 14.89 34.02 -47.53
CA LEU F 93 14.30 35.17 -46.87
C LEU F 93 12.77 35.14 -46.92
N GLU F 94 12.22 34.81 -48.08
CA GLU F 94 10.77 34.74 -48.23
C GLU F 94 10.20 33.59 -47.43
N ALA F 95 10.92 32.48 -47.42
CA ALA F 95 10.51 31.31 -46.64
C ALA F 95 10.27 31.71 -45.20
N VAL F 96 11.25 32.38 -44.59
CA VAL F 96 11.13 32.73 -43.18
C VAL F 96 10.03 33.79 -43.02
N GLN F 97 9.99 34.78 -43.91
CA GLN F 97 8.98 35.83 -43.79
C GLN F 97 7.55 35.30 -43.92
N SER F 98 7.37 34.19 -44.65
CA SER F 98 6.04 33.60 -44.87
C SER F 98 5.41 33.01 -43.61
N LEU F 99 6.24 32.75 -42.60
CA LEU F 99 5.74 32.33 -41.29
C LEU F 99 4.68 33.27 -40.75
N LEU F 100 4.79 34.54 -41.14
CA LEU F 100 3.84 35.56 -40.73
C LEU F 100 2.72 35.76 -41.77
N THR F 101 3.09 35.81 -43.04
CA THR F 101 2.15 36.15 -44.09
C THR F 101 1.16 35.02 -44.47
N GLN F 102 1.47 33.76 -44.17
CA GLN F 102 0.54 32.65 -44.46
C GLN F 102 0.14 31.82 -43.22
N GLU F 103 -1.05 32.11 -42.68
CA GLU F 103 -1.57 31.36 -41.54
C GLU F 103 -1.60 29.84 -41.78
N LYS F 104 -2.03 29.44 -42.97
CA LYS F 104 -2.20 28.02 -43.27
C LYS F 104 -0.87 27.30 -43.12
N LYS F 105 0.19 27.93 -43.63
CA LYS F 105 1.52 27.38 -43.53
C LYS F 105 1.97 27.30 -42.09
N ARG F 106 1.76 28.39 -41.36
CA ARG F 106 2.09 28.43 -39.94
C ARG F 106 1.38 27.27 -39.22
N ARG F 107 0.10 27.07 -39.49
CA ARG F 107 -0.68 26.01 -38.83
C ARG F 107 -0.13 24.61 -39.14
N ILE F 108 0.11 24.34 -40.43
CA ILE F 108 0.53 23.02 -40.87
C ILE F 108 1.95 22.71 -40.39
N LEU F 109 2.83 23.69 -40.46
CA LEU F 109 4.20 23.51 -39.98
C LEU F 109 4.23 23.36 -38.47
N THR F 110 3.34 24.07 -37.76
CA THR F 110 3.26 23.86 -36.29
C THR F 110 2.81 22.39 -36.02
N ILE F 111 1.92 21.83 -36.84
CA ILE F 111 1.60 20.40 -36.73
C ILE F 111 2.85 19.54 -36.97
N LEU F 112 3.55 19.81 -38.06
CA LEU F 112 4.72 19.03 -38.44
C LEU F 112 5.78 19.02 -37.36
N MET F 113 6.02 20.18 -36.76
CA MET F 113 7.17 20.31 -35.86
C MET F 113 6.83 20.17 -34.39
N GLN F 114 5.57 20.44 -34.02
CA GLN F 114 5.17 20.43 -32.61
C GLN F 114 4.06 19.44 -32.23
N ARG F 115 3.29 18.94 -33.19
CA ARG F 115 2.10 18.12 -32.85
C ARG F 115 2.12 16.74 -33.49
N CYS F 116 3.26 16.14 -33.68
CA CYS F 116 3.22 14.76 -34.02
C CYS F 116 4.51 13.99 -33.85
N GLU F 117 4.36 12.68 -33.71
CA GLU F 117 5.44 11.75 -33.41
C GLU F 117 5.66 10.87 -34.62
N PHE F 118 6.91 10.64 -34.98
CA PHE F 118 7.20 9.79 -36.12
C PHE F 118 7.48 8.37 -35.65
N THR F 119 6.38 7.68 -35.37
CA THR F 119 6.36 6.26 -35.04
C THR F 119 6.16 5.49 -36.35
N GLU F 120 6.02 4.16 -36.27
CA GLU F 120 5.77 3.33 -37.48
C GLU F 120 4.48 3.75 -38.22
N GLU F 121 3.46 4.20 -37.49
CA GLU F 121 2.22 4.68 -38.10
C GLU F 121 2.43 5.77 -39.17
N LEU F 122 3.44 6.62 -38.98
CA LEU F 122 3.67 7.76 -39.86
C LEU F 122 4.94 7.63 -40.71
N ARG F 123 5.43 6.40 -40.87
CA ARG F 123 6.71 6.13 -41.55
C ARG F 123 6.64 6.65 -43.00
N GLU F 124 5.50 6.47 -43.67
CA GLU F 124 5.27 6.97 -45.04
C GLU F 124 5.45 8.50 -45.17
N ALA F 125 5.03 9.25 -44.14
CA ALA F 125 5.14 10.71 -44.14
C ALA F 125 6.56 11.18 -43.86
N GLN F 126 7.24 10.46 -42.97
CA GLN F 126 8.64 10.74 -42.64
C GLN F 126 9.54 10.55 -43.86
N GLU F 127 9.38 9.41 -44.54
CA GLU F 127 10.17 9.10 -45.73
C GLU F 127 10.01 10.15 -46.84
N ARG F 128 8.78 10.58 -47.08
CA ARG F 128 8.53 11.58 -48.09
C ARG F 128 8.97 12.97 -47.67
N ASN F 129 8.89 13.26 -46.38
CA ASN F 129 9.48 14.49 -45.85
C ASN F 129 10.98 14.49 -46.06
N ASN F 130 11.64 13.38 -45.70
CA ASN F 130 13.07 13.25 -45.93
C ASN F 130 13.39 13.48 -47.40
N ALA F 131 12.61 12.87 -48.28
CA ALA F 131 12.78 13.01 -49.73
C ALA F 131 12.70 14.45 -50.20
N PHE F 132 11.71 15.19 -49.72
CA PHE F 132 11.58 16.62 -50.04
C PHE F 132 12.78 17.44 -49.51
N VAL F 133 13.19 17.17 -48.27
CA VAL F 133 14.37 17.81 -47.73
C VAL F 133 15.58 17.47 -48.56
N GLN F 134 15.68 16.21 -48.96
CA GLN F 134 16.84 15.73 -49.69
C GLN F 134 16.91 16.42 -51.04
N MET F 135 15.75 16.67 -51.64
CA MET F 135 15.69 17.40 -52.90
C MET F 135 16.25 18.82 -52.75
N PHE F 136 15.72 19.58 -51.79
CA PHE F 136 16.16 20.96 -51.55
C PHE F 136 17.66 20.99 -51.32
N ILE F 137 18.14 20.08 -50.47
CA ILE F 137 19.55 19.96 -50.17
C ILE F 137 20.35 19.65 -51.44
N GLU F 138 19.83 18.76 -52.29
CA GLU F 138 20.49 18.43 -53.57
C GLU F 138 20.64 19.62 -54.45
N LEU F 139 19.56 20.38 -54.58
CA LEU F 139 19.55 21.52 -55.47
C LEU F 139 20.53 22.59 -55.00
N CYS F 140 20.58 22.86 -53.69
CA CYS F 140 21.55 23.83 -53.17
C CYS F 140 22.97 23.32 -53.39
N GLU F 141 23.18 22.04 -53.12
CA GLU F 141 24.48 21.41 -53.31
C GLU F 141 24.94 21.64 -54.75
N GLN F 142 24.02 21.44 -55.70
CA GLN F 142 24.29 21.64 -57.14
C GLN F 142 24.66 23.08 -57.42
N LEU F 143 23.85 24.00 -56.89
CA LEU F 143 24.07 25.44 -57.01
C LEU F 143 25.46 25.86 -56.51
N PHE F 144 25.81 25.46 -55.30
CA PHE F 144 27.13 25.78 -54.74
C PHE F 144 28.26 25.09 -55.50
N ALA F 145 27.95 23.95 -56.12
CA ALA F 145 28.94 23.17 -56.86
C ALA F 145 29.29 23.77 -58.23
N ARG F 146 28.37 24.56 -58.79
CA ARG F 146 28.62 25.27 -60.06
C ARG F 146 29.87 26.11 -59.99
N ASP F 147 30.68 26.05 -61.04
CA ASP F 147 32.00 26.71 -61.08
C ASP F 147 31.90 28.19 -60.67
N GLU F 148 30.92 28.89 -61.24
CA GLU F 148 30.65 30.30 -60.95
C GLU F 148 30.50 30.61 -59.45
N CYS F 149 29.79 29.71 -58.74
CA CYS F 149 29.47 29.89 -57.33
C CYS F 149 30.58 29.33 -56.42
N ARG F 150 31.10 28.17 -56.80
CA ARG F 150 32.06 27.42 -55.98
C ARG F 150 33.33 28.18 -55.65
N VAL F 151 33.86 28.89 -56.63
CA VAL F 151 35.04 29.74 -56.45
C VAL F 151 34.85 30.77 -55.34
N ARG F 152 33.59 31.14 -55.13
CA ARG F 152 33.26 32.18 -54.15
C ARG F 152 33.19 31.67 -52.71
N LEU F 153 33.18 30.36 -52.52
CA LEU F 153 33.17 29.75 -51.20
C LEU F 153 34.48 30.00 -50.49
N HIS F 154 34.46 29.98 -49.17
CA HIS F 154 35.73 30.08 -48.42
C HIS F 154 36.52 28.76 -48.46
N PRO F 155 37.83 28.81 -48.13
CA PRO F 155 38.68 27.61 -48.05
C PRO F 155 38.07 26.56 -47.12
N GLY F 156 38.08 25.29 -47.52
CA GLY F 156 37.58 24.20 -46.67
C GLY F 156 36.05 24.06 -46.59
N MET F 157 35.32 24.99 -47.19
CA MET F 157 33.88 24.88 -47.29
C MET F 157 33.52 24.23 -48.59
N THR F 158 32.76 23.15 -48.51
CA THR F 158 32.28 22.40 -49.69
C THR F 158 30.79 22.59 -49.93
N PRO F 159 30.34 22.40 -51.18
CA PRO F 159 28.90 22.42 -51.48
C PRO F 159 28.06 21.51 -50.60
N ARG F 160 28.56 20.30 -50.33
CA ARG F 160 27.86 19.36 -49.47
C ARG F 160 27.55 20.02 -48.11
N ILE F 161 28.54 20.57 -47.44
CA ILE F 161 28.27 21.22 -46.17
C ILE F 161 27.39 22.41 -46.42
N ALA F 162 27.84 23.31 -47.29
CA ALA F 162 27.15 24.56 -47.52
C ALA F 162 25.63 24.40 -47.52
N SER F 163 25.17 23.43 -48.30
CA SER F 163 23.75 23.15 -48.46
C SER F 163 23.14 22.66 -47.14
N ARG F 164 23.91 21.88 -46.38
CA ARG F 164 23.43 21.34 -45.11
C ARG F 164 23.42 22.35 -43.97
N ALA F 165 24.48 23.16 -43.89
CA ALA F 165 24.53 24.26 -42.92
C ALA F 165 23.34 25.18 -43.15
N LEU F 166 23.13 25.57 -44.40
CA LEU F 166 22.05 26.49 -44.75
C LEU F 166 20.69 25.91 -44.42
N HIS F 167 20.47 24.65 -44.76
CA HIS F 167 19.16 24.06 -44.50
C HIS F 167 18.89 23.97 -43.01
N ALA F 168 19.90 23.54 -42.24
CA ALA F 168 19.79 23.46 -40.78
C ALA F 168 19.37 24.81 -40.22
N LEU F 169 20.00 25.88 -40.68
CA LEU F 169 19.64 27.21 -40.20
C LEU F 169 18.19 27.52 -40.45
N ILE F 170 17.71 27.29 -41.67
CA ILE F 170 16.33 27.63 -41.99
C ILE F 170 15.42 26.78 -41.13
N LEU F 171 15.71 25.50 -41.06
CA LEU F 171 14.92 24.58 -40.25
C LEU F 171 14.88 25.02 -38.80
N GLY F 172 16.04 25.38 -38.27
CA GLY F 172 16.14 25.84 -36.88
C GLY F 172 15.34 27.11 -36.61
N LEU F 173 15.35 28.02 -37.58
CA LEU F 173 14.62 29.28 -37.45
C LEU F 173 13.13 29.02 -37.39
N PHE F 174 12.67 28.13 -38.25
CA PHE F 174 11.27 27.73 -38.25
C PHE F 174 10.92 27.10 -36.92
N ASN F 175 11.75 26.16 -36.50
CA ASN F 175 11.51 25.40 -35.29
C ASN F 175 11.46 26.30 -34.06
N ASP F 176 12.45 27.19 -33.94
CA ASP F 176 12.50 28.13 -32.83
C ASP F 176 11.29 29.04 -32.81
N TRP F 177 10.99 29.66 -33.95
CA TRP F 177 9.92 30.66 -34.00
C TRP F 177 8.55 30.07 -33.74
N LEU F 178 8.33 28.83 -34.19
CA LEU F 178 7.05 28.18 -33.98
C LEU F 178 6.90 27.74 -32.52
N ARG F 179 7.98 27.34 -31.88
CA ARG F 179 7.95 26.99 -30.46
C ARG F 179 7.70 28.24 -29.62
N ASP F 180 8.22 29.38 -30.10
CA ASP F 180 8.21 30.62 -29.32
C ASP F 180 8.27 31.83 -30.23
N PRO F 181 7.11 32.37 -30.60
CA PRO F 181 7.03 33.49 -31.54
C PRO F 181 7.61 34.81 -31.03
N ARG F 182 7.94 34.87 -29.75
CA ARG F 182 8.52 36.09 -29.20
C ARG F 182 9.99 36.27 -29.56
N LEU F 183 10.65 35.19 -30.00
CA LEU F 183 12.10 35.21 -30.20
C LEU F 183 12.53 36.24 -31.22
N PHE F 184 11.79 36.32 -32.31
CA PHE F 184 12.08 37.32 -33.32
C PHE F 184 10.88 37.63 -34.20
N ASP F 185 11.05 38.64 -35.03
CA ASP F 185 10.02 39.06 -35.96
C ASP F 185 10.41 38.63 -37.36
N PRO F 186 9.72 37.61 -37.91
CA PRO F 186 10.06 37.09 -39.24
C PRO F 186 10.15 38.16 -40.31
N ASP F 187 9.29 39.17 -40.22
CA ASP F 187 9.35 40.27 -41.17
C ASP F 187 10.70 40.99 -41.14
N THR F 188 10.98 41.69 -40.03
CA THR F 188 12.11 42.63 -39.96
C THR F 188 13.44 41.97 -39.55
N ASP F 189 13.39 40.82 -38.89
CA ASP F 189 14.62 40.12 -38.45
C ASP F 189 15.16 39.07 -39.42
N ALA F 190 14.35 38.58 -40.35
CA ALA F 190 14.80 37.53 -41.27
C ALA F 190 16.12 37.89 -41.97
N GLU F 191 16.20 39.10 -42.51
CA GLU F 191 17.43 39.54 -43.21
C GLU F 191 18.66 39.34 -42.36
N HIS F 192 18.57 39.75 -41.09
CA HIS F 192 19.70 39.74 -40.16
C HIS F 192 20.03 38.37 -39.61
N LEU F 193 19.01 37.51 -39.50
CA LEU F 193 19.22 36.15 -39.03
C LEU F 193 19.94 35.30 -40.08
N LEU F 194 19.63 35.56 -41.36
CA LEU F 194 20.25 34.83 -42.47
C LEU F 194 21.61 35.40 -42.85
N GLU F 195 21.77 36.71 -42.70
CA GLU F 195 22.99 37.39 -43.10
C GLU F 195 24.29 36.62 -42.75
N PRO F 196 24.51 36.33 -41.46
CA PRO F 196 25.78 35.71 -41.11
C PRO F 196 26.08 34.37 -41.81
N MET F 197 25.06 33.56 -42.06
CA MET F 197 25.29 32.28 -42.74
C MET F 197 25.79 32.54 -44.16
N PHE F 198 25.14 33.44 -44.87
CA PHE F 198 25.57 33.77 -46.23
C PHE F 198 26.91 34.49 -46.24
N ARG F 199 27.14 35.38 -45.28
CA ARG F 199 28.43 36.06 -45.17
C ARG F 199 29.55 35.04 -44.88
N GLY F 200 29.24 34.03 -44.07
CA GLY F 200 30.21 33.01 -43.71
C GLY F 200 30.49 31.97 -44.77
N LEU F 201 29.57 31.80 -45.70
CA LEU F 201 29.73 30.82 -46.79
C LEU F 201 30.43 31.41 -48.01
N VAL F 202 30.15 32.67 -48.32
CA VAL F 202 30.60 33.26 -49.58
C VAL F 202 31.45 34.53 -49.35
N ARG F 203 32.56 34.65 -50.09
CA ARG F 203 33.55 35.71 -49.80
C ARG F 203 33.03 37.12 -49.93
N ASP F 204 32.49 37.45 -51.10
CA ASP F 204 32.18 38.84 -51.43
C ASP F 204 30.77 39.25 -51.03
N TRP F 205 30.20 38.63 -50.00
CA TRP F 205 28.83 38.90 -49.63
C TRP F 205 28.67 40.29 -49.02
N SER G 8 8.95 -18.31 57.66
CA SER G 8 10.31 -17.75 57.33
C SER G 8 10.22 -16.55 56.34
N GLU G 9 11.35 -15.91 56.05
CA GLU G 9 11.46 -15.00 54.89
C GLU G 9 11.21 -15.80 53.60
N LYS G 10 11.51 -17.10 53.62
CA LYS G 10 11.25 -17.96 52.47
C LYS G 10 9.76 -18.09 52.18
N THR G 11 8.93 -18.21 53.22
CA THR G 11 7.48 -18.26 53.03
C THR G 11 6.90 -16.89 52.61
N ARG G 12 7.45 -15.80 53.14
CA ARG G 12 7.08 -14.42 52.73
C ARG G 12 7.24 -14.22 51.21
N THR G 13 8.42 -14.54 50.70
CA THR G 13 8.69 -14.37 49.28
C THR G 13 7.87 -15.30 48.39
N ALA G 14 7.62 -16.52 48.86
CA ALA G 14 6.80 -17.47 48.12
C ALA G 14 5.39 -16.93 47.91
N ILE G 15 4.88 -16.22 48.92
CA ILE G 15 3.53 -15.66 48.89
C ILE G 15 3.47 -14.48 47.93
N LEU G 16 4.41 -13.56 48.09
CA LEU G 16 4.50 -12.39 47.22
C LEU G 16 4.70 -12.76 45.75
N LEU G 17 5.44 -13.84 45.50
CA LEU G 17 5.66 -14.36 44.14
C LEU G 17 4.36 -14.90 43.55
N ALA G 18 3.63 -15.68 44.36
CA ALA G 18 2.34 -16.22 43.93
C ALA G 18 1.36 -15.09 43.66
N ALA G 19 1.28 -14.13 44.58
CA ALA G 19 0.34 -13.02 44.47
C ALA G 19 0.65 -12.15 43.25
N GLU G 20 1.93 -11.91 43.02
CA GLU G 20 2.42 -11.23 41.83
C GLU G 20 1.90 -11.91 40.56
N GLU G 21 2.08 -13.23 40.47
CA GLU G 21 1.58 -13.98 39.33
C GLU G 21 0.06 -13.84 39.16
N LEU G 22 -0.70 -14.03 40.24
CA LEU G 22 -2.16 -14.00 40.17
C LEU G 22 -2.73 -12.61 39.90
N PHE G 23 -2.23 -11.60 40.62
CA PHE G 23 -2.64 -10.22 40.39
C PHE G 23 -2.49 -9.86 38.92
N LEU G 24 -1.31 -10.20 38.39
CA LEU G 24 -0.97 -9.95 36.99
C LEU G 24 -1.96 -10.67 36.07
N GLU G 25 -2.13 -11.98 36.30
CA GLU G 25 -2.93 -12.84 35.42
C GLU G 25 -4.43 -12.52 35.46
N LYS G 26 -4.94 -12.04 36.60
CA LYS G 26 -6.41 -11.91 36.75
C LYS G 26 -6.90 -10.61 37.43
N GLY G 27 -5.98 -9.73 37.83
CA GLY G 27 -6.34 -8.52 38.54
C GLY G 27 -6.40 -8.72 40.05
N VAL G 28 -6.21 -7.63 40.79
CA VAL G 28 -6.17 -7.72 42.25
C VAL G 28 -7.54 -7.95 42.87
N SER G 29 -8.59 -7.35 42.29
CA SER G 29 -9.92 -7.41 42.90
C SER G 29 -10.51 -8.81 42.77
N HIS G 30 -10.14 -9.50 41.70
CA HIS G 30 -10.59 -10.88 41.48
C HIS G 30 -9.67 -11.93 42.15
N THR G 31 -8.59 -11.46 42.78
CA THR G 31 -7.68 -12.33 43.54
C THR G 31 -7.91 -12.17 45.05
N SER G 32 -7.99 -13.30 45.74
CA SER G 32 -8.23 -13.34 47.19
C SER G 32 -7.00 -13.90 47.90
N LEU G 33 -6.93 -13.67 49.20
CA LEU G 33 -5.81 -14.19 50.01
C LEU G 33 -5.83 -15.73 50.06
N GLU G 34 -7.02 -16.29 49.87
CA GLU G 34 -7.20 -17.75 49.86
C GLU G 34 -6.53 -18.33 48.61
N GLN G 35 -6.83 -17.73 47.45
CA GLN G 35 -6.25 -18.14 46.17
C GLN G 35 -4.74 -17.96 46.14
N ILE G 36 -4.27 -16.91 46.80
CA ILE G 36 -2.83 -16.66 46.93
C ILE G 36 -2.19 -17.73 47.79
N ALA G 37 -2.81 -18.02 48.93
CA ALA G 37 -2.35 -19.06 49.83
C ALA G 37 -2.21 -20.38 49.08
N ARG G 38 -3.28 -20.77 48.39
CA ARG G 38 -3.32 -22.01 47.64
C ARG G 38 -2.20 -22.07 46.60
N ALA G 39 -2.07 -21.02 45.80
CA ALA G 39 -1.04 -20.96 44.76
C ALA G 39 0.38 -20.94 45.34
N ALA G 40 0.53 -20.41 46.54
CA ALA G 40 1.84 -20.35 47.21
C ALA G 40 2.21 -21.65 47.93
N GLY G 41 1.26 -22.59 48.03
CA GLY G 41 1.49 -23.86 48.72
C GLY G 41 1.62 -23.64 50.22
N VAL G 42 0.66 -22.91 50.76
CA VAL G 42 0.72 -22.36 52.12
C VAL G 42 -0.70 -22.21 52.67
N THR G 43 -0.82 -22.12 54.00
CA THR G 43 -2.13 -22.03 54.65
C THR G 43 -2.67 -20.59 54.61
N ARG G 44 -3.98 -20.42 54.75
CA ARG G 44 -4.55 -19.08 54.80
C ARG G 44 -4.03 -18.24 55.97
N GLY G 45 -3.85 -18.89 57.10
CA GLY G 45 -3.42 -18.21 58.30
C GLY G 45 -2.03 -17.66 58.07
N ALA G 46 -1.20 -18.40 57.36
CA ALA G 46 0.17 -17.98 57.21
C ALA G 46 0.17 -16.64 56.51
N VAL G 47 -0.58 -16.53 55.44
CA VAL G 47 -0.67 -15.27 54.72
C VAL G 47 -1.11 -14.18 55.67
N TYR G 48 -2.28 -14.37 56.25
CA TYR G 48 -2.84 -13.34 57.12
C TYR G 48 -1.86 -12.98 58.23
N TRP G 49 -1.01 -13.95 58.61
CA TRP G 49 -0.02 -13.74 59.65
C TRP G 49 1.10 -12.81 59.15
N HIS G 50 1.56 -13.04 57.94
CA HIS G 50 2.63 -12.23 57.37
C HIS G 50 2.16 -10.86 56.88
N PHE G 51 1.00 -10.83 56.24
CA PHE G 51 0.55 -9.63 55.56
C PHE G 51 -0.78 -9.10 56.02
N GLN G 52 -1.63 -9.94 56.58
CA GLN G 52 -2.91 -9.41 57.02
C GLN G 52 -3.65 -8.94 55.78
N ASN G 53 -4.06 -7.68 55.73
CA ASN G 53 -4.85 -7.14 54.61
C ASN G 53 -4.15 -7.21 53.27
N LYS G 54 -4.93 -7.42 52.21
CA LYS G 54 -4.42 -7.55 50.86
C LYS G 54 -3.74 -6.27 50.44
N ALA G 55 -4.30 -5.17 50.89
CA ALA G 55 -3.76 -3.90 50.53
C ALA G 55 -2.35 -3.86 51.06
N HIS G 56 -2.18 -4.35 52.26
CA HIS G 56 -0.87 -4.33 52.86
C HIS G 56 0.00 -5.28 52.12
N LEU G 57 -0.58 -6.41 51.77
CA LEU G 57 0.17 -7.37 50.98
C LEU G 57 0.67 -6.70 49.71
N PHE G 58 -0.23 -5.99 49.05
CA PHE G 58 0.08 -5.28 47.83
C PHE G 58 1.17 -4.23 48.09
N ASN G 59 1.05 -3.55 49.20
CA ASN G 59 2.02 -2.53 49.54
C ASN G 59 3.42 -3.06 49.84
N GLU G 60 3.53 -4.23 50.43
CA GLU G 60 4.82 -4.80 50.59
C GLU G 60 5.35 -5.21 49.22
N MET G 61 4.49 -5.76 48.40
CA MET G 61 4.94 -6.14 47.07
C MET G 61 5.59 -4.96 46.39
N LEU G 62 4.89 -3.84 46.34
CA LEU G 62 5.44 -2.64 45.73
C LEU G 62 6.80 -2.28 46.31
N ASN G 63 6.97 -2.43 47.62
CA ASN G 63 8.23 -2.08 48.26
C ASN G 63 9.43 -2.86 47.73
N GLN G 64 9.19 -4.08 47.24
CA GLN G 64 10.24 -4.88 46.62
C GLN G 64 10.95 -4.15 45.50
N VAL G 65 10.33 -3.11 44.97
CA VAL G 65 10.87 -2.45 43.78
C VAL G 65 10.94 -0.93 43.90
N ARG G 66 10.34 -0.40 44.98
CA ARG G 66 10.31 1.02 45.21
C ARG G 66 11.69 1.32 45.69
N LEU G 67 12.12 2.57 45.61
CA LEU G 67 13.39 2.89 46.25
C LEU G 67 13.12 3.41 47.65
N PRO G 68 13.92 2.99 48.65
CA PRO G 68 13.70 3.47 50.01
C PRO G 68 14.09 4.94 50.18
N PRO G 69 13.36 5.70 51.02
CA PRO G 69 13.58 7.14 51.18
C PRO G 69 15.05 7.54 51.37
N GLU G 70 15.77 6.77 52.20
CA GLU G 70 17.17 7.07 52.54
C GLU G 70 18.06 6.99 51.28
N GLN G 71 17.75 6.05 50.40
CA GLN G 71 18.58 5.83 49.21
C GLN G 71 18.37 6.91 48.16
N LEU G 72 17.16 7.42 48.01
CA LEU G 72 16.96 8.51 47.10
C LEU G 72 17.85 9.60 47.59
N THR G 73 17.45 10.15 48.72
CA THR G 73 18.12 11.35 49.25
C THR G 73 19.65 11.29 49.14
N GLU G 74 20.21 10.12 49.43
CA GLU G 74 21.66 9.87 49.30
C GLU G 74 22.12 10.18 47.87
N ARG G 75 21.43 9.60 46.90
CA ARG G 75 21.76 9.77 45.48
C ARG G 75 21.69 11.23 45.01
N LEU G 76 20.68 11.95 45.49
CA LEU G 76 20.40 13.32 45.04
C LEU G 76 21.25 14.39 45.75
N SER G 77 21.64 14.15 47.00
CA SER G 77 22.43 15.14 47.75
C SER G 77 23.82 15.38 47.17
N GLY G 78 24.39 14.44 46.36
CA GLY G 78 25.63 14.67 45.59
C GLY G 78 26.66 15.47 46.39
N CYS G 79 27.05 14.89 47.51
CA CYS G 79 28.20 15.36 48.28
C CYS G 79 29.45 14.56 47.87
N ASP G 80 29.43 14.00 46.66
CA ASP G 80 30.61 13.31 46.10
C ASP G 80 31.48 14.31 45.31
N GLY G 81 31.22 15.62 45.50
CA GLY G 81 31.72 16.63 44.58
C GLY G 81 30.87 16.70 43.33
N SER G 82 29.83 15.85 43.25
CA SER G 82 28.97 15.76 42.07
C SER G 82 27.97 16.92 41.87
N ASP G 83 27.37 16.89 40.70
CA ASP G 83 26.28 17.79 40.31
C ASP G 83 24.98 17.04 40.50
N PRO G 84 24.13 17.53 41.43
CA PRO G 84 22.92 16.78 41.80
C PRO G 84 21.83 16.83 40.74
N LEU G 85 21.89 17.84 39.87
CA LEU G 85 20.96 17.94 38.73
C LEU G 85 21.24 16.83 37.72
N ARG G 86 22.52 16.54 37.49
CA ARG G 86 22.90 15.38 36.68
C ARG G 86 22.48 14.10 37.38
N SER G 87 22.62 14.06 38.71
CA SER G 87 22.25 12.88 39.47
C SER G 87 20.76 12.57 39.26
N LEU G 88 19.93 13.60 39.37
CA LEU G 88 18.49 13.47 39.12
C LEU G 88 18.21 12.92 37.71
N TYR G 89 18.85 13.51 36.71
CA TYR G 89 18.73 12.99 35.34
C TYR G 89 19.08 11.51 35.28
N ASP G 90 20.26 11.17 35.81
CA ASP G 90 20.72 9.79 35.80
C ASP G 90 19.72 8.88 36.50
N LEU G 91 19.16 9.36 37.61
CA LEU G 91 18.18 8.56 38.35
C LEU G 91 16.97 8.32 37.48
N CYS G 92 16.47 9.38 36.85
CA CYS G 92 15.31 9.29 35.97
C CYS G 92 15.60 8.40 34.78
N LEU G 93 16.78 8.56 34.20
CA LEU G 93 17.20 7.75 33.07
C LEU G 93 17.22 6.27 33.42
N GLU G 94 17.79 5.95 34.59
CA GLU G 94 17.87 4.56 35.05
C GLU G 94 16.48 4.03 35.34
N ALA G 95 15.64 4.87 35.94
CA ALA G 95 14.27 4.50 36.23
C ALA G 95 13.57 4.00 34.97
N VAL G 96 13.65 4.77 33.90
CA VAL G 96 12.98 4.41 32.66
C VAL G 96 13.64 3.16 32.05
N GLN G 97 14.97 3.14 32.02
CA GLN G 97 15.69 2.01 31.43
C GLN G 97 15.42 0.70 32.14
N SER G 98 15.12 0.78 33.44
CA SER G 98 14.91 -0.41 34.25
C SER G 98 13.63 -1.15 33.90
N LEU G 99 12.70 -0.47 33.22
CA LEU G 99 11.50 -1.12 32.67
C LEU G 99 11.84 -2.35 31.84
N LEU G 100 13.03 -2.34 31.24
CA LEU G 100 13.51 -3.47 30.43
C LEU G 100 14.42 -4.40 31.24
N THR G 101 15.35 -3.84 32.00
CA THR G 101 16.37 -4.63 32.68
C THR G 101 15.87 -5.41 33.90
N GLN G 102 14.73 -5.03 34.49
CA GLN G 102 14.18 -5.79 35.62
C GLN G 102 12.74 -6.27 35.36
N GLU G 103 12.62 -7.54 34.97
CA GLU G 103 11.33 -8.24 34.75
C GLU G 103 10.40 -8.06 35.95
N LYS G 104 10.94 -8.24 37.15
CA LYS G 104 10.14 -8.16 38.37
C LYS G 104 9.46 -6.79 38.51
N LYS G 105 10.23 -5.72 38.26
CA LYS G 105 9.70 -4.37 38.34
C LYS G 105 8.64 -4.14 37.30
N ARG G 106 8.93 -4.57 36.08
CA ARG G 106 7.97 -4.46 35.00
C ARG G 106 6.66 -5.16 35.39
N ARG G 107 6.76 -6.37 35.94
CA ARG G 107 5.59 -7.14 36.34
C ARG G 107 4.78 -6.41 37.42
N ILE G 108 5.45 -5.95 38.46
CA ILE G 108 4.79 -5.31 39.58
C ILE G 108 4.17 -3.96 39.20
N LEU G 109 4.90 -3.17 38.43
CA LEU G 109 4.38 -1.88 37.98
C LEU G 109 3.24 -2.07 37.00
N THR G 110 3.29 -3.13 36.21
CA THR G 110 2.15 -3.43 35.35
C THR G 110 0.92 -3.73 36.21
N ILE G 111 1.13 -4.43 37.32
CA ILE G 111 0.01 -4.64 38.26
C ILE G 111 -0.50 -3.30 38.78
N LEU G 112 0.43 -2.46 39.24
CA LEU G 112 0.07 -1.17 39.81
C LEU G 112 -0.72 -0.29 38.86
N MET G 113 -0.31 -0.25 37.60
CA MET G 113 -0.86 0.72 36.66
C MET G 113 -1.93 0.16 35.75
N GLN G 114 -1.94 -1.16 35.55
CA GLN G 114 -2.88 -1.78 34.62
C GLN G 114 -3.81 -2.86 35.21
N ARG G 115 -3.51 -3.42 36.39
CA ARG G 115 -4.30 -4.53 36.92
C ARG G 115 -4.85 -4.29 38.32
N CYS G 116 -5.20 -3.06 38.66
CA CYS G 116 -5.88 -2.84 39.92
C CYS G 116 -6.74 -1.61 39.98
N GLU G 117 -7.74 -1.67 40.84
CA GLU G 117 -8.66 -0.56 41.06
C GLU G 117 -8.47 -0.09 42.47
N PHE G 118 -8.46 1.23 42.67
CA PHE G 118 -8.31 1.78 43.99
C PHE G 118 -9.67 2.11 44.59
N THR G 119 -10.32 1.04 45.05
CA THR G 119 -11.56 1.11 45.80
C THR G 119 -11.21 1.17 47.30
N GLU G 120 -12.23 1.13 48.15
CA GLU G 120 -12.03 1.10 49.61
C GLU G 120 -11.12 -0.04 50.05
N GLU G 121 -11.25 -1.20 49.42
CA GLU G 121 -10.44 -2.37 49.75
C GLU G 121 -8.92 -2.09 49.75
N LEU G 122 -8.48 -1.19 48.86
CA LEU G 122 -7.05 -0.93 48.67
C LEU G 122 -6.62 0.45 49.14
N ARG G 123 -7.41 1.05 50.02
CA ARG G 123 -7.13 2.40 50.47
C ARG G 123 -5.76 2.56 51.09
N GLU G 124 -5.37 1.61 51.94
CA GLU G 124 -4.05 1.64 52.56
C GLU G 124 -2.90 1.72 51.55
N ALA G 125 -3.08 1.03 50.41
CA ALA G 125 -2.05 0.98 49.38
C ALA G 125 -1.99 2.27 48.57
N GLN G 126 -3.16 2.85 48.33
CA GLN G 126 -3.29 4.14 47.66
C GLN G 126 -2.61 5.26 48.48
N GLU G 127 -2.93 5.32 49.77
CA GLU G 127 -2.38 6.35 50.66
C GLU G 127 -0.87 6.32 50.71
N ARG G 128 -0.31 5.11 50.80
CA ARG G 128 1.14 4.96 50.87
C ARG G 128 1.80 5.23 49.53
N ASN G 129 1.11 4.89 48.45
CA ASN G 129 1.57 5.27 47.13
C ASN G 129 1.59 6.79 46.97
N ASN G 130 0.51 7.45 47.35
CA ASN G 130 0.47 8.92 47.31
C ASN G 130 1.62 9.50 48.09
N ALA G 131 1.84 8.95 49.28
CA ALA G 131 2.90 9.39 50.16
C ALA G 131 4.26 9.28 49.50
N PHE G 132 4.52 8.17 48.83
CA PHE G 132 5.79 7.97 48.12
C PHE G 132 5.95 8.97 46.96
N VAL G 133 4.90 9.16 46.17
CA VAL G 133 4.95 10.15 45.10
C VAL G 133 5.15 11.55 45.68
N GLN G 134 4.49 11.83 46.81
CA GLN G 134 4.62 13.13 47.45
C GLN G 134 6.05 13.37 47.92
N MET G 135 6.69 12.32 48.42
CA MET G 135 8.06 12.39 48.87
C MET G 135 8.98 12.76 47.70
N PHE G 136 8.89 12.00 46.61
CA PHE G 136 9.75 12.22 45.44
C PHE G 136 9.59 13.66 44.96
N ILE G 137 8.34 14.09 44.85
CA ILE G 137 8.05 15.46 44.43
C ILE G 137 8.65 16.48 45.40
N GLU G 138 8.52 16.22 46.69
CA GLU G 138 9.09 17.11 47.70
C GLU G 138 10.62 17.16 47.63
N LEU G 139 11.28 16.03 47.39
CA LEU G 139 12.75 16.00 47.27
C LEU G 139 13.22 16.75 46.04
N CYS G 140 12.56 16.56 44.91
CA CYS G 140 12.97 17.27 43.70
C CYS G 140 12.76 18.78 43.90
N GLU G 141 11.63 19.13 44.49
CA GLU G 141 11.32 20.53 44.78
C GLU G 141 12.47 21.12 45.59
N GLN G 142 12.90 20.38 46.62
CA GLN G 142 14.01 20.81 47.50
C GLN G 142 15.29 20.99 46.70
N LEU G 143 15.60 20.00 45.88
CA LEU G 143 16.77 20.00 45.00
C LEU G 143 16.78 21.23 44.10
N PHE G 144 15.69 21.47 43.40
CA PHE G 144 15.59 22.62 42.51
C PHE G 144 15.63 23.94 43.29
N ALA G 145 15.17 23.91 44.54
CA ALA G 145 15.11 25.09 45.38
C ALA G 145 16.48 25.51 45.94
N ARG G 146 17.40 24.56 46.04
CA ARG G 146 18.77 24.87 46.46
C ARG G 146 19.39 25.97 45.61
N ASP G 147 20.07 26.91 46.27
CA ASP G 147 20.64 28.08 45.59
C ASP G 147 21.48 27.69 44.37
N GLU G 148 22.27 26.63 44.53
CA GLU G 148 23.17 26.18 43.50
C GLU G 148 22.47 25.73 42.24
N CYS G 149 21.29 25.13 42.39
CA CYS G 149 20.49 24.60 41.29
C CYS G 149 19.52 25.64 40.75
N ARG G 150 18.90 26.37 41.66
CA ARG G 150 17.86 27.30 41.32
C ARG G 150 18.30 28.38 40.33
N VAL G 151 19.50 28.92 40.50
CA VAL G 151 20.05 29.91 39.56
C VAL G 151 20.12 29.38 38.14
N ARG G 152 20.18 28.06 38.00
CA ARG G 152 20.28 27.41 36.69
C ARG G 152 18.94 27.24 35.95
N LEU G 153 17.84 27.42 36.66
CA LEU G 153 16.53 27.32 36.05
C LEU G 153 16.24 28.55 35.19
N HIS G 154 15.42 28.38 34.16
CA HIS G 154 15.03 29.52 33.32
C HIS G 154 14.17 30.52 34.11
N PRO G 155 14.12 31.78 33.64
CA PRO G 155 13.22 32.76 34.22
C PRO G 155 11.78 32.24 34.35
N GLY G 156 11.12 32.50 35.48
CA GLY G 156 9.69 32.15 35.67
C GLY G 156 9.43 30.68 35.93
N MET G 157 10.47 29.87 35.92
CA MET G 157 10.39 28.45 36.22
C MET G 157 10.74 28.21 37.69
N THR G 158 9.76 27.76 38.48
CA THR G 158 9.95 27.56 39.91
C THR G 158 10.18 26.10 40.27
N PRO G 159 10.82 25.84 41.42
CA PRO G 159 10.98 24.47 41.88
C PRO G 159 9.69 23.69 41.97
N ARG G 160 8.63 24.34 42.45
CA ARG G 160 7.32 23.67 42.56
C ARG G 160 6.90 23.08 41.21
N ILE G 161 6.92 23.91 40.17
CA ILE G 161 6.53 23.49 38.82
C ILE G 161 7.53 22.49 38.23
N ALA G 162 8.83 22.74 38.44
CA ALA G 162 9.85 21.85 37.90
C ALA G 162 9.64 20.42 38.37
N SER G 163 9.48 20.24 39.67
CA SER G 163 9.36 18.91 40.23
C SER G 163 8.11 18.21 39.70
N ARG G 164 7.04 18.97 39.52
CA ARG G 164 5.77 18.41 39.07
C ARG G 164 5.73 18.10 37.58
N ALA G 165 6.30 19.00 36.77
CA ALA G 165 6.48 18.72 35.36
C ALA G 165 7.30 17.44 35.17
N LEU G 166 8.43 17.35 35.89
CA LEU G 166 9.34 16.22 35.74
C LEU G 166 8.67 14.93 36.14
N HIS G 167 7.96 14.95 37.26
CA HIS G 167 7.34 13.72 37.73
C HIS G 167 6.27 13.24 36.77
N ALA G 168 5.42 14.16 36.31
CA ALA G 168 4.39 13.83 35.34
C ALA G 168 4.99 13.16 34.12
N LEU G 169 6.11 13.69 33.63
CA LEU G 169 6.77 13.06 32.48
C LEU G 169 7.16 11.62 32.76
N ILE G 170 7.83 11.38 33.89
CA ILE G 170 8.31 10.03 34.20
C ILE G 170 7.12 9.11 34.34
N LEU G 171 6.11 9.58 35.07
CA LEU G 171 4.91 8.80 35.28
C LEU G 171 4.24 8.44 33.97
N GLY G 172 4.11 9.45 33.11
CA GLY G 172 3.50 9.26 31.81
C GLY G 172 4.26 8.28 30.93
N LEU G 173 5.60 8.33 31.00
CA LEU G 173 6.42 7.42 30.24
C LEU G 173 6.24 5.97 30.69
N PHE G 174 6.19 5.76 31.99
CA PHE G 174 5.94 4.44 32.57
C PHE G 174 4.58 3.95 32.11
N ASN G 175 3.59 4.82 32.28
CA ASN G 175 2.21 4.48 32.02
C ASN G 175 2.00 4.14 30.56
N ASP G 176 2.54 4.97 29.68
CA ASP G 176 2.45 4.72 28.25
C ASP G 176 3.11 3.40 27.87
N TRP G 177 4.36 3.22 28.30
CA TRP G 177 5.12 2.07 27.84
C TRP G 177 4.54 0.76 28.35
N LEU G 178 3.97 0.78 29.54
CA LEU G 178 3.38 -0.43 30.11
C LEU G 178 2.03 -0.76 29.48
N ARG G 179 1.27 0.26 29.09
CA ARG G 179 0.04 0.05 28.33
C ARG G 179 0.36 -0.48 26.92
N ASP G 180 1.50 -0.04 26.36
CA ASP G 180 1.85 -0.33 24.96
C ASP G 180 3.36 -0.29 24.77
N PRO G 181 4.04 -1.43 24.94
CA PRO G 181 5.50 -1.49 24.81
C PRO G 181 6.07 -1.17 23.42
N ARG G 182 5.20 -1.06 22.41
CA ARG G 182 5.65 -0.75 21.06
C ARG G 182 6.02 0.72 20.89
N LEU G 183 5.56 1.57 21.81
CA LEU G 183 5.72 3.01 21.65
C LEU G 183 7.18 3.45 21.59
N PHE G 184 8.01 2.88 22.44
CA PHE G 184 9.44 3.20 22.40
C PHE G 184 10.30 2.12 23.06
N ASP G 185 11.61 2.29 22.93
CA ASP G 185 12.58 1.38 23.50
C ASP G 185 13.23 2.02 24.71
N PRO G 186 12.87 1.58 25.93
CA PRO G 186 13.41 2.17 27.16
C PRO G 186 14.93 2.27 27.19
N ASP G 187 15.62 1.29 26.62
CA ASP G 187 17.06 1.36 26.53
C ASP G 187 17.55 2.58 25.74
N THR G 188 17.28 2.59 24.44
CA THR G 188 17.85 3.57 23.52
C THR G 188 17.12 4.90 23.48
N ASP G 189 15.81 4.89 23.77
CA ASP G 189 14.99 6.10 23.66
C ASP G 189 14.89 6.94 24.95
N ALA G 190 15.18 6.34 26.11
CA ALA G 190 15.06 7.07 27.38
C ALA G 190 15.80 8.40 27.39
N GLU G 191 17.06 8.39 26.95
CA GLU G 191 17.85 9.64 26.89
C GLU G 191 17.09 10.73 26.17
N HIS G 192 16.55 10.39 25.00
CA HIS G 192 15.90 11.36 24.11
C HIS G 192 14.52 11.80 24.57
N LEU G 193 13.81 10.90 25.26
CA LEU G 193 12.49 11.22 25.82
C LEU G 193 12.60 12.19 26.99
N LEU G 194 13.65 12.05 27.78
CA LEU G 194 13.89 12.92 28.93
C LEU G 194 14.58 14.23 28.55
N GLU G 195 15.44 14.18 27.53
CA GLU G 195 16.23 15.34 27.12
C GLU G 195 15.44 16.65 27.16
N PRO G 196 14.32 16.73 26.42
CA PRO G 196 13.69 18.03 26.28
C PRO G 196 13.21 18.60 27.60
N MET G 197 12.79 17.75 28.53
CA MET G 197 12.31 18.24 29.82
C MET G 197 13.46 18.88 30.57
N PHE G 198 14.61 18.21 30.60
CA PHE G 198 15.78 18.78 31.27
C PHE G 198 16.37 19.98 30.54
N ARG G 199 16.36 19.93 29.21
CA ARG G 199 16.80 21.09 28.45
C ARG G 199 15.89 22.30 28.71
N GLY G 200 14.59 22.04 28.85
CA GLY G 200 13.62 23.11 29.07
C GLY G 200 13.59 23.68 30.48
N LEU G 201 14.08 22.90 31.44
CA LEU G 201 14.13 23.34 32.84
C LEU G 201 15.44 24.07 33.22
N VAL G 202 16.55 23.63 32.67
CA VAL G 202 17.86 24.12 33.10
C VAL G 202 18.69 24.74 31.95
N ARG G 203 19.33 25.87 32.22
CA ARG G 203 19.95 26.69 31.17
C ARG G 203 21.07 26.01 30.41
N ASP G 204 22.07 25.53 31.13
CA ASP G 204 23.27 25.05 30.48
C ASP G 204 23.25 23.56 30.13
N TRP G 205 22.09 22.97 29.97
CA TRP G 205 22.09 21.54 29.78
C TRP G 205 23.00 21.15 28.63
N GLU H 6 -34.74 8.94 19.16
CA GLU H 6 -34.70 9.93 20.27
C GLU H 6 -34.97 9.27 21.62
N ASP H 7 -36.13 8.63 21.73
CA ASP H 7 -36.46 7.74 22.84
C ASP H 7 -35.33 6.75 23.13
N SER H 8 -34.62 6.35 22.08
CA SER H 8 -33.52 5.40 22.21
C SER H 8 -32.25 6.02 22.79
N GLU H 9 -31.89 7.23 22.36
CA GLU H 9 -30.72 7.93 22.90
C GLU H 9 -30.90 8.32 24.38
N LYS H 10 -32.14 8.57 24.79
CA LYS H 10 -32.41 8.89 26.19
C LYS H 10 -32.09 7.71 27.12
N THR H 11 -32.42 6.49 26.70
CA THR H 11 -32.05 5.29 27.51
C THR H 11 -30.56 5.03 27.49
N ARG H 12 -29.91 5.28 26.35
CA ARG H 12 -28.44 5.13 26.26
C ARG H 12 -27.72 6.01 27.28
N THR H 13 -28.06 7.31 27.31
CA THR H 13 -27.40 8.25 28.24
C THR H 13 -27.73 7.93 29.70
N ALA H 14 -28.95 7.46 29.97
CA ALA H 14 -29.34 7.07 31.32
C ALA H 14 -28.46 5.94 31.85
N ILE H 15 -28.11 5.02 30.96
CA ILE H 15 -27.30 3.85 31.32
C ILE H 15 -25.86 4.26 31.57
N LEU H 16 -25.30 5.02 30.63
CA LEU H 16 -23.92 5.51 30.76
C LEU H 16 -23.73 6.38 32.00
N LEU H 17 -24.76 7.13 32.35
CA LEU H 17 -24.73 7.95 33.56
C LEU H 17 -24.72 7.10 34.82
N ALA H 18 -25.57 6.09 34.85
CA ALA H 18 -25.62 5.15 35.97
C ALA H 18 -24.28 4.44 36.09
N ALA H 19 -23.77 3.94 34.98
CA ALA H 19 -22.52 3.17 34.96
C ALA H 19 -21.33 4.02 35.40
N GLU H 20 -21.32 5.26 34.94
CA GLU H 20 -20.35 6.27 35.38
C GLU H 20 -20.35 6.39 36.91
N GLU H 21 -21.52 6.58 37.49
CA GLU H 21 -21.65 6.69 38.94
C GLU H 21 -21.13 5.45 39.65
N LEU H 22 -21.55 4.27 39.20
CA LEU H 22 -21.17 3.01 39.85
C LEU H 22 -19.69 2.66 39.69
N PHE H 23 -19.18 2.75 38.47
CA PHE H 23 -17.76 2.50 38.21
C PHE H 23 -16.92 3.34 39.15
N LEU H 24 -17.26 4.62 39.22
CA LEU H 24 -16.59 5.59 40.06
C LEU H 24 -16.65 5.15 41.52
N GLU H 25 -17.87 4.87 41.99
CA GLU H 25 -18.11 4.57 43.39
C GLU H 25 -17.54 3.25 43.85
N LYS H 26 -17.47 2.30 42.92
CA LYS H 26 -17.25 0.90 43.24
C LYS H 26 -16.26 0.12 42.34
N GLY H 27 -15.66 0.77 41.37
CA GLY H 27 -14.73 0.14 40.44
C GLY H 27 -15.47 -0.64 39.37
N VAL H 28 -14.83 -0.82 38.23
CA VAL H 28 -15.48 -1.48 37.09
C VAL H 28 -15.64 -2.98 37.29
N SER H 29 -14.65 -3.63 37.91
CA SER H 29 -14.65 -5.09 38.01
C SER H 29 -15.73 -5.55 39.00
N HIS H 30 -16.01 -4.73 40.01
CA HIS H 30 -17.06 -5.03 40.98
C HIS H 30 -18.45 -4.55 40.52
N THR H 31 -18.51 -3.89 39.37
CA THR H 31 -19.78 -3.46 38.76
C THR H 31 -20.18 -4.36 37.60
N SER H 32 -21.45 -4.77 37.60
CA SER H 32 -22.00 -5.67 36.59
C SER H 32 -23.05 -4.94 35.77
N LEU H 33 -23.37 -5.49 34.61
CA LEU H 33 -24.40 -4.90 33.74
C LEU H 33 -25.78 -4.94 34.38
N GLU H 34 -25.97 -5.90 35.30
CA GLU H 34 -27.21 -6.05 36.04
C GLU H 34 -27.38 -4.88 37.00
N GLN H 35 -26.33 -4.59 37.76
CA GLN H 35 -26.32 -3.47 38.72
C GLN H 35 -26.49 -2.12 38.01
N ILE H 36 -25.90 -2.02 36.82
CA ILE H 36 -26.04 -0.82 36.00
C ILE H 36 -27.48 -0.67 35.53
N ALA H 37 -28.04 -1.76 35.02
CA ALA H 37 -29.43 -1.79 34.59
C ALA H 37 -30.35 -1.32 35.72
N ARG H 38 -30.19 -1.93 36.87
CA ARG H 38 -31.01 -1.62 38.04
C ARG H 38 -30.91 -0.12 38.39
N ALA H 39 -29.68 0.38 38.49
CA ALA H 39 -29.45 1.78 38.86
C ALA H 39 -29.95 2.75 37.79
N ALA H 40 -29.98 2.30 36.54
CA ALA H 40 -30.47 3.13 35.44
C ALA H 40 -32.00 3.11 35.31
N GLY H 41 -32.66 2.22 36.04
CA GLY H 41 -34.12 2.09 35.96
C GLY H 41 -34.54 1.48 34.63
N VAL H 42 -33.89 0.38 34.29
CA VAL H 42 -33.94 -0.21 32.94
C VAL H 42 -33.72 -1.74 33.05
N THR H 43 -34.11 -2.48 32.01
CA THR H 43 -34.00 -3.94 32.02
C THR H 43 -32.58 -4.38 31.65
N ARG H 44 -32.20 -5.60 31.98
CA ARG H 44 -30.90 -6.05 31.57
C ARG H 44 -30.77 -6.00 30.08
N GLY H 45 -31.85 -6.33 29.39
CA GLY H 45 -31.80 -6.53 27.96
C GLY H 45 -31.41 -5.33 27.15
N ALA H 46 -31.93 -4.18 27.51
CA ALA H 46 -31.66 -2.99 26.76
C ALA H 46 -30.19 -2.77 26.85
N VAL H 47 -29.68 -2.94 28.05
CA VAL H 47 -28.30 -2.60 28.31
C VAL H 47 -27.49 -3.51 27.45
N TYR H 48 -27.89 -4.77 27.46
CA TYR H 48 -27.06 -5.74 26.83
C TYR H 48 -26.98 -5.41 25.39
N TRP H 49 -28.12 -5.14 24.75
CA TRP H 49 -28.06 -4.95 23.32
C TRP H 49 -27.19 -3.76 23.07
N HIS H 50 -27.67 -2.62 23.57
CA HIS H 50 -27.02 -1.35 23.42
C HIS H 50 -25.53 -1.40 23.55
N PHE H 51 -25.00 -2.10 24.55
CA PHE H 51 -23.55 -1.98 24.76
C PHE H 51 -22.76 -3.25 24.65
N GLN H 52 -23.40 -4.32 24.22
CA GLN H 52 -22.71 -5.60 24.15
C GLN H 52 -22.06 -5.89 25.50
N ASN H 53 -20.77 -6.22 25.43
CA ASN H 53 -19.85 -6.43 26.54
C ASN H 53 -19.48 -5.16 27.29
N LYS H 54 -19.03 -5.31 28.53
CA LYS H 54 -18.70 -4.19 29.39
C LYS H 54 -17.59 -3.38 28.78
N ALA H 55 -16.59 -4.05 28.26
CA ALA H 55 -15.56 -3.39 27.50
C ALA H 55 -16.17 -2.46 26.45
N HIS H 56 -17.29 -2.85 25.86
CA HIS H 56 -17.87 -1.96 24.84
C HIS H 56 -18.66 -0.81 25.50
N LEU H 57 -19.29 -1.09 26.63
CA LEU H 57 -19.99 -0.05 27.40
C LEU H 57 -19.00 1.00 27.90
N PHE H 58 -17.91 0.52 28.49
CA PHE H 58 -16.87 1.39 29.00
C PHE H 58 -16.26 2.23 27.88
N ASN H 59 -15.96 1.59 26.77
CA ASN H 59 -15.57 2.26 25.55
C ASN H 59 -16.43 3.44 25.13
N GLU H 60 -17.71 3.17 25.00
CA GLU H 60 -18.68 4.18 24.61
C GLU H 60 -18.67 5.31 25.63
N MET H 61 -18.48 4.97 26.90
CA MET H 61 -18.41 5.96 27.97
C MET H 61 -17.24 6.91 27.79
N LEU H 62 -16.07 6.35 27.50
CA LEU H 62 -14.88 7.14 27.22
C LEU H 62 -15.10 8.05 26.02
N ASN H 63 -15.77 7.55 24.99
CA ASN H 63 -16.00 8.34 23.77
C ASN H 63 -16.75 9.63 24.00
N GLN H 64 -17.59 9.66 25.04
CA GLN H 64 -18.29 10.88 25.45
C GLN H 64 -17.34 12.03 25.72
N VAL H 65 -16.05 11.72 25.92
CA VAL H 65 -15.08 12.75 26.30
C VAL H 65 -13.76 12.68 25.58
N ARG H 66 -13.65 11.80 24.62
CA ARG H 66 -12.48 11.76 23.75
C ARG H 66 -12.81 12.58 22.54
N LEU H 67 -11.83 13.27 22.02
CA LEU H 67 -12.08 13.98 20.80
C LEU H 67 -12.04 13.00 19.62
N PRO H 68 -13.01 13.08 18.69
CA PRO H 68 -13.03 12.17 17.54
C PRO H 68 -11.91 12.49 16.57
N PRO H 69 -11.35 11.47 15.89
CA PRO H 69 -10.18 11.64 15.01
C PRO H 69 -10.29 12.82 14.06
N GLU H 70 -11.47 13.01 13.47
CA GLU H 70 -11.69 14.09 12.49
C GLU H 70 -11.55 15.47 13.12
N GLN H 71 -11.98 15.60 14.37
CA GLN H 71 -11.95 16.88 15.07
C GLN H 71 -10.52 17.25 15.55
N LEU H 72 -9.78 16.26 15.94
CA LEU H 72 -8.39 16.44 16.24
C LEU H 72 -7.66 17.02 15.04
N THR H 73 -7.62 16.28 13.95
CA THR H 73 -6.93 16.67 12.70
C THR H 73 -7.32 18.07 12.24
N GLU H 74 -8.61 18.40 12.33
CA GLU H 74 -9.14 19.73 11.96
C GLU H 74 -8.40 20.80 12.75
N ARG H 75 -8.34 20.63 14.05
CA ARG H 75 -7.64 21.57 14.93
C ARG H 75 -6.11 21.74 14.66
N LEU H 76 -5.45 20.63 14.36
CA LEU H 76 -4.00 20.59 14.13
C LEU H 76 -3.55 20.97 12.71
N SER H 77 -4.40 20.76 11.70
CA SER H 77 -4.02 20.99 10.30
C SER H 77 -4.08 22.47 9.89
N ASP H 80 -7.59 24.38 8.89
CA ASP H 80 -7.78 25.61 9.66
C ASP H 80 -6.91 26.77 9.16
N GLY H 81 -5.65 26.49 8.88
CA GLY H 81 -4.69 27.52 8.45
C GLY H 81 -3.92 28.17 9.58
N SER H 82 -4.11 27.71 10.81
CA SER H 82 -3.25 28.16 11.95
C SER H 82 -1.77 27.73 11.88
N ASP H 83 -0.91 28.39 12.68
CA ASP H 83 0.48 27.94 12.98
C ASP H 83 0.13 26.72 13.80
N PRO H 84 0.33 25.52 13.21
CA PRO H 84 -0.16 24.30 13.81
C PRO H 84 0.60 23.87 15.07
N LEU H 85 1.83 24.34 15.23
CA LEU H 85 2.55 24.08 16.45
C LEU H 85 2.00 24.83 17.65
N ARG H 86 1.55 26.06 17.40
CA ARG H 86 0.84 26.81 18.42
C ARG H 86 -0.47 26.09 18.70
N SER H 87 -1.10 25.56 17.67
CA SER H 87 -2.38 24.89 17.81
C SER H 87 -2.24 23.71 18.74
N LEU H 88 -1.19 22.91 18.52
CA LEU H 88 -0.86 21.79 19.40
C LEU H 88 -0.68 22.24 20.87
N TYR H 89 0.14 23.26 21.10
CA TYR H 89 0.27 23.83 22.43
C TYR H 89 -1.10 24.17 23.00
N ASP H 90 -1.89 24.94 22.25
CA ASP H 90 -3.22 25.37 22.71
C ASP H 90 -4.11 24.18 23.02
N LEU H 91 -4.03 23.15 22.18
CA LEU H 91 -4.83 21.96 22.40
C LEU H 91 -4.42 21.31 23.71
N CYS H 92 -3.11 21.15 23.92
CA CYS H 92 -2.59 20.54 25.15
C CYS H 92 -2.95 21.39 26.36
N LEU H 93 -2.82 22.70 26.22
CA LEU H 93 -3.17 23.62 27.28
C LEU H 93 -4.64 23.49 27.68
N GLU H 94 -5.52 23.44 26.69
CA GLU H 94 -6.95 23.30 26.96
C GLU H 94 -7.23 21.94 27.59
N ALA H 95 -6.55 20.92 27.10
CA ALA H 95 -6.74 19.57 27.61
C ALA H 95 -6.56 19.56 29.10
N VAL H 96 -5.44 20.13 29.54
CA VAL H 96 -5.10 20.15 30.96
C VAL H 96 -6.11 21.04 31.70
N GLN H 97 -6.40 22.22 31.16
CA GLN H 97 -7.33 23.14 31.81
C GLN H 97 -8.75 22.57 31.96
N SER H 98 -9.14 21.67 31.06
CA SER H 98 -10.48 21.07 31.08
C SER H 98 -10.71 20.13 32.27
N LEU H 99 -9.63 19.66 32.89
CA LEU H 99 -9.72 18.88 34.13
C LEU H 99 -10.56 19.58 35.18
N LEU H 100 -10.57 20.92 35.12
CA LEU H 100 -11.34 21.74 36.04
C LEU H 100 -12.70 22.12 35.46
N THR H 101 -12.73 22.53 34.20
CA THR H 101 -13.94 23.07 33.60
C THR H 101 -15.01 22.03 33.22
N GLN H 102 -14.65 20.75 33.09
CA GLN H 102 -15.65 19.69 32.81
C GLN H 102 -15.66 18.55 33.84
N GLU H 103 -16.63 18.61 34.75
CA GLU H 103 -16.81 17.56 35.76
C GLU H 103 -16.94 16.16 35.15
N LYS H 104 -17.70 16.06 34.08
CA LYS H 104 -17.95 14.76 33.46
C LYS H 104 -16.64 14.12 33.02
N LYS H 105 -15.78 14.92 32.42
CA LYS H 105 -14.48 14.44 31.98
C LYS H 105 -13.63 14.02 33.15
N ARG H 106 -13.60 14.87 34.18
CA ARG H 106 -12.88 14.55 35.39
C ARG H 106 -13.35 13.20 35.96
N ARG H 107 -14.67 13.00 36.03
CA ARG H 107 -15.24 11.75 36.56
C ARG H 107 -14.83 10.53 35.73
N ILE H 108 -14.98 10.63 34.41
CA ILE H 108 -14.72 9.50 33.52
C ILE H 108 -13.23 9.16 33.49
N LEU H 109 -12.39 10.19 33.45
CA LEU H 109 -10.95 9.96 33.45
C LEU H 109 -10.48 9.42 34.77
N THR H 110 -11.11 9.84 35.87
CA THR H 110 -10.77 9.22 37.15
C THR H 110 -11.14 7.72 37.12
N ILE H 111 -12.24 7.35 36.47
CA ILE H 111 -12.54 5.94 36.29
C ILE H 111 -11.43 5.25 35.50
N LEU H 112 -11.08 5.85 34.37
CA LEU H 112 -10.07 5.27 33.48
C LEU H 112 -8.74 5.05 34.16
N MET H 113 -8.31 6.02 34.96
CA MET H 113 -6.95 6.00 35.52
C MET H 113 -6.88 5.45 36.93
N GLN H 114 -7.97 5.51 37.68
CA GLN H 114 -7.96 5.09 39.09
C GLN H 114 -8.91 3.95 39.48
N ARG H 115 -9.94 3.67 38.67
CA ARG H 115 -10.98 2.72 39.08
C ARG H 115 -11.19 1.56 38.13
N CYS H 116 -10.14 1.09 37.49
CA CYS H 116 -10.30 -0.11 36.73
C CYS H 116 -9.03 -0.85 36.36
N GLU H 117 -9.18 -2.14 36.14
CA GLU H 117 -8.07 -3.05 35.85
C GLU H 117 -8.24 -3.55 34.44
N PHE H 118 -7.14 -3.60 33.69
CA PHE H 118 -7.20 -4.08 32.31
C PHE H 118 -6.83 -5.56 32.26
N THR H 119 -7.81 -6.37 32.64
CA THR H 119 -7.77 -7.81 32.55
C THR H 119 -8.36 -8.20 31.20
N GLU H 120 -8.50 -9.50 30.97
CA GLU H 120 -9.13 -10.00 29.75
C GLU H 120 -10.55 -9.45 29.52
N GLU H 121 -11.30 -9.29 30.60
CA GLU H 121 -12.67 -8.76 30.53
C GLU H 121 -12.76 -7.42 29.79
N LEU H 122 -11.71 -6.59 29.90
CA LEU H 122 -11.72 -5.24 29.35
C LEU H 122 -10.75 -5.07 28.17
N ARG H 123 -10.36 -6.18 27.53
CA ARG H 123 -9.35 -6.11 26.45
C ARG H 123 -9.83 -5.25 25.27
N GLU H 124 -11.12 -5.32 24.92
CA GLU H 124 -11.74 -4.47 23.87
C GLU H 124 -11.54 -2.95 24.16
N ALA H 125 -11.61 -2.55 25.43
CA ALA H 125 -11.45 -1.15 25.83
C ALA H 125 -10.01 -0.69 25.84
N GLN H 126 -9.11 -1.59 26.25
CA GLN H 126 -7.65 -1.35 26.22
C GLN H 126 -7.17 -1.13 24.79
N GLU H 127 -7.58 -2.02 23.87
CA GLU H 127 -7.19 -1.93 22.46
C GLU H 127 -7.65 -0.62 21.80
N ARG H 128 -8.88 -0.20 22.07
CA ARG H 128 -9.40 1.07 21.52
C ARG H 128 -8.72 2.25 22.15
N ASN H 129 -8.40 2.14 23.44
CA ASN H 129 -7.60 3.13 24.16
C ASN H 129 -6.26 3.31 23.50
N ASN H 130 -5.54 2.23 23.29
CA ASN H 130 -4.26 2.29 22.63
C ASN H 130 -4.38 2.86 21.23
N ALA H 131 -5.45 2.50 20.52
CA ALA H 131 -5.68 3.04 19.19
C ALA H 131 -5.84 4.57 19.21
N PHE H 132 -6.61 5.08 20.17
CA PHE H 132 -6.81 6.53 20.32
C PHE H 132 -5.52 7.26 20.69
N VAL H 133 -4.77 6.70 21.63
CA VAL H 133 -3.48 7.26 21.97
C VAL H 133 -2.52 7.17 20.77
N GLN H 134 -2.59 6.07 20.01
CA GLN H 134 -1.72 5.88 18.85
C GLN H 134 -2.06 6.93 17.77
N MET H 135 -3.34 7.26 17.62
CA MET H 135 -3.77 8.31 16.67
C MET H 135 -3.17 9.65 17.01
N PHE H 136 -3.36 10.08 18.26
CA PHE H 136 -2.83 11.35 18.68
C PHE H 136 -1.33 11.42 18.47
N ILE H 137 -0.65 10.35 18.87
CA ILE H 137 0.78 10.26 18.68
C ILE H 137 1.17 10.33 17.19
N GLU H 138 0.41 9.65 16.33
CA GLU H 138 0.68 9.66 14.88
C GLU H 138 0.47 11.03 14.25
N LEU H 139 -0.57 11.75 14.69
CA LEU H 139 -0.79 13.11 14.21
C LEU H 139 0.32 14.07 14.65
N CYS H 140 0.74 14.00 15.91
CA CYS H 140 1.83 14.89 16.37
C CYS H 140 3.10 14.58 15.61
N GLU H 141 3.37 13.29 15.44
CA GLU H 141 4.56 12.85 14.73
C GLU H 141 4.58 13.50 13.35
N GLN H 142 3.42 13.48 12.69
CA GLN H 142 3.24 14.08 11.34
C GLN H 142 3.51 15.57 11.37
N LEU H 143 2.89 16.24 12.34
CA LEU H 143 3.08 17.66 12.58
C LEU H 143 4.56 18.07 12.77
N PHE H 144 5.24 17.40 13.70
CA PHE H 144 6.68 17.66 13.91
C PHE H 144 7.54 17.31 12.69
N ALA H 145 7.06 16.35 11.89
CA ALA H 145 7.78 15.88 10.70
C ALA H 145 7.72 16.86 9.53
N ARG H 146 6.68 17.68 9.50
CA ARG H 146 6.53 18.72 8.46
C ARG H 146 7.76 19.62 8.39
N ASP H 147 8.24 19.90 7.18
CA ASP H 147 9.49 20.65 6.95
C ASP H 147 9.54 21.95 7.76
N GLU H 148 8.43 22.71 7.73
CA GLU H 148 8.29 23.98 8.48
C GLU H 148 8.61 23.83 9.95
N CYS H 149 8.12 22.74 10.56
CA CYS H 149 8.22 22.50 12.00
C CYS H 149 9.53 21.81 12.35
N ARG H 150 9.91 20.82 11.54
CA ARG H 150 11.06 19.96 11.81
C ARG H 150 12.39 20.69 11.95
N VAL H 151 12.61 21.69 11.09
CA VAL H 151 13.81 22.53 11.18
C VAL H 151 13.93 23.22 12.54
N ARG H 152 12.80 23.41 13.21
CA ARG H 152 12.76 24.11 14.49
C ARG H 152 13.11 23.23 15.69
N LEU H 153 13.15 21.92 15.51
CA LEU H 153 13.53 21.03 16.58
C LEU H 153 14.97 21.24 16.90
N HIS H 154 15.39 20.74 18.05
CA HIS H 154 16.82 20.73 18.39
C HIS H 154 17.54 19.57 17.72
N PRO H 155 18.88 19.64 17.59
CA PRO H 155 19.69 18.53 17.06
C PRO H 155 19.39 17.21 17.78
N GLY H 156 19.25 16.12 17.03
CA GLY H 156 19.04 14.78 17.63
C GLY H 156 17.64 14.51 18.14
N MET H 157 16.76 15.50 18.07
CA MET H 157 15.38 15.38 18.47
C MET H 157 14.50 15.07 17.26
N THR H 158 13.90 13.89 17.22
CA THR H 158 13.09 13.45 16.07
C THR H 158 11.60 13.57 16.35
N PRO H 159 10.79 13.67 15.29
CA PRO H 159 9.34 13.68 15.44
C PRO H 159 8.80 12.49 16.24
N ARG H 160 9.35 11.31 16.00
CA ARG H 160 8.94 10.12 16.75
C ARG H 160 9.04 10.37 18.27
N ILE H 161 10.22 10.80 18.71
CA ILE H 161 10.45 11.07 20.14
C ILE H 161 9.64 12.26 20.64
N ALA H 162 9.55 13.31 19.84
CA ALA H 162 8.83 14.53 20.24
C ALA H 162 7.41 14.20 20.60
N SER H 163 6.74 13.51 19.71
CA SER H 163 5.32 13.19 19.90
C SER H 163 5.16 12.33 21.16
N ARG H 164 6.10 11.44 21.41
CA ARG H 164 6.01 10.52 22.56
C ARG H 164 6.34 11.18 23.89
N ALA H 165 7.37 12.01 23.88
CA ALA H 165 7.70 12.82 25.06
C ALA H 165 6.50 13.69 25.44
N LEU H 166 5.93 14.36 24.45
CA LEU H 166 4.81 15.27 24.70
C LEU H 166 3.60 14.55 25.22
N HIS H 167 3.29 13.40 24.64
CA HIS H 167 2.13 12.67 25.10
C HIS H 167 2.30 12.16 26.54
N ALA H 168 3.47 11.59 26.83
CA ALA H 168 3.78 11.14 28.19
C ALA H 168 3.56 12.28 29.19
N LEU H 169 4.04 13.47 28.87
CA LEU H 169 3.85 14.61 29.77
C LEU H 169 2.37 14.87 30.06
N ILE H 170 1.55 14.93 29.01
CA ILE H 170 0.14 15.24 29.18
C ILE H 170 -0.51 14.14 29.99
N LEU H 171 -0.22 12.90 29.62
CA LEU H 171 -0.72 11.76 30.37
C LEU H 171 -0.33 11.82 31.84
N GLY H 172 0.95 12.09 32.11
CA GLY H 172 1.45 12.18 33.48
C GLY H 172 0.78 13.27 34.29
N LEU H 173 0.49 14.40 33.64
CA LEU H 173 -0.16 15.53 34.30
C LEU H 173 -1.56 15.19 34.69
N PHE H 174 -2.26 14.50 33.81
CA PHE H 174 -3.59 14.01 34.11
C PHE H 174 -3.57 13.03 35.27
N ASN H 175 -2.66 12.08 35.16
CA ASN H 175 -2.55 11.02 36.14
C ASN H 175 -2.21 11.58 37.52
N ASP H 176 -1.23 12.46 37.59
CA ASP H 176 -0.84 13.09 38.85
C ASP H 176 -1.98 13.88 39.46
N TRP H 177 -2.59 14.75 38.66
CA TRP H 177 -3.61 15.65 39.20
C TRP H 177 -4.85 14.91 39.66
N LEU H 178 -5.19 13.82 38.98
CA LEU H 178 -6.36 13.03 39.35
C LEU H 178 -6.11 12.20 40.61
N ARG H 179 -4.87 11.77 40.82
CA ARG H 179 -4.51 11.04 42.03
C ARG H 179 -4.26 11.99 43.21
N ASP H 180 -4.15 13.28 42.92
CA ASP H 180 -3.91 14.29 43.96
C ASP H 180 -4.10 15.71 43.41
N PRO H 181 -5.32 16.24 43.53
CA PRO H 181 -5.66 17.57 43.00
C PRO H 181 -4.94 18.74 43.65
N ARG H 182 -4.25 18.50 44.76
CA ARG H 182 -3.51 19.58 45.44
C ARG H 182 -2.22 19.93 44.73
N LEU H 183 -1.73 19.06 43.86
CA LEU H 183 -0.40 19.23 43.27
C LEU H 183 -0.29 20.52 42.49
N PHE H 184 -1.31 20.83 41.73
CA PHE H 184 -1.31 22.08 40.97
C PHE H 184 -2.70 22.53 40.58
N ASP H 185 -2.77 23.73 40.01
CA ASP H 185 -4.02 24.31 39.57
C ASP H 185 -4.07 24.28 38.04
N PRO H 186 -4.90 23.40 37.49
CA PRO H 186 -4.97 23.24 36.03
C PRO H 186 -5.17 24.55 35.29
N ASP H 187 -5.96 25.45 35.87
CA ASP H 187 -6.18 26.74 35.25
C ASP H 187 -4.89 27.53 35.09
N THR H 188 -4.29 27.94 36.21
CA THR H 188 -3.17 28.89 36.20
C THR H 188 -1.80 28.24 35.99
N ASP H 189 -1.66 26.96 36.33
CA ASP H 189 -0.35 26.26 36.22
C ASP H 189 -0.11 25.52 34.90
N ALA H 190 -1.17 25.23 34.15
CA ALA H 190 -1.02 24.50 32.90
C ALA H 190 0.03 25.10 31.98
N GLU H 191 -0.03 26.41 31.77
CA GLU H 191 0.94 27.10 30.91
C GLU H 191 2.37 26.76 31.29
N HIS H 192 2.65 26.84 32.59
CA HIS H 192 4.00 26.67 33.13
C HIS H 192 4.47 25.22 33.21
N LEU H 193 3.52 24.30 33.38
CA LEU H 193 3.85 22.87 33.37
C LEU H 193 4.21 22.37 31.96
N LEU H 194 3.56 22.93 30.93
CA LEU H 194 3.82 22.58 29.54
C LEU H 194 5.01 23.31 28.96
N GLU H 195 5.24 24.54 29.41
CA GLU H 195 6.31 25.40 28.88
C GLU H 195 7.64 24.66 28.66
N PRO H 196 8.21 24.03 29.69
CA PRO H 196 9.52 23.43 29.51
C PRO H 196 9.58 22.34 28.44
N MET H 197 8.52 21.56 28.27
CA MET H 197 8.55 20.54 27.22
C MET H 197 8.61 21.19 25.84
N PHE H 198 7.78 22.20 25.60
CA PHE H 198 7.82 22.89 24.34
C PHE H 198 9.12 23.67 24.16
N ARG H 199 9.63 24.27 25.23
CA ARG H 199 10.91 25.00 25.16
C ARG H 199 12.05 24.04 24.84
N GLY H 200 11.98 22.83 25.41
CA GLY H 200 13.00 21.80 25.18
C GLY H 200 12.94 21.10 23.83
N LEU H 201 11.78 21.13 23.18
CA LEU H 201 11.61 20.51 21.85
C LEU H 201 11.91 21.47 20.68
N VAL H 202 11.57 22.75 20.84
CA VAL H 202 11.60 23.73 19.75
C VAL H 202 12.55 24.87 20.08
N ARG H 203 13.37 25.27 19.10
CA ARG H 203 14.43 26.25 19.32
C ARG H 203 13.97 27.62 19.76
N ASP H 204 13.12 28.23 18.95
CA ASP H 204 12.77 29.64 19.16
C ASP H 204 11.53 29.83 20.01
N TRP H 205 11.27 28.88 20.91
CA TRP H 205 10.02 28.93 21.64
C TRP H 205 9.93 30.24 22.45
N GLY H 206 10.94 30.56 23.24
CA GLY H 206 11.01 31.88 23.88
C GLY H 206 11.51 32.97 22.93
#